data_1P5T
# 
_entry.id   1P5T 
# 
_audit_conform.dict_name       mmcif_pdbx.dic 
_audit_conform.dict_version    5.397 
_audit_conform.dict_location   http://mmcif.pdb.org/dictionaries/ascii/mmcif_pdbx.dic 
# 
loop_
_database_2.database_id 
_database_2.database_code 
_database_2.pdbx_database_accession 
_database_2.pdbx_DOI 
PDB   1P5T         pdb_00001p5t 10.2210/pdb1p5t/pdb 
RCSB  RCSB019043   ?            ?                   
WWPDB D_1000019043 ?            ?                   
# 
loop_
_pdbx_audit_revision_history.ordinal 
_pdbx_audit_revision_history.data_content_type 
_pdbx_audit_revision_history.major_revision 
_pdbx_audit_revision_history.minor_revision 
_pdbx_audit_revision_history.revision_date 
1 'Structure model' 1 0 2004-02-17 
2 'Structure model' 1 1 2008-04-29 
3 'Structure model' 1 2 2011-07-13 
4 'Structure model' 1 3 2024-10-16 
# 
_pdbx_audit_revision_details.ordinal             1 
_pdbx_audit_revision_details.revision_ordinal    1 
_pdbx_audit_revision_details.data_content_type   'Structure model' 
_pdbx_audit_revision_details.provider            repository 
_pdbx_audit_revision_details.type                'Initial release' 
_pdbx_audit_revision_details.description         ? 
_pdbx_audit_revision_details.details             ? 
# 
loop_
_pdbx_audit_revision_group.ordinal 
_pdbx_audit_revision_group.revision_ordinal 
_pdbx_audit_revision_group.data_content_type 
_pdbx_audit_revision_group.group 
1 2 'Structure model' 'Version format compliance' 
2 3 'Structure model' 'Version format compliance' 
3 4 'Structure model' 'Data collection'           
4 4 'Structure model' 'Database references'       
5 4 'Structure model' 'Derived calculations'      
6 4 'Structure model' 'Structure summary'         
# 
loop_
_pdbx_audit_revision_category.ordinal 
_pdbx_audit_revision_category.revision_ordinal 
_pdbx_audit_revision_category.data_content_type 
_pdbx_audit_revision_category.category 
1 4 'Structure model' chem_comp_atom            
2 4 'Structure model' chem_comp_bond            
3 4 'Structure model' database_2                
4 4 'Structure model' pdbx_entry_details        
5 4 'Structure model' pdbx_modification_feature 
6 4 'Structure model' struct_conn               
7 4 'Structure model' struct_ref_seq_dif        
# 
loop_
_pdbx_audit_revision_item.ordinal 
_pdbx_audit_revision_item.revision_ordinal 
_pdbx_audit_revision_item.data_content_type 
_pdbx_audit_revision_item.item 
1 4 'Structure model' '_database_2.pdbx_DOI'                
2 4 'Structure model' '_database_2.pdbx_database_accession' 
3 4 'Structure model' '_struct_conn.pdbx_leaving_atom_flag' 
4 4 'Structure model' '_struct_ref_seq_dif.details'         
# 
_pdbx_database_status.status_code                     REL 
_pdbx_database_status.entry_id                        1P5T 
_pdbx_database_status.recvd_initial_deposition_date   2003-04-28 
_pdbx_database_status.deposit_site                    RCSB 
_pdbx_database_status.process_site                    PDBJ 
_pdbx_database_status.status_code_sf                  REL 
_pdbx_database_status.SG_entry                        . 
_pdbx_database_status.pdb_format_compatible           Y 
_pdbx_database_status.status_code_mr                  ? 
_pdbx_database_status.status_code_cs                  ? 
_pdbx_database_status.status_code_nmr_data            ? 
_pdbx_database_status.methods_development_category    ? 
# 
loop_
_audit_author.name 
_audit_author.pdbx_ordinal 
'Shi, N.'   1 
'Ye, S.'    2 
'Liu, Y.'   3 
'Zhou, W.'  4 
'Ding, Y.'  5 
'Lou, Z.'   6 
'Qiang, B.' 7 
'Yuan, J.'  8 
'Rao, Z.'   9 
# 
_citation.id                        primary 
_citation.title                     
'Structural Basis for the Specific Recognition of RET by the Dok1 Phosphotyrosine Binding Domain' 
_citation.journal_abbrev            J.BIOL.CHEM. 
_citation.journal_volume            279 
_citation.page_first                4962 
_citation.page_last                 4969 
_citation.year                      2004 
_citation.journal_id_ASTM           JBCHA3 
_citation.country                   US 
_citation.journal_id_ISSN           0021-9258 
_citation.journal_id_CSD            0071 
_citation.book_publisher            ? 
_citation.pdbx_database_id_PubMed   14607833 
_citation.pdbx_database_id_DOI      10.1074/jbc.M311030200 
# 
loop_
_citation_author.citation_id 
_citation_author.name 
_citation_author.ordinal 
_citation_author.identifier_ORCID 
primary 'Shi, N.'     1  ? 
primary 'Ye, S.'      2  ? 
primary 'Bartlam, M.' 3  ? 
primary 'Yang, M.'    4  ? 
primary 'Wu, J.'      5  ? 
primary 'Liu, Y.'     6  ? 
primary 'Sun, F.'     7  ? 
primary 'Han, X.'     8  ? 
primary 'Peng, X.'    9  ? 
primary 'Qiang, B.'   10 ? 
primary 'Yuan, J.'    11 ? 
primary 'Rao, Z.'     12 ? 
# 
loop_
_entity.id 
_entity.type 
_entity.src_method 
_entity.pdbx_description 
_entity.formula_weight 
_entity.pdbx_number_of_molecules 
_entity.pdbx_ec 
_entity.pdbx_mutation 
_entity.pdbx_fragment 
_entity.details 
1 polymer man 'Docking protein 1' 14467.001 2  ? ? 'Dok1 PTB domain' ? 
2 water   nat water               18.015    16 ? ? ?                 ? 
# 
_entity_name_com.entity_id   1 
_entity_name_com.name        Dok1 
# 
_entity_poly.entity_id                      1 
_entity_poly.type                           'polypeptide(L)' 
_entity_poly.nstd_linkage                   no 
_entity_poly.nstd_monomer                   yes 
_entity_poly.pdbx_seq_one_letter_code       
;GSH(MSE)GSQFWVTSQKTEASERCGLQGSYILRVEAEKLTLLTLGAQSQILEPLLFWPYTLLRRYGRDKV(MSE)FSFE
AGRRCPSGPGTFTFQTSQGNDIFQAVEAAIQQQKAQGKVGQAQDILRLEHHHHHH
;
_entity_poly.pdbx_seq_one_letter_code_can   
;GSHMGSQFWVTSQKTEASERCGLQGSYILRVEAEKLTLLTLGAQSQILEPLLFWPYTLLRRYGRDKVMFSFEAGRRCPSG
PGTFTFQTSQGNDIFQAVEAAIQQQKAQGKVGQAQDILRLEHHHHHH
;
_entity_poly.pdbx_strand_id                 A,B 
_entity_poly.pdbx_target_identifier         ? 
# 
_pdbx_entity_nonpoly.entity_id   2 
_pdbx_entity_nonpoly.name        water 
_pdbx_entity_nonpoly.comp_id     HOH 
# 
loop_
_entity_poly_seq.entity_id 
_entity_poly_seq.num 
_entity_poly_seq.mon_id 
_entity_poly_seq.hetero 
1 1   GLY n 
1 2   SER n 
1 3   HIS n 
1 4   MSE n 
1 5   GLY n 
1 6   SER n 
1 7   GLN n 
1 8   PHE n 
1 9   TRP n 
1 10  VAL n 
1 11  THR n 
1 12  SER n 
1 13  GLN n 
1 14  LYS n 
1 15  THR n 
1 16  GLU n 
1 17  ALA n 
1 18  SER n 
1 19  GLU n 
1 20  ARG n 
1 21  CYS n 
1 22  GLY n 
1 23  LEU n 
1 24  GLN n 
1 25  GLY n 
1 26  SER n 
1 27  TYR n 
1 28  ILE n 
1 29  LEU n 
1 30  ARG n 
1 31  VAL n 
1 32  GLU n 
1 33  ALA n 
1 34  GLU n 
1 35  LYS n 
1 36  LEU n 
1 37  THR n 
1 38  LEU n 
1 39  LEU n 
1 40  THR n 
1 41  LEU n 
1 42  GLY n 
1 43  ALA n 
1 44  GLN n 
1 45  SER n 
1 46  GLN n 
1 47  ILE n 
1 48  LEU n 
1 49  GLU n 
1 50  PRO n 
1 51  LEU n 
1 52  LEU n 
1 53  PHE n 
1 54  TRP n 
1 55  PRO n 
1 56  TYR n 
1 57  THR n 
1 58  LEU n 
1 59  LEU n 
1 60  ARG n 
1 61  ARG n 
1 62  TYR n 
1 63  GLY n 
1 64  ARG n 
1 65  ASP n 
1 66  LYS n 
1 67  VAL n 
1 68  MSE n 
1 69  PHE n 
1 70  SER n 
1 71  PHE n 
1 72  GLU n 
1 73  ALA n 
1 74  GLY n 
1 75  ARG n 
1 76  ARG n 
1 77  CYS n 
1 78  PRO n 
1 79  SER n 
1 80  GLY n 
1 81  PRO n 
1 82  GLY n 
1 83  THR n 
1 84  PHE n 
1 85  THR n 
1 86  PHE n 
1 87  GLN n 
1 88  THR n 
1 89  SER n 
1 90  GLN n 
1 91  GLY n 
1 92  ASN n 
1 93  ASP n 
1 94  ILE n 
1 95  PHE n 
1 96  GLN n 
1 97  ALA n 
1 98  VAL n 
1 99  GLU n 
1 100 ALA n 
1 101 ALA n 
1 102 ILE n 
1 103 GLN n 
1 104 GLN n 
1 105 GLN n 
1 106 LYS n 
1 107 ALA n 
1 108 GLN n 
1 109 GLY n 
1 110 LYS n 
1 111 VAL n 
1 112 GLY n 
1 113 GLN n 
1 114 ALA n 
1 115 GLN n 
1 116 ASP n 
1 117 ILE n 
1 118 LEU n 
1 119 ARG n 
1 120 LEU n 
1 121 GLU n 
1 122 HIS n 
1 123 HIS n 
1 124 HIS n 
1 125 HIS n 
1 126 HIS n 
1 127 HIS n 
# 
_entity_src_gen.entity_id                          1 
_entity_src_gen.pdbx_src_id                        1 
_entity_src_gen.pdbx_alt_source_flag               sample 
_entity_src_gen.pdbx_seq_type                      ? 
_entity_src_gen.pdbx_beg_seq_num                   ? 
_entity_src_gen.pdbx_end_seq_num                   ? 
_entity_src_gen.gene_src_common_name               'house mouse' 
_entity_src_gen.gene_src_genus                     Mus 
_entity_src_gen.pdbx_gene_src_gene                 mdok1 
_entity_src_gen.gene_src_species                   ? 
_entity_src_gen.gene_src_strain                    ? 
_entity_src_gen.gene_src_tissue                    ? 
_entity_src_gen.gene_src_tissue_fraction           ? 
_entity_src_gen.gene_src_details                   ? 
_entity_src_gen.pdbx_gene_src_fragment             ? 
_entity_src_gen.pdbx_gene_src_scientific_name      'Mus musculus' 
_entity_src_gen.pdbx_gene_src_ncbi_taxonomy_id     10090 
_entity_src_gen.pdbx_gene_src_variant              ? 
_entity_src_gen.pdbx_gene_src_cell_line            ? 
_entity_src_gen.pdbx_gene_src_atcc                 ? 
_entity_src_gen.pdbx_gene_src_organ                ? 
_entity_src_gen.pdbx_gene_src_organelle            ? 
_entity_src_gen.pdbx_gene_src_cell                 ? 
_entity_src_gen.pdbx_gene_src_cellular_location    ? 
_entity_src_gen.host_org_common_name               ? 
_entity_src_gen.pdbx_host_org_scientific_name      'Escherichia coli BL21' 
_entity_src_gen.pdbx_host_org_ncbi_taxonomy_id     511693 
_entity_src_gen.host_org_genus                     Escherichia 
_entity_src_gen.pdbx_host_org_gene                 ? 
_entity_src_gen.pdbx_host_org_organ                ? 
_entity_src_gen.host_org_species                   'Escherichia coli' 
_entity_src_gen.pdbx_host_org_tissue               ? 
_entity_src_gen.pdbx_host_org_tissue_fraction      ? 
_entity_src_gen.pdbx_host_org_strain               BL21 
_entity_src_gen.pdbx_host_org_variant              ? 
_entity_src_gen.pdbx_host_org_cell_line            ? 
_entity_src_gen.pdbx_host_org_atcc                 ? 
_entity_src_gen.pdbx_host_org_culture_collection   ? 
_entity_src_gen.pdbx_host_org_cell                 ? 
_entity_src_gen.pdbx_host_org_organelle            ? 
_entity_src_gen.pdbx_host_org_cellular_location    ? 
_entity_src_gen.pdbx_host_org_vector_type          plasmid 
_entity_src_gen.pdbx_host_org_vector               ? 
_entity_src_gen.host_org_details                   ? 
_entity_src_gen.expression_system_id               ? 
_entity_src_gen.plasmid_name                       pET28a 
_entity_src_gen.plasmid_details                    ? 
_entity_src_gen.pdbx_description                   ? 
# 
loop_
_chem_comp.id 
_chem_comp.type 
_chem_comp.mon_nstd_flag 
_chem_comp.name 
_chem_comp.pdbx_synonyms 
_chem_comp.formula 
_chem_comp.formula_weight 
ALA 'L-peptide linking' y ALANINE          ? 'C3 H7 N O2'     89.093  
ARG 'L-peptide linking' y ARGININE         ? 'C6 H15 N4 O2 1' 175.209 
ASN 'L-peptide linking' y ASPARAGINE       ? 'C4 H8 N2 O3'    132.118 
ASP 'L-peptide linking' y 'ASPARTIC ACID'  ? 'C4 H7 N O4'     133.103 
CYS 'L-peptide linking' y CYSTEINE         ? 'C3 H7 N O2 S'   121.158 
GLN 'L-peptide linking' y GLUTAMINE        ? 'C5 H10 N2 O3'   146.144 
GLU 'L-peptide linking' y 'GLUTAMIC ACID'  ? 'C5 H9 N O4'     147.129 
GLY 'peptide linking'   y GLYCINE          ? 'C2 H5 N O2'     75.067  
HIS 'L-peptide linking' y HISTIDINE        ? 'C6 H10 N3 O2 1' 156.162 
HOH non-polymer         . WATER            ? 'H2 O'           18.015  
ILE 'L-peptide linking' y ISOLEUCINE       ? 'C6 H13 N O2'    131.173 
LEU 'L-peptide linking' y LEUCINE          ? 'C6 H13 N O2'    131.173 
LYS 'L-peptide linking' y LYSINE           ? 'C6 H15 N2 O2 1' 147.195 
MET 'L-peptide linking' y METHIONINE       ? 'C5 H11 N O2 S'  149.211 
MSE 'L-peptide linking' n SELENOMETHIONINE ? 'C5 H11 N O2 Se' 196.106 
PHE 'L-peptide linking' y PHENYLALANINE    ? 'C9 H11 N O2'    165.189 
PRO 'L-peptide linking' y PROLINE          ? 'C5 H9 N O2'     115.130 
SER 'L-peptide linking' y SERINE           ? 'C3 H7 N O3'     105.093 
THR 'L-peptide linking' y THREONINE        ? 'C4 H9 N O3'     119.119 
TRP 'L-peptide linking' y TRYPTOPHAN       ? 'C11 H12 N2 O2'  204.225 
TYR 'L-peptide linking' y TYROSINE         ? 'C9 H11 N O3'    181.189 
VAL 'L-peptide linking' y VALINE           ? 'C5 H11 N O2'    117.146 
# 
loop_
_pdbx_poly_seq_scheme.asym_id 
_pdbx_poly_seq_scheme.entity_id 
_pdbx_poly_seq_scheme.seq_id 
_pdbx_poly_seq_scheme.mon_id 
_pdbx_poly_seq_scheme.ndb_seq_num 
_pdbx_poly_seq_scheme.pdb_seq_num 
_pdbx_poly_seq_scheme.auth_seq_num 
_pdbx_poly_seq_scheme.pdb_mon_id 
_pdbx_poly_seq_scheme.auth_mon_id 
_pdbx_poly_seq_scheme.pdb_strand_id 
_pdbx_poly_seq_scheme.pdb_ins_code 
_pdbx_poly_seq_scheme.hetero 
A 1 1   GLY 1   1   ?   ?   ?   A . n 
A 1 2   SER 2   2   ?   ?   ?   A . n 
A 1 3   HIS 3   3   ?   ?   ?   A . n 
A 1 4   MSE 4   4   4   MSE MSE A . n 
A 1 5   GLY 5   5   5   GLY GLY A . n 
A 1 6   SER 6   6   6   SER SER A . n 
A 1 7   GLN 7   7   7   GLN GLN A . n 
A 1 8   PHE 8   8   8   PHE PHE A . n 
A 1 9   TRP 9   9   9   TRP TRP A . n 
A 1 10  VAL 10  10  10  VAL VAL A . n 
A 1 11  THR 11  11  11  THR THR A . n 
A 1 12  SER 12  12  12  SER SER A . n 
A 1 13  GLN 13  13  13  GLN GLN A . n 
A 1 14  LYS 14  14  14  LYS LYS A . n 
A 1 15  THR 15  15  15  THR THR A . n 
A 1 16  GLU 16  16  16  GLU GLU A . n 
A 1 17  ALA 17  17  17  ALA ALA A . n 
A 1 18  SER 18  18  18  SER SER A . n 
A 1 19  GLU 19  19  19  GLU GLU A . n 
A 1 20  ARG 20  20  20  ARG ARG A . n 
A 1 21  CYS 21  21  21  CYS CYS A . n 
A 1 22  GLY 22  22  22  GLY GLY A . n 
A 1 23  LEU 23  23  23  LEU LEU A . n 
A 1 24  GLN 24  24  24  GLN GLN A . n 
A 1 25  GLY 25  25  25  GLY GLY A . n 
A 1 26  SER 26  26  26  SER SER A . n 
A 1 27  TYR 27  27  27  TYR TYR A . n 
A 1 28  ILE 28  28  28  ILE ILE A . n 
A 1 29  LEU 29  29  29  LEU LEU A . n 
A 1 30  ARG 30  30  30  ARG ARG A . n 
A 1 31  VAL 31  31  31  VAL VAL A . n 
A 1 32  GLU 32  32  32  GLU GLU A . n 
A 1 33  ALA 33  33  33  ALA ALA A . n 
A 1 34  GLU 34  34  34  GLU GLU A . n 
A 1 35  LYS 35  35  35  LYS LYS A . n 
A 1 36  LEU 36  36  36  LEU LEU A . n 
A 1 37  THR 37  37  37  THR THR A . n 
A 1 38  LEU 38  38  38  LEU LEU A . n 
A 1 39  LEU 39  39  39  LEU LEU A . n 
A 1 40  THR 40  40  40  THR THR A . n 
A 1 41  LEU 41  41  41  LEU LEU A . n 
A 1 42  GLY 42  42  42  GLY GLY A . n 
A 1 43  ALA 43  43  43  ALA ALA A . n 
A 1 44  GLN 44  44  44  GLN GLN A . n 
A 1 45  SER 45  45  45  SER SER A . n 
A 1 46  GLN 46  46  46  GLN GLN A . n 
A 1 47  ILE 47  47  47  ILE ILE A . n 
A 1 48  LEU 48  48  48  LEU LEU A . n 
A 1 49  GLU 49  49  49  GLU GLU A . n 
A 1 50  PRO 50  50  50  PRO PRO A . n 
A 1 51  LEU 51  51  51  LEU LEU A . n 
A 1 52  LEU 52  52  52  LEU LEU A . n 
A 1 53  PHE 53  53  53  PHE PHE A . n 
A 1 54  TRP 54  54  54  TRP TRP A . n 
A 1 55  PRO 55  55  55  PRO PRO A . n 
A 1 56  TYR 56  56  56  TYR TYR A . n 
A 1 57  THR 57  57  57  THR THR A . n 
A 1 58  LEU 58  58  58  LEU LEU A . n 
A 1 59  LEU 59  59  59  LEU LEU A . n 
A 1 60  ARG 60  60  60  ARG ARG A . n 
A 1 61  ARG 61  61  61  ARG ARG A . n 
A 1 62  TYR 62  62  62  TYR TYR A . n 
A 1 63  GLY 63  63  63  GLY GLY A . n 
A 1 64  ARG 64  64  64  ARG ARG A . n 
A 1 65  ASP 65  65  65  ASP ASP A . n 
A 1 66  LYS 66  66  66  LYS LYS A . n 
A 1 67  VAL 67  67  67  VAL VAL A . n 
A 1 68  MSE 68  68  68  MSE MSE A . n 
A 1 69  PHE 69  69  69  PHE PHE A . n 
A 1 70  SER 70  70  70  SER SER A . n 
A 1 71  PHE 71  71  71  PHE PHE A . n 
A 1 72  GLU 72  72  72  GLU GLU A . n 
A 1 73  ALA 73  73  73  ALA ALA A . n 
A 1 74  GLY 74  74  74  GLY GLY A . n 
A 1 75  ARG 75  75  75  ARG ARG A . n 
A 1 76  ARG 76  76  76  ARG ARG A . n 
A 1 77  CYS 77  77  77  CYS CYS A . n 
A 1 78  PRO 78  78  78  PRO PRO A . n 
A 1 79  SER 79  79  79  SER SER A . n 
A 1 80  GLY 80  80  80  GLY GLY A . n 
A 1 81  PRO 81  81  81  PRO PRO A . n 
A 1 82  GLY 82  82  82  GLY GLY A . n 
A 1 83  THR 83  83  83  THR THR A . n 
A 1 84  PHE 84  84  84  PHE PHE A . n 
A 1 85  THR 85  85  85  THR THR A . n 
A 1 86  PHE 86  86  86  PHE PHE A . n 
A 1 87  GLN 87  87  87  GLN GLN A . n 
A 1 88  THR 88  88  88  THR THR A . n 
A 1 89  SER 89  89  89  SER SER A . n 
A 1 90  GLN 90  90  90  GLN GLN A . n 
A 1 91  GLY 91  91  91  GLY GLY A . n 
A 1 92  ASN 92  92  92  ASN ASN A . n 
A 1 93  ASP 93  93  93  ASP ASP A . n 
A 1 94  ILE 94  94  94  ILE ILE A . n 
A 1 95  PHE 95  95  95  PHE PHE A . n 
A 1 96  GLN 96  96  96  GLN GLN A . n 
A 1 97  ALA 97  97  97  ALA ALA A . n 
A 1 98  VAL 98  98  98  VAL VAL A . n 
A 1 99  GLU 99  99  99  GLU GLU A . n 
A 1 100 ALA 100 100 100 ALA ALA A . n 
A 1 101 ALA 101 101 101 ALA ALA A . n 
A 1 102 ILE 102 102 102 ILE ILE A . n 
A 1 103 GLN 103 103 103 GLN GLN A . n 
A 1 104 GLN 104 104 104 GLN GLN A . n 
A 1 105 GLN 105 105 105 GLN GLN A . n 
A 1 106 LYS 106 106 106 LYS LYS A . n 
A 1 107 ALA 107 107 107 ALA ALA A . n 
A 1 108 GLN 108 108 108 GLN GLN A . n 
A 1 109 GLY 109 109 109 GLY GLY A . n 
A 1 110 LYS 110 110 110 LYS LYS A . n 
A 1 111 VAL 111 111 ?   ?   ?   A . n 
A 1 112 GLY 112 112 ?   ?   ?   A . n 
A 1 113 GLN 113 113 ?   ?   ?   A . n 
A 1 114 ALA 114 114 ?   ?   ?   A . n 
A 1 115 GLN 115 115 ?   ?   ?   A . n 
A 1 116 ASP 116 116 ?   ?   ?   A . n 
A 1 117 ILE 117 117 ?   ?   ?   A . n 
A 1 118 LEU 118 118 ?   ?   ?   A . n 
A 1 119 ARG 119 119 ?   ?   ?   A . n 
A 1 120 LEU 120 120 ?   ?   ?   A . n 
A 1 121 GLU 121 121 ?   ?   ?   A . n 
A 1 122 HIS 122 122 ?   ?   ?   A . n 
A 1 123 HIS 123 123 ?   ?   ?   A . n 
A 1 124 HIS 124 124 ?   ?   ?   A . n 
A 1 125 HIS 125 125 ?   ?   ?   A . n 
A 1 126 HIS 126 126 ?   ?   ?   A . n 
A 1 127 HIS 127 127 ?   ?   ?   A . n 
B 1 1   GLY 1   1   ?   ?   ?   B . n 
B 1 2   SER 2   2   ?   ?   ?   B . n 
B 1 3   HIS 3   3   ?   ?   ?   B . n 
B 1 4   MSE 4   4   4   MSE MET B . n 
B 1 5   GLY 5   5   5   GLY GLY B . n 
B 1 6   SER 6   6   6   SER SER B . n 
B 1 7   GLN 7   7   7   GLN GLN B . n 
B 1 8   PHE 8   8   8   PHE PHE B . n 
B 1 9   TRP 9   9   9   TRP TRP B . n 
B 1 10  VAL 10  10  10  VAL VAL B . n 
B 1 11  THR 11  11  11  THR THR B . n 
B 1 12  SER 12  12  12  SER SER B . n 
B 1 13  GLN 13  13  13  GLN GLN B . n 
B 1 14  LYS 14  14  14  LYS LYS B . n 
B 1 15  THR 15  15  15  THR THR B . n 
B 1 16  GLU 16  16  16  GLU GLU B . n 
B 1 17  ALA 17  17  17  ALA ALA B . n 
B 1 18  SER 18  18  18  SER SER B . n 
B 1 19  GLU 19  19  19  GLU GLU B . n 
B 1 20  ARG 20  20  20  ARG ARG B . n 
B 1 21  CYS 21  21  21  CYS CYS B . n 
B 1 22  GLY 22  22  22  GLY GLY B . n 
B 1 23  LEU 23  23  23  LEU LEU B . n 
B 1 24  GLN 24  24  24  GLN GLN B . n 
B 1 25  GLY 25  25  25  GLY GLY B . n 
B 1 26  SER 26  26  26  SER SER B . n 
B 1 27  TYR 27  27  27  TYR TYR B . n 
B 1 28  ILE 28  28  28  ILE ILE B . n 
B 1 29  LEU 29  29  29  LEU LEU B . n 
B 1 30  ARG 30  30  30  ARG ARG B . n 
B 1 31  VAL 31  31  31  VAL VAL B . n 
B 1 32  GLU 32  32  32  GLU GLU B . n 
B 1 33  ALA 33  33  33  ALA ALA B . n 
B 1 34  GLU 34  34  34  GLU GLU B . n 
B 1 35  LYS 35  35  35  LYS LYS B . n 
B 1 36  LEU 36  36  36  LEU LEU B . n 
B 1 37  THR 37  37  37  THR THR B . n 
B 1 38  LEU 38  38  38  LEU LEU B . n 
B 1 39  LEU 39  39  39  LEU LEU B . n 
B 1 40  THR 40  40  40  THR THR B . n 
B 1 41  LEU 41  41  41  LEU LEU B . n 
B 1 42  GLY 42  42  42  GLY GLY B . n 
B 1 43  ALA 43  43  43  ALA ALA B . n 
B 1 44  GLN 44  44  44  GLN GLN B . n 
B 1 45  SER 45  45  45  SER SER B . n 
B 1 46  GLN 46  46  46  GLN GLN B . n 
B 1 47  ILE 47  47  47  ILE ILE B . n 
B 1 48  LEU 48  48  48  LEU LEU B . n 
B 1 49  GLU 49  49  49  GLU GLU B . n 
B 1 50  PRO 50  50  50  PRO PRO B . n 
B 1 51  LEU 51  51  51  LEU LEU B . n 
B 1 52  LEU 52  52  52  LEU LEU B . n 
B 1 53  PHE 53  53  53  PHE PHE B . n 
B 1 54  TRP 54  54  54  TRP TRP B . n 
B 1 55  PRO 55  55  55  PRO PRO B . n 
B 1 56  TYR 56  56  56  TYR TYR B . n 
B 1 57  THR 57  57  57  THR THR B . n 
B 1 58  LEU 58  58  58  LEU LEU B . n 
B 1 59  LEU 59  59  59  LEU LEU B . n 
B 1 60  ARG 60  60  60  ARG ARG B . n 
B 1 61  ARG 61  61  61  ARG ARG B . n 
B 1 62  TYR 62  62  62  TYR TYR B . n 
B 1 63  GLY 63  63  63  GLY GLY B . n 
B 1 64  ARG 64  64  64  ARG ARG B . n 
B 1 65  ASP 65  65  65  ASP ASP B . n 
B 1 66  LYS 66  66  66  LYS LYS B . n 
B 1 67  VAL 67  67  67  VAL VAL B . n 
B 1 68  MSE 68  68  68  MSE MSE B . n 
B 1 69  PHE 69  69  69  PHE PHE B . n 
B 1 70  SER 70  70  70  SER SER B . n 
B 1 71  PHE 71  71  71  PHE PHE B . n 
B 1 72  GLU 72  72  72  GLU GLU B . n 
B 1 73  ALA 73  73  73  ALA ALA B . n 
B 1 74  GLY 74  74  74  GLY GLY B . n 
B 1 75  ARG 75  75  75  ARG ARG B . n 
B 1 76  ARG 76  76  76  ARG ARG B . n 
B 1 77  CYS 77  77  77  CYS CYS B . n 
B 1 78  PRO 78  78  78  PRO PRO B . n 
B 1 79  SER 79  79  79  SER SER B . n 
B 1 80  GLY 80  80  80  GLY GLY B . n 
B 1 81  PRO 81  81  81  PRO PRO B . n 
B 1 82  GLY 82  82  82  GLY GLY B . n 
B 1 83  THR 83  83  83  THR THR B . n 
B 1 84  PHE 84  84  84  PHE PHE B . n 
B 1 85  THR 85  85  85  THR THR B . n 
B 1 86  PHE 86  86  86  PHE PHE B . n 
B 1 87  GLN 87  87  87  GLN GLN B . n 
B 1 88  THR 88  88  88  THR THR B . n 
B 1 89  SER 89  89  89  SER SER B . n 
B 1 90  GLN 90  90  90  GLN GLN B . n 
B 1 91  GLY 91  91  91  GLY GLY B . n 
B 1 92  ASN 92  92  92  ASN ASN B . n 
B 1 93  ASP 93  93  93  ASP ASP B . n 
B 1 94  ILE 94  94  94  ILE ILE B . n 
B 1 95  PHE 95  95  95  PHE PHE B . n 
B 1 96  GLN 96  96  96  GLN GLN B . n 
B 1 97  ALA 97  97  97  ALA ALA B . n 
B 1 98  VAL 98  98  98  VAL VAL B . n 
B 1 99  GLU 99  99  99  GLU GLU B . n 
B 1 100 ALA 100 100 100 ALA ALA B . n 
B 1 101 ALA 101 101 101 ALA ALA B . n 
B 1 102 ILE 102 102 102 ILE ILE B . n 
B 1 103 GLN 103 103 103 GLN GLN B . n 
B 1 104 GLN 104 104 104 GLN GLN B . n 
B 1 105 GLN 105 105 105 GLN GLN B . n 
B 1 106 LYS 106 106 106 LYS LYS B . n 
B 1 107 ALA 107 107 107 ALA ALA B . n 
B 1 108 GLN 108 108 108 GLN GLN B . n 
B 1 109 GLY 109 109 ?   ?   ?   B . n 
B 1 110 LYS 110 110 ?   ?   ?   B . n 
B 1 111 VAL 111 111 ?   ?   ?   B . n 
B 1 112 GLY 112 112 ?   ?   ?   B . n 
B 1 113 GLN 113 113 ?   ?   ?   B . n 
B 1 114 ALA 114 114 ?   ?   ?   B . n 
B 1 115 GLN 115 115 ?   ?   ?   B . n 
B 1 116 ASP 116 116 ?   ?   ?   B . n 
B 1 117 ILE 117 117 ?   ?   ?   B . n 
B 1 118 LEU 118 118 ?   ?   ?   B . n 
B 1 119 ARG 119 119 ?   ?   ?   B . n 
B 1 120 LEU 120 120 ?   ?   ?   B . n 
B 1 121 GLU 121 121 ?   ?   ?   B . n 
B 1 122 HIS 122 122 ?   ?   ?   B . n 
B 1 123 HIS 123 123 ?   ?   ?   B . n 
B 1 124 HIS 124 124 ?   ?   ?   B . n 
B 1 125 HIS 125 125 ?   ?   ?   B . n 
B 1 126 HIS 126 126 ?   ?   ?   B . n 
B 1 127 HIS 127 127 ?   ?   ?   B . n 
# 
loop_
_pdbx_nonpoly_scheme.asym_id 
_pdbx_nonpoly_scheme.entity_id 
_pdbx_nonpoly_scheme.mon_id 
_pdbx_nonpoly_scheme.ndb_seq_num 
_pdbx_nonpoly_scheme.pdb_seq_num 
_pdbx_nonpoly_scheme.auth_seq_num 
_pdbx_nonpoly_scheme.pdb_mon_id 
_pdbx_nonpoly_scheme.auth_mon_id 
_pdbx_nonpoly_scheme.pdb_strand_id 
_pdbx_nonpoly_scheme.pdb_ins_code 
C 2 HOH 1  128 1  HOH HOH A . 
C 2 HOH 2  129 2  HOH HOH A . 
C 2 HOH 3  130 4  HOH HOH A . 
C 2 HOH 4  131 5  HOH HOH A . 
C 2 HOH 5  132 6  HOH HOH A . 
C 2 HOH 6  133 7  HOH HOH A . 
C 2 HOH 7  134 10 HOH HOH A . 
C 2 HOH 8  135 11 HOH HOH A . 
C 2 HOH 9  136 12 HOH HOH A . 
C 2 HOH 10 137 14 HOH HOH A . 
C 2 HOH 11 138 15 HOH HOH A . 
D 2 HOH 1  128 3  HOH HOH B . 
D 2 HOH 2  129 8  HOH HOH B . 
D 2 HOH 3  130 9  HOH HOH B . 
D 2 HOH 4  131 13 HOH HOH B . 
D 2 HOH 5  132 16 HOH HOH B . 
# 
loop_
_software.name 
_software.classification 
_software.version 
_software.citation_id 
_software.pdbx_ordinal 
HKL-2000  'data collection' .   ? 1 
SCALEPACK 'data scaling'    .   ? 2 
SOLVE     phasing           .   ? 3 
RESOLVE   'model building'  .   ? 4 
CNS       refinement        1.0 ? 5 
HKL-2000  'data reduction'  .   ? 6 
RESOLVE   phasing           .   ? 7 
# 
_cell.entry_id           1P5T 
_cell.length_a           41.110 
_cell.length_b           56.250 
_cell.length_c           99.790 
_cell.angle_alpha        90.00 
_cell.angle_beta         90.00 
_cell.angle_gamma        90.00 
_cell.Z_PDB              8 
_cell.pdbx_unique_axis   ? 
# 
_symmetry.entry_id                         1P5T 
_symmetry.space_group_name_H-M             'P 21 21 21' 
_symmetry.pdbx_full_space_group_name_H-M   ? 
_symmetry.cell_setting                     ? 
_symmetry.Int_Tables_number                19 
# 
_exptl.entry_id          1P5T 
_exptl.method            'X-RAY DIFFRACTION' 
_exptl.crystals_number   1 
# 
_exptl_crystal.id                    1 
_exptl_crystal.density_meas          ? 
_exptl_crystal.density_Matthews      2.42 
_exptl_crystal.density_percent_sol   48.77 
_exptl_crystal.description           ? 
# 
_exptl_crystal_grow.crystal_id      1 
_exptl_crystal_grow.method          'VAPOR DIFFUSION, HANGING DROP' 
_exptl_crystal_grow.temp            291 
_exptl_crystal_grow.temp_details    ? 
_exptl_crystal_grow.pH              6.5 
_exptl_crystal_grow.pdbx_details    'PEG6000, MES, pH 6.5, VAPOR DIFFUSION, HANGING DROP, temperature 291K' 
_exptl_crystal_grow.pdbx_pH_range   . 
# 
_diffrn.id                     1 
_diffrn.ambient_temp           100 
_diffrn.ambient_temp_details   ? 
_diffrn.crystal_id             1 
# 
_diffrn_detector.diffrn_id              1 
_diffrn_detector.detector               CCD 
_diffrn_detector.type                   MARRESEARCH 
_diffrn_detector.pdbx_collection_date   2003-01-01 
_diffrn_detector.details                ? 
# 
_diffrn_radiation.diffrn_id                        1 
_diffrn_radiation.wavelength_id                    1 
_diffrn_radiation.pdbx_monochromatic_or_laue_m_l   M 
_diffrn_radiation.monochromator                    'Melting Silicom +Fuzed Quartz' 
_diffrn_radiation.pdbx_diffrn_protocol             MAD 
_diffrn_radiation.pdbx_scattering_type             x-ray 
# 
loop_
_diffrn_radiation_wavelength.id 
_diffrn_radiation_wavelength.wavelength 
_diffrn_radiation_wavelength.wt 
1 0.9798 1.0 
2 0.9800 1.0 
3 0.9000 1.0 
# 
_diffrn_source.diffrn_id                   1 
_diffrn_source.source                      SYNCHROTRON 
_diffrn_source.type                        'SPRING-8 BEAMLINE BL41XU' 
_diffrn_source.pdbx_synchrotron_site       SPring-8 
_diffrn_source.pdbx_synchrotron_beamline   BL41XU 
_diffrn_source.pdbx_wavelength             ? 
_diffrn_source.pdbx_wavelength_list        '0.9798, 0.9800, 0.9000' 
# 
_reflns.entry_id                     1P5T 
_reflns.observed_criterion_sigma_F   2 
_reflns.observed_criterion_sigma_I   2 
_reflns.d_resolution_high            2.35 
_reflns.d_resolution_low             40.0 
_reflns.number_all                   18607 
_reflns.number_obs                   14730 
_reflns.percent_possible_obs         79.2 
_reflns.pdbx_Rmerge_I_obs            ? 
_reflns.pdbx_Rsym_value              ? 
_reflns.pdbx_netI_over_sigmaI        ? 
_reflns.B_iso_Wilson_estimate        ? 
_reflns.pdbx_redundancy              ? 
_reflns.R_free_details               ? 
_reflns.limit_h_max                  ? 
_reflns.limit_h_min                  ? 
_reflns.limit_k_max                  ? 
_reflns.limit_k_min                  ? 
_reflns.limit_l_max                  ? 
_reflns.limit_l_min                  ? 
_reflns.observed_criterion_F_max     ? 
_reflns.observed_criterion_F_min     ? 
_reflns.pdbx_diffrn_id               1 
_reflns.pdbx_ordinal                 1 
# 
_reflns_shell.d_res_high             2.35 
_reflns_shell.d_res_low              2.43 
_reflns_shell.percent_possible_all   39.9 
_reflns_shell.Rmerge_I_obs           ? 
_reflns_shell.pdbx_Rsym_value        ? 
_reflns_shell.meanI_over_sigI_obs    ? 
_reflns_shell.pdbx_redundancy        ? 
_reflns_shell.percent_possible_obs   ? 
_reflns_shell.number_unique_all      ? 
_reflns_shell.pdbx_diffrn_id         ? 
_reflns_shell.pdbx_ordinal           1 
# 
_refine.entry_id                                 1P5T 
_refine.ls_d_res_high                            2.35 
_refine.ls_d_res_low                             40 
_refine.pdbx_ls_sigma_F                          0 
_refine.pdbx_ls_sigma_I                          ? 
_refine.ls_number_reflns_all                     18607 
_refine.ls_number_reflns_obs                     14730 
_refine.ls_number_reflns_R_free                  1379 
_refine.ls_percent_reflns_obs                    ? 
_refine.ls_R_factor_all                          0.2226 
_refine.ls_R_factor_obs                          0.2226 
_refine.ls_R_factor_R_work                       0.2179 
_refine.ls_R_factor_R_free                       0.2654 
_refine.ls_redundancy_reflns_obs                 ? 
_refine.pdbx_data_cutoff_high_absF               ? 
_refine.pdbx_data_cutoff_low_absF                ? 
_refine.ls_number_parameters                     ? 
_refine.ls_number_restraints                     ? 
_refine.ls_percent_reflns_R_free                 ? 
_refine.ls_R_factor_R_free_error                 ? 
_refine.ls_R_factor_R_free_error_details         ? 
_refine.pdbx_method_to_determine_struct          MAD 
_refine.pdbx_starting_model                      ? 
_refine.pdbx_ls_cross_valid_method               ? 
_refine.pdbx_R_Free_selection_details            RANDOM 
_refine.pdbx_stereochem_target_val_spec_case     ? 
_refine.pdbx_stereochemistry_target_values       'Engh & Huber' 
_refine.solvent_model_details                    ? 
_refine.solvent_model_param_bsol                 ? 
_refine.solvent_model_param_ksol                 ? 
_refine.occupancy_max                            ? 
_refine.occupancy_min                            ? 
_refine.pdbx_isotropic_thermal_model             ? 
_refine.B_iso_mean                               ? 
_refine.aniso_B[1][1]                            ? 
_refine.aniso_B[1][2]                            ? 
_refine.aniso_B[1][3]                            ? 
_refine.aniso_B[2][2]                            ? 
_refine.aniso_B[2][3]                            ? 
_refine.aniso_B[3][3]                            ? 
_refine.details                                  ? 
_refine.B_iso_min                                ? 
_refine.B_iso_max                                ? 
_refine.correlation_coeff_Fo_to_Fc               ? 
_refine.correlation_coeff_Fo_to_Fc_free          ? 
_refine.pdbx_solvent_vdw_probe_radii             ? 
_refine.pdbx_solvent_ion_probe_radii             ? 
_refine.pdbx_solvent_shrinkage_radii             ? 
_refine.overall_SU_R_Cruickshank_DPI             ? 
_refine.overall_SU_R_free                        ? 
_refine.overall_SU_B                             ? 
_refine.overall_SU_ML                            ? 
_refine.pdbx_overall_ESU_R                       ? 
_refine.pdbx_overall_ESU_R_Free                  ? 
_refine.pdbx_data_cutoff_high_rms_absF           ? 
_refine.pdbx_refine_id                           'X-RAY DIFFRACTION' 
_refine.pdbx_diffrn_id                           1 
_refine.pdbx_TLS_residual_ADP_flag               ? 
_refine.pdbx_overall_phase_error                 ? 
_refine.pdbx_overall_SU_R_free_Cruickshank_DPI   ? 
_refine.pdbx_overall_SU_R_Blow_DPI               ? 
_refine.pdbx_overall_SU_R_free_Blow_DPI          ? 
# 
_refine_hist.pdbx_refine_id                   'X-RAY DIFFRACTION' 
_refine_hist.cycle_id                         LAST 
_refine_hist.pdbx_number_atoms_protein        1687 
_refine_hist.pdbx_number_atoms_nucleic_acid   0 
_refine_hist.pdbx_number_atoms_ligand         0 
_refine_hist.number_atoms_solvent             16 
_refine_hist.number_atoms_total               1703 
_refine_hist.d_res_high                       2.35 
_refine_hist.d_res_low                        40 
# 
loop_
_refine_ls_restr.type 
_refine_ls_restr.dev_ideal 
_refine_ls_restr.dev_ideal_target 
_refine_ls_restr.weight 
_refine_ls_restr.number 
_refine_ls_restr.pdbx_refine_id 
_refine_ls_restr.pdbx_restraint_function 
c_angle_deg        1.77704  ? ? ? 'X-RAY DIFFRACTION' ? 
c_bond_d           0.013655 ? ? ? 'X-RAY DIFFRACTION' ? 
c_dihedral_angle_d 23.91315 ? ? ? 'X-RAY DIFFRACTION' ? 
c_improper_angle_d 1.02584  ? ? ? 'X-RAY DIFFRACTION' ? 
# 
_struct.entry_id                  1P5T 
_struct.title                     'Crystal Structure of Dok1 PTB Domain' 
_struct.pdbx_model_details        ? 
_struct.pdbx_CASP_flag            ? 
_struct.pdbx_model_type_details   ? 
# 
_struct_keywords.entry_id        1P5T 
_struct_keywords.pdbx_keywords   'SIGNALING PROTEIN' 
_struct_keywords.text            'SIGNALING PROTEIN' 
# 
loop_
_struct_asym.id 
_struct_asym.pdbx_blank_PDB_chainid_flag 
_struct_asym.pdbx_modified 
_struct_asym.entity_id 
_struct_asym.details 
A N N 1 ? 
B N N 1 ? 
C N N 2 ? 
D N N 2 ? 
# 
_struct_ref.id                         1 
_struct_ref.db_name                    UNP 
_struct_ref.db_code                    DOK1_MOUSE 
_struct_ref.entity_id                  1 
_struct_ref.pdbx_seq_one_letter_code   
;GSQFWVTSQKTEASERCGLQGSYILRVEAEKLTLLTLGAQSQILEPLLFWPYTLLRRYGRDKVMFSFEAGRRCPSGPGTF
TFQTSQGNDIFQAVEAAIQQQKAQGKVGQAQDILR
;
_struct_ref.pdbx_align_begin           152 
_struct_ref.pdbx_db_accession          P97465 
_struct_ref.pdbx_db_isoform            ? 
# 
loop_
_struct_ref_seq.align_id 
_struct_ref_seq.ref_id 
_struct_ref_seq.pdbx_PDB_id_code 
_struct_ref_seq.pdbx_strand_id 
_struct_ref_seq.seq_align_beg 
_struct_ref_seq.pdbx_seq_align_beg_ins_code 
_struct_ref_seq.seq_align_end 
_struct_ref_seq.pdbx_seq_align_end_ins_code 
_struct_ref_seq.pdbx_db_accession 
_struct_ref_seq.db_align_beg 
_struct_ref_seq.pdbx_db_align_beg_ins_code 
_struct_ref_seq.db_align_end 
_struct_ref_seq.pdbx_db_align_end_ins_code 
_struct_ref_seq.pdbx_auth_seq_align_beg 
_struct_ref_seq.pdbx_auth_seq_align_end 
1 1 1P5T A 5 ? 119 ? P97465 152 ? 266 ? 5 119 
2 1 1P5T B 5 ? 119 ? P97465 152 ? 266 ? 5 119 
# 
loop_
_struct_ref_seq_dif.align_id 
_struct_ref_seq_dif.pdbx_pdb_id_code 
_struct_ref_seq_dif.mon_id 
_struct_ref_seq_dif.pdbx_pdb_strand_id 
_struct_ref_seq_dif.seq_num 
_struct_ref_seq_dif.pdbx_pdb_ins_code 
_struct_ref_seq_dif.pdbx_seq_db_name 
_struct_ref_seq_dif.pdbx_seq_db_accession_code 
_struct_ref_seq_dif.db_mon_id 
_struct_ref_seq_dif.pdbx_seq_db_seq_num 
_struct_ref_seq_dif.details 
_struct_ref_seq_dif.pdbx_auth_seq_num 
_struct_ref_seq_dif.pdbx_ordinal 
1 1P5T GLY A 1   ? UNP P97465 ?   ?   'cloning artifact' 1   1  
1 1P5T SER A 2   ? UNP P97465 ?   ?   'cloning artifact' 2   2  
1 1P5T HIS A 3   ? UNP P97465 ?   ?   'cloning artifact' 3   3  
1 1P5T MSE A 4   ? UNP P97465 ?   ?   'cloning artifact' 4   4  
1 1P5T MSE A 68  ? UNP P97465 MET 215 'modified residue' 68  5  
1 1P5T LEU A 120 ? UNP P97465 ?   ?   'expression tag'   120 6  
1 1P5T GLU A 121 ? UNP P97465 ?   ?   'expression tag'   121 7  
1 1P5T HIS A 122 ? UNP P97465 ?   ?   'expression tag'   122 8  
1 1P5T HIS A 123 ? UNP P97465 ?   ?   'expression tag'   123 9  
1 1P5T HIS A 124 ? UNP P97465 ?   ?   'expression tag'   124 10 
1 1P5T HIS A 125 ? UNP P97465 ?   ?   'expression tag'   125 11 
1 1P5T HIS A 126 ? UNP P97465 ?   ?   'expression tag'   126 12 
1 1P5T HIS A 127 ? UNP P97465 ?   ?   'expression tag'   127 13 
2 1P5T GLY B 1   ? UNP P97465 ?   ?   'cloning artifact' 1   14 
2 1P5T SER B 2   ? UNP P97465 ?   ?   'cloning artifact' 2   15 
2 1P5T HIS B 3   ? UNP P97465 ?   ?   'cloning artifact' 3   16 
2 1P5T MSE B 4   ? UNP P97465 ?   ?   'cloning artifact' 4   17 
2 1P5T MSE B 68  ? UNP P97465 MET 215 'modified residue' 68  18 
2 1P5T LEU B 120 ? UNP P97465 ?   ?   'expression tag'   120 19 
2 1P5T GLU B 121 ? UNP P97465 ?   ?   'expression tag'   121 20 
2 1P5T HIS B 122 ? UNP P97465 ?   ?   'expression tag'   122 21 
2 1P5T HIS B 123 ? UNP P97465 ?   ?   'expression tag'   123 22 
2 1P5T HIS B 124 ? UNP P97465 ?   ?   'expression tag'   124 23 
2 1P5T HIS B 125 ? UNP P97465 ?   ?   'expression tag'   125 24 
2 1P5T HIS B 126 ? UNP P97465 ?   ?   'expression tag'   126 25 
2 1P5T HIS B 127 ? UNP P97465 ?   ?   'expression tag'   127 26 
# 
_pdbx_struct_assembly.id                   1 
_pdbx_struct_assembly.details              author_and_software_defined_assembly 
_pdbx_struct_assembly.method_details       PISA 
_pdbx_struct_assembly.oligomeric_details   dimeric 
_pdbx_struct_assembly.oligomeric_count     2 
# 
loop_
_pdbx_struct_assembly_prop.biol_id 
_pdbx_struct_assembly_prop.type 
_pdbx_struct_assembly_prop.value 
_pdbx_struct_assembly_prop.details 
1 'ABSA (A^2)' 1300  ? 
1 MORE         -9    ? 
1 'SSA (A^2)'  11280 ? 
# 
_pdbx_struct_assembly_gen.assembly_id       1 
_pdbx_struct_assembly_gen.oper_expression   1 
_pdbx_struct_assembly_gen.asym_id_list      A,B,C,D 
# 
_pdbx_struct_oper_list.id                   1 
_pdbx_struct_oper_list.type                 'identity operation' 
_pdbx_struct_oper_list.name                 1_555 
_pdbx_struct_oper_list.symmetry_operation   x,y,z 
_pdbx_struct_oper_list.matrix[1][1]         1.0000000000 
_pdbx_struct_oper_list.matrix[1][2]         0.0000000000 
_pdbx_struct_oper_list.matrix[1][3]         0.0000000000 
_pdbx_struct_oper_list.vector[1]            0.0000000000 
_pdbx_struct_oper_list.matrix[2][1]         0.0000000000 
_pdbx_struct_oper_list.matrix[2][2]         1.0000000000 
_pdbx_struct_oper_list.matrix[2][3]         0.0000000000 
_pdbx_struct_oper_list.vector[2]            0.0000000000 
_pdbx_struct_oper_list.matrix[3][1]         0.0000000000 
_pdbx_struct_oper_list.matrix[3][2]         0.0000000000 
_pdbx_struct_oper_list.matrix[3][3]         1.0000000000 
_pdbx_struct_oper_list.vector[3]            0.0000000000 
# 
_struct_biol.id                    1 
_struct_biol.pdbx_parent_biol_id   ? 
_struct_biol.details               ? 
# 
loop_
_struct_conf.conf_type_id 
_struct_conf.id 
_struct_conf.pdbx_PDB_helix_id 
_struct_conf.beg_label_comp_id 
_struct_conf.beg_label_asym_id 
_struct_conf.beg_label_seq_id 
_struct_conf.pdbx_beg_PDB_ins_code 
_struct_conf.end_label_comp_id 
_struct_conf.end_label_asym_id 
_struct_conf.end_label_seq_id 
_struct_conf.pdbx_end_PDB_ins_code 
_struct_conf.beg_auth_comp_id 
_struct_conf.beg_auth_asym_id 
_struct_conf.beg_auth_seq_id 
_struct_conf.end_auth_comp_id 
_struct_conf.end_auth_asym_id 
_struct_conf.end_auth_seq_id 
_struct_conf.pdbx_PDB_helix_class 
_struct_conf.details 
_struct_conf.pdbx_PDB_helix_length 
HELX_P HELX_P1 1 THR A 15 ? CYS A 21  ? THR A 15 CYS A 21  1 ? 7  
HELX_P HELX_P2 2 GLN A 90 ? ALA A 107 ? GLN A 90 ALA A 107 1 ? 18 
HELX_P HELX_P3 3 THR B 15 ? CYS B 21  ? THR B 15 CYS B 21  1 ? 7  
HELX_P HELX_P4 4 GLN B 90 ? ALA B 107 ? GLN B 90 ALA B 107 1 ? 18 
# 
_struct_conf_type.id          HELX_P 
_struct_conf_type.criteria    ? 
_struct_conf_type.reference   ? 
# 
loop_
_struct_conn.id 
_struct_conn.conn_type_id 
_struct_conn.pdbx_leaving_atom_flag 
_struct_conn.pdbx_PDB_id 
_struct_conn.ptnr1_label_asym_id 
_struct_conn.ptnr1_label_comp_id 
_struct_conn.ptnr1_label_seq_id 
_struct_conn.ptnr1_label_atom_id 
_struct_conn.pdbx_ptnr1_label_alt_id 
_struct_conn.pdbx_ptnr1_PDB_ins_code 
_struct_conn.pdbx_ptnr1_standard_comp_id 
_struct_conn.ptnr1_symmetry 
_struct_conn.ptnr2_label_asym_id 
_struct_conn.ptnr2_label_comp_id 
_struct_conn.ptnr2_label_seq_id 
_struct_conn.ptnr2_label_atom_id 
_struct_conn.pdbx_ptnr2_label_alt_id 
_struct_conn.pdbx_ptnr2_PDB_ins_code 
_struct_conn.ptnr1_auth_asym_id 
_struct_conn.ptnr1_auth_comp_id 
_struct_conn.ptnr1_auth_seq_id 
_struct_conn.ptnr2_auth_asym_id 
_struct_conn.ptnr2_auth_comp_id 
_struct_conn.ptnr2_auth_seq_id 
_struct_conn.ptnr2_symmetry 
_struct_conn.pdbx_ptnr3_label_atom_id 
_struct_conn.pdbx_ptnr3_label_seq_id 
_struct_conn.pdbx_ptnr3_label_comp_id 
_struct_conn.pdbx_ptnr3_label_asym_id 
_struct_conn.pdbx_ptnr3_label_alt_id 
_struct_conn.pdbx_ptnr3_PDB_ins_code 
_struct_conn.details 
_struct_conn.pdbx_dist_value 
_struct_conn.pdbx_value_order 
_struct_conn.pdbx_role 
covale1 covale both ? A MSE 4  C ? ? ? 1_555 A GLY 5  N ? ? A MSE 4  A GLY 5  1_555 ? ? ? ? ? ? ? 1.330 ? ? 
covale2 covale both ? A VAL 67 C ? ? ? 1_555 A MSE 68 N ? ? A VAL 67 A MSE 68 1_555 ? ? ? ? ? ? ? 1.319 ? ? 
covale3 covale both ? A MSE 68 C ? ? ? 1_555 A PHE 69 N ? ? A MSE 68 A PHE 69 1_555 ? ? ? ? ? ? ? 1.331 ? ? 
covale4 covale both ? B MSE 4  C ? ? ? 1_555 B GLY 5  N ? ? B MSE 4  B GLY 5  1_555 ? ? ? ? ? ? ? 1.329 ? ? 
covale5 covale both ? B VAL 67 C ? ? ? 1_555 B MSE 68 N ? ? B VAL 67 B MSE 68 1_555 ? ? ? ? ? ? ? 1.334 ? ? 
covale6 covale both ? B MSE 68 C ? ? ? 1_555 B PHE 69 N ? ? B MSE 68 B PHE 69 1_555 ? ? ? ? ? ? ? 1.329 ? ? 
# 
_struct_conn_type.id          covale 
_struct_conn_type.criteria    ? 
_struct_conn_type.reference   ? 
# 
loop_
_pdbx_modification_feature.ordinal 
_pdbx_modification_feature.label_comp_id 
_pdbx_modification_feature.label_asym_id 
_pdbx_modification_feature.label_seq_id 
_pdbx_modification_feature.label_alt_id 
_pdbx_modification_feature.modified_residue_label_comp_id 
_pdbx_modification_feature.modified_residue_label_asym_id 
_pdbx_modification_feature.modified_residue_label_seq_id 
_pdbx_modification_feature.modified_residue_label_alt_id 
_pdbx_modification_feature.auth_comp_id 
_pdbx_modification_feature.auth_asym_id 
_pdbx_modification_feature.auth_seq_id 
_pdbx_modification_feature.PDB_ins_code 
_pdbx_modification_feature.symmetry 
_pdbx_modification_feature.modified_residue_auth_comp_id 
_pdbx_modification_feature.modified_residue_auth_asym_id 
_pdbx_modification_feature.modified_residue_auth_seq_id 
_pdbx_modification_feature.modified_residue_PDB_ins_code 
_pdbx_modification_feature.modified_residue_symmetry 
_pdbx_modification_feature.comp_id_linking_atom 
_pdbx_modification_feature.modified_residue_id_linking_atom 
_pdbx_modification_feature.modified_residue_id 
_pdbx_modification_feature.ref_pcm_id 
_pdbx_modification_feature.ref_comp_id 
_pdbx_modification_feature.type 
_pdbx_modification_feature.category 
1 MSE A 4  ? . . . . MSE A 4  ? 1_555 . . . . . . . MET 1 MSE Selenomethionine 'Named protein modification' 
2 MSE A 68 ? . . . . MSE A 68 ? 1_555 . . . . . . . MET 1 MSE Selenomethionine 'Named protein modification' 
3 MSE B 4  ? . . . . MSE B 4  ? 1_555 . . . . . . . MET 1 MSE Selenomethionine 'Named protein modification' 
4 MSE B 68 ? . . . . MSE B 68 ? 1_555 . . . . . . . MET 1 MSE Selenomethionine 'Named protein modification' 
# 
loop_
_struct_sheet.id 
_struct_sheet.type 
_struct_sheet.number_strands 
_struct_sheet.details 
A ? 7 ? 
B ? 7 ? 
# 
loop_
_struct_sheet_order.sheet_id 
_struct_sheet_order.range_id_1 
_struct_sheet_order.range_id_2 
_struct_sheet_order.offset 
_struct_sheet_order.sense 
A 1 2 ? anti-parallel 
A 2 3 ? anti-parallel 
A 3 4 ? anti-parallel 
A 4 5 ? anti-parallel 
A 5 6 ? anti-parallel 
A 6 7 ? anti-parallel 
B 1 2 ? anti-parallel 
B 2 3 ? anti-parallel 
B 3 4 ? anti-parallel 
B 4 5 ? anti-parallel 
B 5 6 ? anti-parallel 
B 6 7 ? anti-parallel 
# 
loop_
_struct_sheet_range.sheet_id 
_struct_sheet_range.id 
_struct_sheet_range.beg_label_comp_id 
_struct_sheet_range.beg_label_asym_id 
_struct_sheet_range.beg_label_seq_id 
_struct_sheet_range.pdbx_beg_PDB_ins_code 
_struct_sheet_range.end_label_comp_id 
_struct_sheet_range.end_label_asym_id 
_struct_sheet_range.end_label_seq_id 
_struct_sheet_range.pdbx_end_PDB_ins_code 
_struct_sheet_range.beg_auth_comp_id 
_struct_sheet_range.beg_auth_asym_id 
_struct_sheet_range.beg_auth_seq_id 
_struct_sheet_range.end_auth_comp_id 
_struct_sheet_range.end_auth_asym_id 
_struct_sheet_range.end_auth_seq_id 
A 1 LEU A 48 ? PRO A 55 ? LEU A 48 PRO A 55 
A 2 LYS A 35 ? LEU A 41 ? LYS A 35 LEU A 41 
A 3 SER A 26 ? VAL A 31 ? SER A 26 VAL A 31 
A 4 SER A 6  ? GLN A 13 ? SER A 6  GLN A 13 
A 5 GLY A 82 ? GLN A 87 ? GLY A 82 GLN A 87 
A 6 MSE A 68 ? ALA A 73 ? MSE A 68 ALA A 73 
A 7 LEU A 59 ? ARG A 64 ? LEU A 59 ARG A 64 
B 1 LEU B 48 ? PRO B 55 ? LEU B 48 PRO B 55 
B 2 LYS B 35 ? LEU B 41 ? LYS B 35 LEU B 41 
B 3 SER B 26 ? VAL B 31 ? SER B 26 VAL B 31 
B 4 SER B 6  ? SER B 12 ? SER B 6  SER B 12 
B 5 GLY B 82 ? GLN B 87 ? GLY B 82 GLN B 87 
B 6 MSE B 68 ? ALA B 73 ? MSE B 68 ALA B 73 
B 7 LEU B 59 ? ARG B 64 ? LEU B 59 ARG B 64 
# 
loop_
_pdbx_struct_sheet_hbond.sheet_id 
_pdbx_struct_sheet_hbond.range_id_1 
_pdbx_struct_sheet_hbond.range_id_2 
_pdbx_struct_sheet_hbond.range_1_label_atom_id 
_pdbx_struct_sheet_hbond.range_1_label_comp_id 
_pdbx_struct_sheet_hbond.range_1_label_asym_id 
_pdbx_struct_sheet_hbond.range_1_label_seq_id 
_pdbx_struct_sheet_hbond.range_1_PDB_ins_code 
_pdbx_struct_sheet_hbond.range_1_auth_atom_id 
_pdbx_struct_sheet_hbond.range_1_auth_comp_id 
_pdbx_struct_sheet_hbond.range_1_auth_asym_id 
_pdbx_struct_sheet_hbond.range_1_auth_seq_id 
_pdbx_struct_sheet_hbond.range_2_label_atom_id 
_pdbx_struct_sheet_hbond.range_2_label_comp_id 
_pdbx_struct_sheet_hbond.range_2_label_asym_id 
_pdbx_struct_sheet_hbond.range_2_label_seq_id 
_pdbx_struct_sheet_hbond.range_2_PDB_ins_code 
_pdbx_struct_sheet_hbond.range_2_auth_atom_id 
_pdbx_struct_sheet_hbond.range_2_auth_comp_id 
_pdbx_struct_sheet_hbond.range_2_auth_asym_id 
_pdbx_struct_sheet_hbond.range_2_auth_seq_id 
A 1 2 O LEU A 51 ? O LEU A 51 N LEU A 38 ? N LEU A 38 
A 2 3 O LEU A 39 ? O LEU A 39 N ILE A 28 ? N ILE A 28 
A 3 4 O TYR A 27 ? O TYR A 27 N VAL A 10 ? N VAL A 10 
A 4 5 N GLN A 13 ? N GLN A 13 O THR A 85 ? O THR A 85 
A 5 6 O PHE A 86 ? O PHE A 86 N PHE A 69 ? N PHE A 69 
A 6 7 O SER A 70 ? O SER A 70 N GLY A 63 ? N GLY A 63 
B 1 2 O GLU B 49 ? O GLU B 49 N THR B 40 ? N THR B 40 
B 2 3 O THR B 37 ? O THR B 37 N ARG B 30 ? N ARG B 30 
B 3 4 O TYR B 27 ? O TYR B 27 N VAL B 10 ? N VAL B 10 
B 4 5 N THR B 11 ? N THR B 11 O GLN B 87 ? O GLN B 87 
B 5 6 O PHE B 84 ? O PHE B 84 N PHE B 71 ? N PHE B 71 
B 6 7 O SER B 70 ? O SER B 70 N GLY B 63 ? N GLY B 63 
# 
_pdbx_entry_details.entry_id                   1P5T 
_pdbx_entry_details.compound_details           ? 
_pdbx_entry_details.source_details             ? 
_pdbx_entry_details.nonpolymer_details         ? 
_pdbx_entry_details.sequence_details           ? 
_pdbx_entry_details.has_ligand_of_interest     ? 
_pdbx_entry_details.has_protein_modification   Y 
# 
_pdbx_validate_close_contact.id               1 
_pdbx_validate_close_contact.PDB_model_num    1 
_pdbx_validate_close_contact.auth_atom_id_1   O 
_pdbx_validate_close_contact.auth_asym_id_1   A 
_pdbx_validate_close_contact.auth_comp_id_1   LYS 
_pdbx_validate_close_contact.auth_seq_id_1    110 
_pdbx_validate_close_contact.PDB_ins_code_1   ? 
_pdbx_validate_close_contact.label_alt_id_1   ? 
_pdbx_validate_close_contact.auth_atom_id_2   OG1 
_pdbx_validate_close_contact.auth_asym_id_2   B 
_pdbx_validate_close_contact.auth_comp_id_2   THR 
_pdbx_validate_close_contact.auth_seq_id_2    11 
_pdbx_validate_close_contact.PDB_ins_code_2   ? 
_pdbx_validate_close_contact.label_alt_id_2   ? 
_pdbx_validate_close_contact.dist             2.13 
# 
loop_
_pdbx_validate_torsion.id 
_pdbx_validate_torsion.PDB_model_num 
_pdbx_validate_torsion.auth_comp_id 
_pdbx_validate_torsion.auth_asym_id 
_pdbx_validate_torsion.auth_seq_id 
_pdbx_validate_torsion.PDB_ins_code 
_pdbx_validate_torsion.label_alt_id 
_pdbx_validate_torsion.phi 
_pdbx_validate_torsion.psi 
1 1 GLU A 32  ? ? -108.33 -168.45 
2 1 GLN A 44  ? ? -90.33  -63.57  
3 1 THR A 88  ? ? 170.15  147.45  
4 1 ALA A 107 ? ? -70.99  35.54   
5 1 GLN A 108 ? ? 65.64   -14.97  
6 1 GLU B 34  ? ? -149.41 11.32   
7 1 THR B 57  ? ? -68.10  0.16    
8 1 GLN B 105 ? ? -58.34  -79.44  
9 1 ALA B 107 ? ? -70.08  43.67   
# 
loop_
_pdbx_struct_mod_residue.id 
_pdbx_struct_mod_residue.label_asym_id 
_pdbx_struct_mod_residue.label_comp_id 
_pdbx_struct_mod_residue.label_seq_id 
_pdbx_struct_mod_residue.auth_asym_id 
_pdbx_struct_mod_residue.auth_comp_id 
_pdbx_struct_mod_residue.auth_seq_id 
_pdbx_struct_mod_residue.PDB_ins_code 
_pdbx_struct_mod_residue.parent_comp_id 
_pdbx_struct_mod_residue.details 
1 A MSE 4  A MSE 4  ? MET SELENOMETHIONINE 
2 A MSE 68 A MSE 68 ? MET SELENOMETHIONINE 
3 B MSE 4  B MSE 4  ? MET SELENOMETHIONINE 
4 B MSE 68 B MSE 68 ? MET SELENOMETHIONINE 
# 
loop_
_pdbx_unobs_or_zero_occ_residues.id 
_pdbx_unobs_or_zero_occ_residues.PDB_model_num 
_pdbx_unobs_or_zero_occ_residues.polymer_flag 
_pdbx_unobs_or_zero_occ_residues.occupancy_flag 
_pdbx_unobs_or_zero_occ_residues.auth_asym_id 
_pdbx_unobs_or_zero_occ_residues.auth_comp_id 
_pdbx_unobs_or_zero_occ_residues.auth_seq_id 
_pdbx_unobs_or_zero_occ_residues.PDB_ins_code 
_pdbx_unobs_or_zero_occ_residues.label_asym_id 
_pdbx_unobs_or_zero_occ_residues.label_comp_id 
_pdbx_unobs_or_zero_occ_residues.label_seq_id 
1  1 Y 1 A GLY 1   ? A GLY 1   
2  1 Y 1 A SER 2   ? A SER 2   
3  1 Y 1 A HIS 3   ? A HIS 3   
4  1 Y 1 A VAL 111 ? A VAL 111 
5  1 Y 1 A GLY 112 ? A GLY 112 
6  1 Y 1 A GLN 113 ? A GLN 113 
7  1 Y 1 A ALA 114 ? A ALA 114 
8  1 Y 1 A GLN 115 ? A GLN 115 
9  1 Y 1 A ASP 116 ? A ASP 116 
10 1 Y 1 A ILE 117 ? A ILE 117 
11 1 Y 1 A LEU 118 ? A LEU 118 
12 1 Y 1 A ARG 119 ? A ARG 119 
13 1 Y 1 A LEU 120 ? A LEU 120 
14 1 Y 1 A GLU 121 ? A GLU 121 
15 1 Y 1 A HIS 122 ? A HIS 122 
16 1 Y 1 A HIS 123 ? A HIS 123 
17 1 Y 1 A HIS 124 ? A HIS 124 
18 1 Y 1 A HIS 125 ? A HIS 125 
19 1 Y 1 A HIS 126 ? A HIS 126 
20 1 Y 1 A HIS 127 ? A HIS 127 
21 1 Y 1 B GLY 1   ? B GLY 1   
22 1 Y 1 B SER 2   ? B SER 2   
23 1 Y 1 B HIS 3   ? B HIS 3   
24 1 Y 1 B GLY 109 ? B GLY 109 
25 1 Y 1 B LYS 110 ? B LYS 110 
26 1 Y 1 B VAL 111 ? B VAL 111 
27 1 Y 1 B GLY 112 ? B GLY 112 
28 1 Y 1 B GLN 113 ? B GLN 113 
29 1 Y 1 B ALA 114 ? B ALA 114 
30 1 Y 1 B GLN 115 ? B GLN 115 
31 1 Y 1 B ASP 116 ? B ASP 116 
32 1 Y 1 B ILE 117 ? B ILE 117 
33 1 Y 1 B LEU 118 ? B LEU 118 
34 1 Y 1 B ARG 119 ? B ARG 119 
35 1 Y 1 B LEU 120 ? B LEU 120 
36 1 Y 1 B GLU 121 ? B GLU 121 
37 1 Y 1 B HIS 122 ? B HIS 122 
38 1 Y 1 B HIS 123 ? B HIS 123 
39 1 Y 1 B HIS 124 ? B HIS 124 
40 1 Y 1 B HIS 125 ? B HIS 125 
41 1 Y 1 B HIS 126 ? B HIS 126 
42 1 Y 1 B HIS 127 ? B HIS 127 
# 
loop_
_chem_comp_atom.comp_id 
_chem_comp_atom.atom_id 
_chem_comp_atom.type_symbol 
_chem_comp_atom.pdbx_aromatic_flag 
_chem_comp_atom.pdbx_stereo_config 
_chem_comp_atom.pdbx_ordinal 
ALA N    N  N N 1   
ALA CA   C  N S 2   
ALA C    C  N N 3   
ALA O    O  N N 4   
ALA CB   C  N N 5   
ALA OXT  O  N N 6   
ALA H    H  N N 7   
ALA H2   H  N N 8   
ALA HA   H  N N 9   
ALA HB1  H  N N 10  
ALA HB2  H  N N 11  
ALA HB3  H  N N 12  
ALA HXT  H  N N 13  
ARG N    N  N N 14  
ARG CA   C  N S 15  
ARG C    C  N N 16  
ARG O    O  N N 17  
ARG CB   C  N N 18  
ARG CG   C  N N 19  
ARG CD   C  N N 20  
ARG NE   N  N N 21  
ARG CZ   C  N N 22  
ARG NH1  N  N N 23  
ARG NH2  N  N N 24  
ARG OXT  O  N N 25  
ARG H    H  N N 26  
ARG H2   H  N N 27  
ARG HA   H  N N 28  
ARG HB2  H  N N 29  
ARG HB3  H  N N 30  
ARG HG2  H  N N 31  
ARG HG3  H  N N 32  
ARG HD2  H  N N 33  
ARG HD3  H  N N 34  
ARG HE   H  N N 35  
ARG HH11 H  N N 36  
ARG HH12 H  N N 37  
ARG HH21 H  N N 38  
ARG HH22 H  N N 39  
ARG HXT  H  N N 40  
ASN N    N  N N 41  
ASN CA   C  N S 42  
ASN C    C  N N 43  
ASN O    O  N N 44  
ASN CB   C  N N 45  
ASN CG   C  N N 46  
ASN OD1  O  N N 47  
ASN ND2  N  N N 48  
ASN OXT  O  N N 49  
ASN H    H  N N 50  
ASN H2   H  N N 51  
ASN HA   H  N N 52  
ASN HB2  H  N N 53  
ASN HB3  H  N N 54  
ASN HD21 H  N N 55  
ASN HD22 H  N N 56  
ASN HXT  H  N N 57  
ASP N    N  N N 58  
ASP CA   C  N S 59  
ASP C    C  N N 60  
ASP O    O  N N 61  
ASP CB   C  N N 62  
ASP CG   C  N N 63  
ASP OD1  O  N N 64  
ASP OD2  O  N N 65  
ASP OXT  O  N N 66  
ASP H    H  N N 67  
ASP H2   H  N N 68  
ASP HA   H  N N 69  
ASP HB2  H  N N 70  
ASP HB3  H  N N 71  
ASP HD2  H  N N 72  
ASP HXT  H  N N 73  
CYS N    N  N N 74  
CYS CA   C  N R 75  
CYS C    C  N N 76  
CYS O    O  N N 77  
CYS CB   C  N N 78  
CYS SG   S  N N 79  
CYS OXT  O  N N 80  
CYS H    H  N N 81  
CYS H2   H  N N 82  
CYS HA   H  N N 83  
CYS HB2  H  N N 84  
CYS HB3  H  N N 85  
CYS HG   H  N N 86  
CYS HXT  H  N N 87  
GLN N    N  N N 88  
GLN CA   C  N S 89  
GLN C    C  N N 90  
GLN O    O  N N 91  
GLN CB   C  N N 92  
GLN CG   C  N N 93  
GLN CD   C  N N 94  
GLN OE1  O  N N 95  
GLN NE2  N  N N 96  
GLN OXT  O  N N 97  
GLN H    H  N N 98  
GLN H2   H  N N 99  
GLN HA   H  N N 100 
GLN HB2  H  N N 101 
GLN HB3  H  N N 102 
GLN HG2  H  N N 103 
GLN HG3  H  N N 104 
GLN HE21 H  N N 105 
GLN HE22 H  N N 106 
GLN HXT  H  N N 107 
GLU N    N  N N 108 
GLU CA   C  N S 109 
GLU C    C  N N 110 
GLU O    O  N N 111 
GLU CB   C  N N 112 
GLU CG   C  N N 113 
GLU CD   C  N N 114 
GLU OE1  O  N N 115 
GLU OE2  O  N N 116 
GLU OXT  O  N N 117 
GLU H    H  N N 118 
GLU H2   H  N N 119 
GLU HA   H  N N 120 
GLU HB2  H  N N 121 
GLU HB3  H  N N 122 
GLU HG2  H  N N 123 
GLU HG3  H  N N 124 
GLU HE2  H  N N 125 
GLU HXT  H  N N 126 
GLY N    N  N N 127 
GLY CA   C  N N 128 
GLY C    C  N N 129 
GLY O    O  N N 130 
GLY OXT  O  N N 131 
GLY H    H  N N 132 
GLY H2   H  N N 133 
GLY HA2  H  N N 134 
GLY HA3  H  N N 135 
GLY HXT  H  N N 136 
HIS N    N  N N 137 
HIS CA   C  N S 138 
HIS C    C  N N 139 
HIS O    O  N N 140 
HIS CB   C  N N 141 
HIS CG   C  Y N 142 
HIS ND1  N  Y N 143 
HIS CD2  C  Y N 144 
HIS CE1  C  Y N 145 
HIS NE2  N  Y N 146 
HIS OXT  O  N N 147 
HIS H    H  N N 148 
HIS H2   H  N N 149 
HIS HA   H  N N 150 
HIS HB2  H  N N 151 
HIS HB3  H  N N 152 
HIS HD1  H  N N 153 
HIS HD2  H  N N 154 
HIS HE1  H  N N 155 
HIS HE2  H  N N 156 
HIS HXT  H  N N 157 
HOH O    O  N N 158 
HOH H1   H  N N 159 
HOH H2   H  N N 160 
ILE N    N  N N 161 
ILE CA   C  N S 162 
ILE C    C  N N 163 
ILE O    O  N N 164 
ILE CB   C  N S 165 
ILE CG1  C  N N 166 
ILE CG2  C  N N 167 
ILE CD1  C  N N 168 
ILE OXT  O  N N 169 
ILE H    H  N N 170 
ILE H2   H  N N 171 
ILE HA   H  N N 172 
ILE HB   H  N N 173 
ILE HG12 H  N N 174 
ILE HG13 H  N N 175 
ILE HG21 H  N N 176 
ILE HG22 H  N N 177 
ILE HG23 H  N N 178 
ILE HD11 H  N N 179 
ILE HD12 H  N N 180 
ILE HD13 H  N N 181 
ILE HXT  H  N N 182 
LEU N    N  N N 183 
LEU CA   C  N S 184 
LEU C    C  N N 185 
LEU O    O  N N 186 
LEU CB   C  N N 187 
LEU CG   C  N N 188 
LEU CD1  C  N N 189 
LEU CD2  C  N N 190 
LEU OXT  O  N N 191 
LEU H    H  N N 192 
LEU H2   H  N N 193 
LEU HA   H  N N 194 
LEU HB2  H  N N 195 
LEU HB3  H  N N 196 
LEU HG   H  N N 197 
LEU HD11 H  N N 198 
LEU HD12 H  N N 199 
LEU HD13 H  N N 200 
LEU HD21 H  N N 201 
LEU HD22 H  N N 202 
LEU HD23 H  N N 203 
LEU HXT  H  N N 204 
LYS N    N  N N 205 
LYS CA   C  N S 206 
LYS C    C  N N 207 
LYS O    O  N N 208 
LYS CB   C  N N 209 
LYS CG   C  N N 210 
LYS CD   C  N N 211 
LYS CE   C  N N 212 
LYS NZ   N  N N 213 
LYS OXT  O  N N 214 
LYS H    H  N N 215 
LYS H2   H  N N 216 
LYS HA   H  N N 217 
LYS HB2  H  N N 218 
LYS HB3  H  N N 219 
LYS HG2  H  N N 220 
LYS HG3  H  N N 221 
LYS HD2  H  N N 222 
LYS HD3  H  N N 223 
LYS HE2  H  N N 224 
LYS HE3  H  N N 225 
LYS HZ1  H  N N 226 
LYS HZ2  H  N N 227 
LYS HZ3  H  N N 228 
LYS HXT  H  N N 229 
MET N    N  N N 230 
MET CA   C  N S 231 
MET C    C  N N 232 
MET O    O  N N 233 
MET CB   C  N N 234 
MET CG   C  N N 235 
MET SD   S  N N 236 
MET CE   C  N N 237 
MET OXT  O  N N 238 
MET H    H  N N 239 
MET H2   H  N N 240 
MET HA   H  N N 241 
MET HB2  H  N N 242 
MET HB3  H  N N 243 
MET HG2  H  N N 244 
MET HG3  H  N N 245 
MET HE1  H  N N 246 
MET HE2  H  N N 247 
MET HE3  H  N N 248 
MET HXT  H  N N 249 
MSE N    N  N N 250 
MSE CA   C  N S 251 
MSE C    C  N N 252 
MSE O    O  N N 253 
MSE OXT  O  N N 254 
MSE CB   C  N N 255 
MSE CG   C  N N 256 
MSE SE   SE N N 257 
MSE CE   C  N N 258 
MSE H    H  N N 259 
MSE H2   H  N N 260 
MSE HA   H  N N 261 
MSE HXT  H  N N 262 
MSE HB2  H  N N 263 
MSE HB3  H  N N 264 
MSE HG2  H  N N 265 
MSE HG3  H  N N 266 
MSE HE1  H  N N 267 
MSE HE2  H  N N 268 
MSE HE3  H  N N 269 
PHE N    N  N N 270 
PHE CA   C  N S 271 
PHE C    C  N N 272 
PHE O    O  N N 273 
PHE CB   C  N N 274 
PHE CG   C  Y N 275 
PHE CD1  C  Y N 276 
PHE CD2  C  Y N 277 
PHE CE1  C  Y N 278 
PHE CE2  C  Y N 279 
PHE CZ   C  Y N 280 
PHE OXT  O  N N 281 
PHE H    H  N N 282 
PHE H2   H  N N 283 
PHE HA   H  N N 284 
PHE HB2  H  N N 285 
PHE HB3  H  N N 286 
PHE HD1  H  N N 287 
PHE HD2  H  N N 288 
PHE HE1  H  N N 289 
PHE HE2  H  N N 290 
PHE HZ   H  N N 291 
PHE HXT  H  N N 292 
PRO N    N  N N 293 
PRO CA   C  N S 294 
PRO C    C  N N 295 
PRO O    O  N N 296 
PRO CB   C  N N 297 
PRO CG   C  N N 298 
PRO CD   C  N N 299 
PRO OXT  O  N N 300 
PRO H    H  N N 301 
PRO HA   H  N N 302 
PRO HB2  H  N N 303 
PRO HB3  H  N N 304 
PRO HG2  H  N N 305 
PRO HG3  H  N N 306 
PRO HD2  H  N N 307 
PRO HD3  H  N N 308 
PRO HXT  H  N N 309 
SER N    N  N N 310 
SER CA   C  N S 311 
SER C    C  N N 312 
SER O    O  N N 313 
SER CB   C  N N 314 
SER OG   O  N N 315 
SER OXT  O  N N 316 
SER H    H  N N 317 
SER H2   H  N N 318 
SER HA   H  N N 319 
SER HB2  H  N N 320 
SER HB3  H  N N 321 
SER HG   H  N N 322 
SER HXT  H  N N 323 
THR N    N  N N 324 
THR CA   C  N S 325 
THR C    C  N N 326 
THR O    O  N N 327 
THR CB   C  N R 328 
THR OG1  O  N N 329 
THR CG2  C  N N 330 
THR OXT  O  N N 331 
THR H    H  N N 332 
THR H2   H  N N 333 
THR HA   H  N N 334 
THR HB   H  N N 335 
THR HG1  H  N N 336 
THR HG21 H  N N 337 
THR HG22 H  N N 338 
THR HG23 H  N N 339 
THR HXT  H  N N 340 
TRP N    N  N N 341 
TRP CA   C  N S 342 
TRP C    C  N N 343 
TRP O    O  N N 344 
TRP CB   C  N N 345 
TRP CG   C  Y N 346 
TRP CD1  C  Y N 347 
TRP CD2  C  Y N 348 
TRP NE1  N  Y N 349 
TRP CE2  C  Y N 350 
TRP CE3  C  Y N 351 
TRP CZ2  C  Y N 352 
TRP CZ3  C  Y N 353 
TRP CH2  C  Y N 354 
TRP OXT  O  N N 355 
TRP H    H  N N 356 
TRP H2   H  N N 357 
TRP HA   H  N N 358 
TRP HB2  H  N N 359 
TRP HB3  H  N N 360 
TRP HD1  H  N N 361 
TRP HE1  H  N N 362 
TRP HE3  H  N N 363 
TRP HZ2  H  N N 364 
TRP HZ3  H  N N 365 
TRP HH2  H  N N 366 
TRP HXT  H  N N 367 
TYR N    N  N N 368 
TYR CA   C  N S 369 
TYR C    C  N N 370 
TYR O    O  N N 371 
TYR CB   C  N N 372 
TYR CG   C  Y N 373 
TYR CD1  C  Y N 374 
TYR CD2  C  Y N 375 
TYR CE1  C  Y N 376 
TYR CE2  C  Y N 377 
TYR CZ   C  Y N 378 
TYR OH   O  N N 379 
TYR OXT  O  N N 380 
TYR H    H  N N 381 
TYR H2   H  N N 382 
TYR HA   H  N N 383 
TYR HB2  H  N N 384 
TYR HB3  H  N N 385 
TYR HD1  H  N N 386 
TYR HD2  H  N N 387 
TYR HE1  H  N N 388 
TYR HE2  H  N N 389 
TYR HH   H  N N 390 
TYR HXT  H  N N 391 
VAL N    N  N N 392 
VAL CA   C  N S 393 
VAL C    C  N N 394 
VAL O    O  N N 395 
VAL CB   C  N N 396 
VAL CG1  C  N N 397 
VAL CG2  C  N N 398 
VAL OXT  O  N N 399 
VAL H    H  N N 400 
VAL H2   H  N N 401 
VAL HA   H  N N 402 
VAL HB   H  N N 403 
VAL HG11 H  N N 404 
VAL HG12 H  N N 405 
VAL HG13 H  N N 406 
VAL HG21 H  N N 407 
VAL HG22 H  N N 408 
VAL HG23 H  N N 409 
VAL HXT  H  N N 410 
# 
loop_
_chem_comp_bond.comp_id 
_chem_comp_bond.atom_id_1 
_chem_comp_bond.atom_id_2 
_chem_comp_bond.value_order 
_chem_comp_bond.pdbx_aromatic_flag 
_chem_comp_bond.pdbx_stereo_config 
_chem_comp_bond.pdbx_ordinal 
ALA N   CA   sing N N 1   
ALA N   H    sing N N 2   
ALA N   H2   sing N N 3   
ALA CA  C    sing N N 4   
ALA CA  CB   sing N N 5   
ALA CA  HA   sing N N 6   
ALA C   O    doub N N 7   
ALA C   OXT  sing N N 8   
ALA CB  HB1  sing N N 9   
ALA CB  HB2  sing N N 10  
ALA CB  HB3  sing N N 11  
ALA OXT HXT  sing N N 12  
ARG N   CA   sing N N 13  
ARG N   H    sing N N 14  
ARG N   H2   sing N N 15  
ARG CA  C    sing N N 16  
ARG CA  CB   sing N N 17  
ARG CA  HA   sing N N 18  
ARG C   O    doub N N 19  
ARG C   OXT  sing N N 20  
ARG CB  CG   sing N N 21  
ARG CB  HB2  sing N N 22  
ARG CB  HB3  sing N N 23  
ARG CG  CD   sing N N 24  
ARG CG  HG2  sing N N 25  
ARG CG  HG3  sing N N 26  
ARG CD  NE   sing N N 27  
ARG CD  HD2  sing N N 28  
ARG CD  HD3  sing N N 29  
ARG NE  CZ   sing N N 30  
ARG NE  HE   sing N N 31  
ARG CZ  NH1  sing N N 32  
ARG CZ  NH2  doub N N 33  
ARG NH1 HH11 sing N N 34  
ARG NH1 HH12 sing N N 35  
ARG NH2 HH21 sing N N 36  
ARG NH2 HH22 sing N N 37  
ARG OXT HXT  sing N N 38  
ASN N   CA   sing N N 39  
ASN N   H    sing N N 40  
ASN N   H2   sing N N 41  
ASN CA  C    sing N N 42  
ASN CA  CB   sing N N 43  
ASN CA  HA   sing N N 44  
ASN C   O    doub N N 45  
ASN C   OXT  sing N N 46  
ASN CB  CG   sing N N 47  
ASN CB  HB2  sing N N 48  
ASN CB  HB3  sing N N 49  
ASN CG  OD1  doub N N 50  
ASN CG  ND2  sing N N 51  
ASN ND2 HD21 sing N N 52  
ASN ND2 HD22 sing N N 53  
ASN OXT HXT  sing N N 54  
ASP N   CA   sing N N 55  
ASP N   H    sing N N 56  
ASP N   H2   sing N N 57  
ASP CA  C    sing N N 58  
ASP CA  CB   sing N N 59  
ASP CA  HA   sing N N 60  
ASP C   O    doub N N 61  
ASP C   OXT  sing N N 62  
ASP CB  CG   sing N N 63  
ASP CB  HB2  sing N N 64  
ASP CB  HB3  sing N N 65  
ASP CG  OD1  doub N N 66  
ASP CG  OD2  sing N N 67  
ASP OD2 HD2  sing N N 68  
ASP OXT HXT  sing N N 69  
CYS N   CA   sing N N 70  
CYS N   H    sing N N 71  
CYS N   H2   sing N N 72  
CYS CA  C    sing N N 73  
CYS CA  CB   sing N N 74  
CYS CA  HA   sing N N 75  
CYS C   O    doub N N 76  
CYS C   OXT  sing N N 77  
CYS CB  SG   sing N N 78  
CYS CB  HB2  sing N N 79  
CYS CB  HB3  sing N N 80  
CYS SG  HG   sing N N 81  
CYS OXT HXT  sing N N 82  
GLN N   CA   sing N N 83  
GLN N   H    sing N N 84  
GLN N   H2   sing N N 85  
GLN CA  C    sing N N 86  
GLN CA  CB   sing N N 87  
GLN CA  HA   sing N N 88  
GLN C   O    doub N N 89  
GLN C   OXT  sing N N 90  
GLN CB  CG   sing N N 91  
GLN CB  HB2  sing N N 92  
GLN CB  HB3  sing N N 93  
GLN CG  CD   sing N N 94  
GLN CG  HG2  sing N N 95  
GLN CG  HG3  sing N N 96  
GLN CD  OE1  doub N N 97  
GLN CD  NE2  sing N N 98  
GLN NE2 HE21 sing N N 99  
GLN NE2 HE22 sing N N 100 
GLN OXT HXT  sing N N 101 
GLU N   CA   sing N N 102 
GLU N   H    sing N N 103 
GLU N   H2   sing N N 104 
GLU CA  C    sing N N 105 
GLU CA  CB   sing N N 106 
GLU CA  HA   sing N N 107 
GLU C   O    doub N N 108 
GLU C   OXT  sing N N 109 
GLU CB  CG   sing N N 110 
GLU CB  HB2  sing N N 111 
GLU CB  HB3  sing N N 112 
GLU CG  CD   sing N N 113 
GLU CG  HG2  sing N N 114 
GLU CG  HG3  sing N N 115 
GLU CD  OE1  doub N N 116 
GLU CD  OE2  sing N N 117 
GLU OE2 HE2  sing N N 118 
GLU OXT HXT  sing N N 119 
GLY N   CA   sing N N 120 
GLY N   H    sing N N 121 
GLY N   H2   sing N N 122 
GLY CA  C    sing N N 123 
GLY CA  HA2  sing N N 124 
GLY CA  HA3  sing N N 125 
GLY C   O    doub N N 126 
GLY C   OXT  sing N N 127 
GLY OXT HXT  sing N N 128 
HIS N   CA   sing N N 129 
HIS N   H    sing N N 130 
HIS N   H2   sing N N 131 
HIS CA  C    sing N N 132 
HIS CA  CB   sing N N 133 
HIS CA  HA   sing N N 134 
HIS C   O    doub N N 135 
HIS C   OXT  sing N N 136 
HIS CB  CG   sing N N 137 
HIS CB  HB2  sing N N 138 
HIS CB  HB3  sing N N 139 
HIS CG  ND1  sing Y N 140 
HIS CG  CD2  doub Y N 141 
HIS ND1 CE1  doub Y N 142 
HIS ND1 HD1  sing N N 143 
HIS CD2 NE2  sing Y N 144 
HIS CD2 HD2  sing N N 145 
HIS CE1 NE2  sing Y N 146 
HIS CE1 HE1  sing N N 147 
HIS NE2 HE2  sing N N 148 
HIS OXT HXT  sing N N 149 
HOH O   H1   sing N N 150 
HOH O   H2   sing N N 151 
ILE N   CA   sing N N 152 
ILE N   H    sing N N 153 
ILE N   H2   sing N N 154 
ILE CA  C    sing N N 155 
ILE CA  CB   sing N N 156 
ILE CA  HA   sing N N 157 
ILE C   O    doub N N 158 
ILE C   OXT  sing N N 159 
ILE CB  CG1  sing N N 160 
ILE CB  CG2  sing N N 161 
ILE CB  HB   sing N N 162 
ILE CG1 CD1  sing N N 163 
ILE CG1 HG12 sing N N 164 
ILE CG1 HG13 sing N N 165 
ILE CG2 HG21 sing N N 166 
ILE CG2 HG22 sing N N 167 
ILE CG2 HG23 sing N N 168 
ILE CD1 HD11 sing N N 169 
ILE CD1 HD12 sing N N 170 
ILE CD1 HD13 sing N N 171 
ILE OXT HXT  sing N N 172 
LEU N   CA   sing N N 173 
LEU N   H    sing N N 174 
LEU N   H2   sing N N 175 
LEU CA  C    sing N N 176 
LEU CA  CB   sing N N 177 
LEU CA  HA   sing N N 178 
LEU C   O    doub N N 179 
LEU C   OXT  sing N N 180 
LEU CB  CG   sing N N 181 
LEU CB  HB2  sing N N 182 
LEU CB  HB3  sing N N 183 
LEU CG  CD1  sing N N 184 
LEU CG  CD2  sing N N 185 
LEU CG  HG   sing N N 186 
LEU CD1 HD11 sing N N 187 
LEU CD1 HD12 sing N N 188 
LEU CD1 HD13 sing N N 189 
LEU CD2 HD21 sing N N 190 
LEU CD2 HD22 sing N N 191 
LEU CD2 HD23 sing N N 192 
LEU OXT HXT  sing N N 193 
LYS N   CA   sing N N 194 
LYS N   H    sing N N 195 
LYS N   H2   sing N N 196 
LYS CA  C    sing N N 197 
LYS CA  CB   sing N N 198 
LYS CA  HA   sing N N 199 
LYS C   O    doub N N 200 
LYS C   OXT  sing N N 201 
LYS CB  CG   sing N N 202 
LYS CB  HB2  sing N N 203 
LYS CB  HB3  sing N N 204 
LYS CG  CD   sing N N 205 
LYS CG  HG2  sing N N 206 
LYS CG  HG3  sing N N 207 
LYS CD  CE   sing N N 208 
LYS CD  HD2  sing N N 209 
LYS CD  HD3  sing N N 210 
LYS CE  NZ   sing N N 211 
LYS CE  HE2  sing N N 212 
LYS CE  HE3  sing N N 213 
LYS NZ  HZ1  sing N N 214 
LYS NZ  HZ2  sing N N 215 
LYS NZ  HZ3  sing N N 216 
LYS OXT HXT  sing N N 217 
MET N   CA   sing N N 218 
MET N   H    sing N N 219 
MET N   H2   sing N N 220 
MET CA  C    sing N N 221 
MET CA  CB   sing N N 222 
MET CA  HA   sing N N 223 
MET C   O    doub N N 224 
MET C   OXT  sing N N 225 
MET CB  CG   sing N N 226 
MET CB  HB2  sing N N 227 
MET CB  HB3  sing N N 228 
MET CG  SD   sing N N 229 
MET CG  HG2  sing N N 230 
MET CG  HG3  sing N N 231 
MET SD  CE   sing N N 232 
MET CE  HE1  sing N N 233 
MET CE  HE2  sing N N 234 
MET CE  HE3  sing N N 235 
MET OXT HXT  sing N N 236 
MSE N   CA   sing N N 237 
MSE N   H    sing N N 238 
MSE N   H2   sing N N 239 
MSE CA  C    sing N N 240 
MSE CA  CB   sing N N 241 
MSE CA  HA   sing N N 242 
MSE C   O    doub N N 243 
MSE C   OXT  sing N N 244 
MSE OXT HXT  sing N N 245 
MSE CB  CG   sing N N 246 
MSE CB  HB2  sing N N 247 
MSE CB  HB3  sing N N 248 
MSE CG  SE   sing N N 249 
MSE CG  HG2  sing N N 250 
MSE CG  HG3  sing N N 251 
MSE SE  CE   sing N N 252 
MSE CE  HE1  sing N N 253 
MSE CE  HE2  sing N N 254 
MSE CE  HE3  sing N N 255 
PHE N   CA   sing N N 256 
PHE N   H    sing N N 257 
PHE N   H2   sing N N 258 
PHE CA  C    sing N N 259 
PHE CA  CB   sing N N 260 
PHE CA  HA   sing N N 261 
PHE C   O    doub N N 262 
PHE C   OXT  sing N N 263 
PHE CB  CG   sing N N 264 
PHE CB  HB2  sing N N 265 
PHE CB  HB3  sing N N 266 
PHE CG  CD1  doub Y N 267 
PHE CG  CD2  sing Y N 268 
PHE CD1 CE1  sing Y N 269 
PHE CD1 HD1  sing N N 270 
PHE CD2 CE2  doub Y N 271 
PHE CD2 HD2  sing N N 272 
PHE CE1 CZ   doub Y N 273 
PHE CE1 HE1  sing N N 274 
PHE CE2 CZ   sing Y N 275 
PHE CE2 HE2  sing N N 276 
PHE CZ  HZ   sing N N 277 
PHE OXT HXT  sing N N 278 
PRO N   CA   sing N N 279 
PRO N   CD   sing N N 280 
PRO N   H    sing N N 281 
PRO CA  C    sing N N 282 
PRO CA  CB   sing N N 283 
PRO CA  HA   sing N N 284 
PRO C   O    doub N N 285 
PRO C   OXT  sing N N 286 
PRO CB  CG   sing N N 287 
PRO CB  HB2  sing N N 288 
PRO CB  HB3  sing N N 289 
PRO CG  CD   sing N N 290 
PRO CG  HG2  sing N N 291 
PRO CG  HG3  sing N N 292 
PRO CD  HD2  sing N N 293 
PRO CD  HD3  sing N N 294 
PRO OXT HXT  sing N N 295 
SER N   CA   sing N N 296 
SER N   H    sing N N 297 
SER N   H2   sing N N 298 
SER CA  C    sing N N 299 
SER CA  CB   sing N N 300 
SER CA  HA   sing N N 301 
SER C   O    doub N N 302 
SER C   OXT  sing N N 303 
SER CB  OG   sing N N 304 
SER CB  HB2  sing N N 305 
SER CB  HB3  sing N N 306 
SER OG  HG   sing N N 307 
SER OXT HXT  sing N N 308 
THR N   CA   sing N N 309 
THR N   H    sing N N 310 
THR N   H2   sing N N 311 
THR CA  C    sing N N 312 
THR CA  CB   sing N N 313 
THR CA  HA   sing N N 314 
THR C   O    doub N N 315 
THR C   OXT  sing N N 316 
THR CB  OG1  sing N N 317 
THR CB  CG2  sing N N 318 
THR CB  HB   sing N N 319 
THR OG1 HG1  sing N N 320 
THR CG2 HG21 sing N N 321 
THR CG2 HG22 sing N N 322 
THR CG2 HG23 sing N N 323 
THR OXT HXT  sing N N 324 
TRP N   CA   sing N N 325 
TRP N   H    sing N N 326 
TRP N   H2   sing N N 327 
TRP CA  C    sing N N 328 
TRP CA  CB   sing N N 329 
TRP CA  HA   sing N N 330 
TRP C   O    doub N N 331 
TRP C   OXT  sing N N 332 
TRP CB  CG   sing N N 333 
TRP CB  HB2  sing N N 334 
TRP CB  HB3  sing N N 335 
TRP CG  CD1  doub Y N 336 
TRP CG  CD2  sing Y N 337 
TRP CD1 NE1  sing Y N 338 
TRP CD1 HD1  sing N N 339 
TRP CD2 CE2  doub Y N 340 
TRP CD2 CE3  sing Y N 341 
TRP NE1 CE2  sing Y N 342 
TRP NE1 HE1  sing N N 343 
TRP CE2 CZ2  sing Y N 344 
TRP CE3 CZ3  doub Y N 345 
TRP CE3 HE3  sing N N 346 
TRP CZ2 CH2  doub Y N 347 
TRP CZ2 HZ2  sing N N 348 
TRP CZ3 CH2  sing Y N 349 
TRP CZ3 HZ3  sing N N 350 
TRP CH2 HH2  sing N N 351 
TRP OXT HXT  sing N N 352 
TYR N   CA   sing N N 353 
TYR N   H    sing N N 354 
TYR N   H2   sing N N 355 
TYR CA  C    sing N N 356 
TYR CA  CB   sing N N 357 
TYR CA  HA   sing N N 358 
TYR C   O    doub N N 359 
TYR C   OXT  sing N N 360 
TYR CB  CG   sing N N 361 
TYR CB  HB2  sing N N 362 
TYR CB  HB3  sing N N 363 
TYR CG  CD1  doub Y N 364 
TYR CG  CD2  sing Y N 365 
TYR CD1 CE1  sing Y N 366 
TYR CD1 HD1  sing N N 367 
TYR CD2 CE2  doub Y N 368 
TYR CD2 HD2  sing N N 369 
TYR CE1 CZ   doub Y N 370 
TYR CE1 HE1  sing N N 371 
TYR CE2 CZ   sing Y N 372 
TYR CE2 HE2  sing N N 373 
TYR CZ  OH   sing N N 374 
TYR OH  HH   sing N N 375 
TYR OXT HXT  sing N N 376 
VAL N   CA   sing N N 377 
VAL N   H    sing N N 378 
VAL N   H2   sing N N 379 
VAL CA  C    sing N N 380 
VAL CA  CB   sing N N 381 
VAL CA  HA   sing N N 382 
VAL C   O    doub N N 383 
VAL C   OXT  sing N N 384 
VAL CB  CG1  sing N N 385 
VAL CB  CG2  sing N N 386 
VAL CB  HB   sing N N 387 
VAL CG1 HG11 sing N N 388 
VAL CG1 HG12 sing N N 389 
VAL CG1 HG13 sing N N 390 
VAL CG2 HG21 sing N N 391 
VAL CG2 HG22 sing N N 392 
VAL CG2 HG23 sing N N 393 
VAL OXT HXT  sing N N 394 
# 
_atom_sites.entry_id                    1P5T 
_atom_sites.fract_transf_matrix[1][1]   -0.01450749 
_atom_sites.fract_transf_matrix[1][2]   -0.01069917 
_atom_sites.fract_transf_matrix[1][3]   0.01633297 
_atom_sites.fract_transf_matrix[2][1]   0.00618621 
_atom_sites.fract_transf_matrix[2][2]   -0.01591997 
_atom_sites.fract_transf_matrix[2][3]   -0.00493383 
_atom_sites.fract_transf_matrix[3][1]   0.00724859 
_atom_sites.fract_transf_matrix[3][2]   0.00068270 
_atom_sites.fract_transf_matrix[3][3]   0.00688566 
_atom_sites.fract_transf_vector[1]      0.774687 
_atom_sites.fract_transf_vector[2]      0.377725 
_atom_sites.fract_transf_vector[3]      0.678050 
# 
loop_
_atom_type.symbol 
C  
N  
O  
S  
SE 
# 
loop_
_atom_site.group_PDB 
_atom_site.id 
_atom_site.type_symbol 
_atom_site.label_atom_id 
_atom_site.label_alt_id 
_atom_site.label_comp_id 
_atom_site.label_asym_id 
_atom_site.label_entity_id 
_atom_site.label_seq_id 
_atom_site.pdbx_PDB_ins_code 
_atom_site.Cartn_x 
_atom_site.Cartn_y 
_atom_site.Cartn_z 
_atom_site.occupancy 
_atom_site.B_iso_or_equiv 
_atom_site.pdbx_formal_charge 
_atom_site.auth_seq_id 
_atom_site.auth_comp_id 
_atom_site.auth_asym_id 
_atom_site.auth_atom_id 
_atom_site.pdbx_PDB_model_num 
HETATM 1    N  N   . MSE A 1 4   ? 2.360   5.846   -2.537  1.00 37.44 ? 4   MSE A N   1 
HETATM 2    C  CA  . MSE A 1 4   ? 1.256   4.842   -2.386  1.00 39.83 ? 4   MSE A CA  1 
HETATM 3    C  C   . MSE A 1 4   ? 1.092   3.835   -3.526  1.00 38.07 ? 4   MSE A C   1 
HETATM 4    O  O   . MSE A 1 4   ? 0.494   2.778   -3.341  1.00 37.97 ? 4   MSE A O   1 
HETATM 5    C  CB  . MSE A 1 4   ? -0.072  5.556   -2.177  1.00 64.02 ? 4   MSE A CB  1 
HETATM 6    C  CG  . MSE A 1 4   ? -0.285  6.013   -0.744  1.00 70.35 ? 4   MSE A CG  1 
HETATM 7    SE SE  . MSE A 1 4   ? -0.256  4.555   0.585   1.00 76.02 ? 4   MSE A SE  1 
HETATM 8    C  CE  . MSE A 1 4   ? -1.505  3.354   -0.301  1.00 74.60 ? 4   MSE A CE  1 
ATOM   9    N  N   . GLY A 1 5   ? 1.615   4.173   -4.701  1.00 57.48 ? 5   GLY A N   1 
ATOM   10   C  CA  . GLY A 1 5   ? 1.534   3.289   -5.857  1.00 54.12 ? 5   GLY A CA  1 
ATOM   11   C  C   . GLY A 1 5   ? 1.312   4.042   -7.162  1.00 51.57 ? 5   GLY A C   1 
ATOM   12   O  O   . GLY A 1 5   ? 0.877   5.194   -7.132  1.00 52.08 ? 5   GLY A O   1 
ATOM   13   N  N   . SER A 1 6   ? 1.617   3.411   -8.298  1.00 34.18 ? 6   SER A N   1 
ATOM   14   C  CA  . SER A 1 6   ? 1.400   4.041   -9.615  1.00 31.06 ? 6   SER A CA  1 
ATOM   15   C  C   . SER A 1 6   ? -0.083  4.392   -9.863  1.00 27.96 ? 6   SER A C   1 
ATOM   16   O  O   . SER A 1 6   ? -0.992  3.715   -9.395  1.00 27.09 ? 6   SER A O   1 
ATOM   17   C  CB  . SER A 1 6   ? 1.891   3.122   -10.737 1.00 30.45 ? 6   SER A CB  1 
ATOM   18   O  OG  . SER A 1 6   ? 3.302   3.046   -10.725 1.00 32.72 ? 6   SER A OG  1 
ATOM   19   N  N   . GLN A 1 7   ? -0.314  5.458   -10.610 1.00 30.67 ? 7   GLN A N   1 
ATOM   20   C  CA  . GLN A 1 7   ? -1.656  5.910   -10.906 1.00 29.00 ? 7   GLN A CA  1 
ATOM   21   C  C   . GLN A 1 7   ? -1.818  6.118   -12.398 1.00 28.67 ? 7   GLN A C   1 
ATOM   22   O  O   . GLN A 1 7   ? -0.889  6.562   -13.075 1.00 29.24 ? 7   GLN A O   1 
ATOM   23   C  CB  . GLN A 1 7   ? -1.917  7.216   -10.182 1.00 22.24 ? 7   GLN A CB  1 
ATOM   24   C  CG  . GLN A 1 7   ? -1.885  7.075   -8.709  1.00 23.06 ? 7   GLN A CG  1 
ATOM   25   C  CD  . GLN A 1 7   ? -2.261  8.361   -7.984  1.00 25.32 ? 7   GLN A CD  1 
ATOM   26   O  OE1 . GLN A 1 7   ? -2.436  8.366   -6.738  1.00 26.98 ? 7   GLN A OE1 1 
ATOM   27   N  NE2 . GLN A 1 7   ? -2.392  9.458   -8.739  1.00 23.19 ? 7   GLN A NE2 1 
ATOM   28   N  N   . PHE A 1 8   ? -3.004  5.813   -12.911 1.00 18.64 ? 8   PHE A N   1 
ATOM   29   C  CA  . PHE A 1 8   ? -3.250  5.964   -14.328 1.00 16.10 ? 8   PHE A CA  1 
ATOM   30   C  C   . PHE A 1 8   ? -4.631  6.561   -14.489 1.00 14.76 ? 8   PHE A C   1 
ATOM   31   O  O   . PHE A 1 8   ? -5.548  6.251   -13.712 1.00 12.11 ? 8   PHE A O   1 
ATOM   32   C  CB  . PHE A 1 8   ? -3.163  4.603   -15.030 1.00 25.54 ? 8   PHE A CB  1 
ATOM   33   C  CG  . PHE A 1 8   ? -1.931  3.812   -14.663 1.00 25.14 ? 8   PHE A CG  1 
ATOM   34   C  CD1 . PHE A 1 8   ? -1.852  3.144   -13.440 1.00 25.12 ? 8   PHE A CD1 1 
ATOM   35   C  CD2 . PHE A 1 8   ? -0.838  3.769   -15.518 1.00 24.22 ? 8   PHE A CD2 1 
ATOM   36   C  CE1 . PHE A 1 8   ? -0.689  2.440   -13.072 1.00 25.34 ? 8   PHE A CE1 1 
ATOM   37   C  CE2 . PHE A 1 8   ? 0.331   3.069   -15.160 1.00 24.44 ? 8   PHE A CE2 1 
ATOM   38   C  CZ  . PHE A 1 8   ? 0.406   2.407   -13.940 1.00 23.95 ? 8   PHE A CZ  1 
ATOM   39   N  N   . TRP A 1 9   ? -4.766  7.438   -15.479 1.00 18.32 ? 9   TRP A N   1 
ATOM   40   C  CA  . TRP A 1 9   ? -6.037  8.083   -15.744 1.00 20.37 ? 9   TRP A CA  1 
ATOM   41   C  C   . TRP A 1 9   ? -6.751  7.123   -16.683 1.00 19.76 ? 9   TRP A C   1 
ATOM   42   O  O   . TRP A 1 9   ? -6.270  6.862   -17.781 1.00 18.99 ? 9   TRP A O   1 
ATOM   43   C  CB  . TRP A 1 9   ? -5.806  9.464   -16.388 1.00 20.72 ? 9   TRP A CB  1 
ATOM   44   C  CG  . TRP A 1 9   ? -7.028  10.081  -17.011 1.00 22.71 ? 9   TRP A CG  1 
ATOM   45   C  CD1 . TRP A 1 9   ? -7.397  10.023  -18.332 1.00 21.88 ? 9   TRP A CD1 1 
ATOM   46   C  CD2 . TRP A 1 9   ? -8.039  10.852  -16.350 1.00 23.53 ? 9   TRP A CD2 1 
ATOM   47   N  NE1 . TRP A 1 9   ? -8.579  10.714  -18.535 1.00 21.13 ? 9   TRP A NE1 1 
ATOM   48   C  CE2 . TRP A 1 9   ? -8.994  11.235  -17.340 1.00 23.33 ? 9   TRP A CE2 1 
ATOM   49   C  CE3 . TRP A 1 9   ? -8.240  11.252  -15.022 1.00 24.36 ? 9   TRP A CE3 1 
ATOM   50   C  CZ2 . TRP A 1 9   ? -10.134 12.016  -17.042 1.00 25.55 ? 9   TRP A CZ2 1 
ATOM   51   C  CZ3 . TRP A 1 9   ? -9.387  12.030  -14.717 1.00 26.85 ? 9   TRP A CZ3 1 
ATOM   52   C  CH2 . TRP A 1 9   ? -10.319 12.401  -15.732 1.00 27.60 ? 9   TRP A CH2 1 
ATOM   53   N  N   . VAL A 1 10  ? -7.866  6.554   -16.234 1.00 19.51 ? 10  VAL A N   1 
ATOM   54   C  CA  . VAL A 1 10  ? -8.587  5.614   -17.088 1.00 21.21 ? 10  VAL A CA  1 
ATOM   55   C  C   . VAL A 1 10  ? -10.069 5.934   -17.225 1.00 21.75 ? 10  VAL A C   1 
ATOM   56   O  O   . VAL A 1 10  ? -10.653 6.657   -16.388 1.00 20.72 ? 10  VAL A O   1 
ATOM   57   C  CB  . VAL A 1 10  ? -8.414  4.143   -16.601 1.00 20.65 ? 10  VAL A CB  1 
ATOM   58   C  CG1 . VAL A 1 10  ? -6.928  3.751   -16.706 1.00 17.26 ? 10  VAL A CG1 1 
ATOM   59   C  CG2 . VAL A 1 10  ? -8.910  3.982   -15.140 1.00 20.01 ? 10  VAL A CG2 1 
ATOM   60   N  N   . THR A 1 11  ? -10.659 5.435   -18.310 1.00 20.93 ? 11  THR A N   1 
ATOM   61   C  CA  . THR A 1 11  ? -12.085 5.636   -18.561 1.00 21.98 ? 11  THR A CA  1 
ATOM   62   C  C   . THR A 1 11  ? -12.806 4.278   -18.478 1.00 22.45 ? 11  THR A C   1 
ATOM   63   O  O   . THR A 1 11  ? -12.380 3.264   -19.082 1.00 21.16 ? 11  THR A O   1 
ATOM   64   C  CB  . THR A 1 11  ? -12.330 6.227   -19.932 1.00 28.14 ? 11  THR A CB  1 
ATOM   65   O  OG1 . THR A 1 11  ? -11.317 7.198   -20.204 1.00 30.77 ? 11  THR A OG1 1 
ATOM   66   C  CG2 . THR A 1 11  ? -13.704 6.894   -19.974 1.00 27.26 ? 11  THR A CG2 1 
ATOM   67   N  N   . SER A 1 12  ? -13.897 4.266   -17.721 1.00 23.81 ? 12  SER A N   1 
ATOM   68   C  CA  . SER A 1 12  ? -14.676 3.053   -17.494 1.00 23.96 ? 12  SER A CA  1 
ATOM   69   C  C   . SER A 1 12  ? -15.469 2.624   -18.707 1.00 24.09 ? 12  SER A C   1 
ATOM   70   O  O   . SER A 1 12  ? -16.145 3.458   -19.292 1.00 24.46 ? 12  SER A O   1 
ATOM   71   C  CB  . SER A 1 12  ? -15.667 3.322   -16.351 1.00 17.31 ? 12  SER A CB  1 
ATOM   72   O  OG  . SER A 1 12  ? -16.386 2.159   -16.017 1.00 15.37 ? 12  SER A OG  1 
ATOM   73   N  N   . GLN A 1 13  ? -15.393 1.377   -19.146 1.00 26.34 ? 13  GLN A N   1 
ATOM   74   C  CA  . GLN A 1 13  ? -16.306 1.054   -20.238 1.00 31.02 ? 13  GLN A CA  1 
ATOM   75   C  C   . GLN A 1 13  ? -17.313 0.083   -19.648 1.00 30.34 ? 13  GLN A C   1 
ATOM   76   O  O   . GLN A 1 13  ? -16.955 -0.817  -18.899 1.00 31.30 ? 13  GLN A O   1 
ATOM   77   C  CB  . GLN A 1 13  ? -15.615 0.543   -21.504 1.00 60.22 ? 13  GLN A CB  1 
ATOM   78   C  CG  . GLN A 1 13  ? -15.150 -0.848  -21.535 1.00 67.20 ? 13  GLN A CG  1 
ATOM   79   C  CD  . GLN A 1 13  ? -14.342 -1.092  -22.794 1.00 71.24 ? 13  GLN A CD  1 
ATOM   80   O  OE1 . GLN A 1 13  ? -13.325 -0.430  -23.023 1.00 73.26 ? 13  GLN A OE1 1 
ATOM   81   N  NE2 . GLN A 1 13  ? -14.789 -2.036  -23.621 1.00 73.12 ? 13  GLN A NE2 1 
ATOM   82   N  N   . LYS A 1 14  ? -18.588 0.311   -19.961 1.00 26.80 ? 14  LYS A N   1 
ATOM   83   C  CA  . LYS A 1 14  ? -19.703 -0.436  -19.396 1.00 23.69 ? 14  LYS A CA  1 
ATOM   84   C  C   . LYS A 1 14  ? -19.703 -1.955  -19.303 1.00 22.75 ? 14  LYS A C   1 
ATOM   85   O  O   . LYS A 1 14  ? -19.522 -2.696  -20.288 1.00 21.53 ? 14  LYS A O   1 
ATOM   86   C  CB  . LYS A 1 14  ? -21.000 0.039   -20.043 1.00 36.01 ? 14  LYS A CB  1 
ATOM   87   C  CG  . LYS A 1 14  ? -22.253 -0.234  -19.227 1.00 39.69 ? 14  LYS A CG  1 
ATOM   88   C  CD  . LYS A 1 14  ? -23.529 0.127   -20.007 1.00 42.72 ? 14  LYS A CD  1 
ATOM   89   C  CE  . LYS A 1 14  ? -24.808 -0.457  -19.346 1.00 45.84 ? 14  LYS A CE  1 
ATOM   90   N  NZ  . LYS A 1 14  ? -26.098 -0.202  -20.125 1.00 46.34 ? 14  LYS A NZ  1 
ATOM   91   N  N   . THR A 1 15  ? -19.896 -2.395  -18.061 1.00 23.65 ? 15  THR A N   1 
ATOM   92   C  CA  . THR A 1 15  ? -20.038 -3.794  -17.704 1.00 21.57 ? 15  THR A CA  1 
ATOM   93   C  C   . THR A 1 15  ? -21.068 -3.757  -16.585 1.00 21.30 ? 15  THR A C   1 
ATOM   94   O  O   . THR A 1 15  ? -21.271 -2.716  -15.947 1.00 21.28 ? 15  THR A O   1 
ATOM   95   C  CB  . THR A 1 15  ? -18.771 -4.389  -17.125 1.00 20.33 ? 15  THR A CB  1 
ATOM   96   O  OG1 . THR A 1 15  ? -18.518 -3.787  -15.847 1.00 23.67 ? 15  THR A OG1 1 
ATOM   97   C  CG2 . THR A 1 15  ? -17.609 -4.146  -18.058 1.00 19.86 ? 15  THR A CG2 1 
ATOM   98   N  N   . GLU A 1 16  ? -21.716 -4.885  -16.335 1.00 21.85 ? 16  GLU A N   1 
ATOM   99   C  CA  . GLU A 1 16  ? -22.705 -4.962  -15.285 1.00 21.32 ? 16  GLU A CA  1 
ATOM   100  C  C   . GLU A 1 16  ? -22.136 -4.482  -13.941 1.00 21.05 ? 16  GLU A C   1 
ATOM   101  O  O   . GLU A 1 16  ? -22.759 -3.659  -13.256 1.00 20.92 ? 16  GLU A O   1 
ATOM   102  C  CB  . GLU A 1 16  ? -23.194 -6.403  -15.164 1.00 21.96 ? 16  GLU A CB  1 
ATOM   103  C  CG  . GLU A 1 16  ? -24.435 -6.617  -14.339 1.00 23.31 ? 16  GLU A CG  1 
ATOM   104  C  CD  . GLU A 1 16  ? -24.609 -8.090  -14.030 1.00 27.63 ? 16  GLU A CD  1 
ATOM   105  O  OE1 . GLU A 1 16  ? -24.322 -8.919  -14.942 1.00 28.62 ? 16  GLU A OE1 1 
ATOM   106  O  OE2 . GLU A 1 16  ? -25.025 -8.424  -12.885 1.00 29.85 ? 16  GLU A OE2 1 
ATOM   107  N  N   . ALA A 1 17  ? -20.954 -4.972  -13.570 1.00 19.06 ? 17  ALA A N   1 
ATOM   108  C  CA  . ALA A 1 17  ? -20.388 -4.599  -12.292 1.00 18.79 ? 17  ALA A CA  1 
ATOM   109  C  C   . ALA A 1 17  ? -20.180 -3.103  -12.220 1.00 19.14 ? 17  ALA A C   1 
ATOM   110  O  O   . ALA A 1 17  ? -20.486 -2.495  -11.189 1.00 18.91 ? 17  ALA A O   1 
ATOM   111  C  CB  . ALA A 1 17  ? -19.076 -5.327  -12.038 1.00 4.83  ? 17  ALA A CB  1 
ATOM   112  N  N   . SER A 1 18  ? -19.687 -2.490  -13.298 1.00 15.83 ? 18  SER A N   1 
ATOM   113  C  CA  . SER A 1 18  ? -19.442 -1.033  -13.249 1.00 15.33 ? 18  SER A CA  1 
ATOM   114  C  C   . SER A 1 18  ? -20.750 -0.288  -13.230 1.00 15.72 ? 18  SER A C   1 
ATOM   115  O  O   . SER A 1 18  ? -20.858 0.832   -12.734 1.00 16.85 ? 18  SER A O   1 
ATOM   116  C  CB  . SER A 1 18  ? -18.630 -0.563  -14.444 1.00 15.38 ? 18  SER A CB  1 
ATOM   117  O  OG  . SER A 1 18  ? -19.401 -0.662  -15.621 1.00 18.07 ? 18  SER A OG  1 
ATOM   118  N  N   . GLU A 1 19  ? -21.764 -0.915  -13.788 1.00 20.54 ? 19  GLU A N   1 
ATOM   119  C  CA  . GLU A 1 19  ? -23.070 -0.301  -13.828 1.00 21.07 ? 19  GLU A CA  1 
ATOM   120  C  C   . GLU A 1 19  ? -23.651 -0.317  -12.422 1.00 19.58 ? 19  GLU A C   1 
ATOM   121  O  O   . GLU A 1 19  ? -24.181 0.685   -11.949 1.00 18.57 ? 19  GLU A O   1 
ATOM   122  C  CB  . GLU A 1 19  ? -23.959 -1.051  -14.821 1.00 53.85 ? 19  GLU A CB  1 
ATOM   123  C  CG  . GLU A 1 19  ? -24.901 -0.135  -15.564 1.00 59.50 ? 19  GLU A CG  1 
ATOM   124  C  CD  . GLU A 1 19  ? -24.192 1.075   -16.192 1.00 66.20 ? 19  GLU A CD  1 
ATOM   125  O  OE1 . GLU A 1 19  ? -23.314 1.704   -15.542 1.00 67.74 ? 19  GLU A OE1 1 
ATOM   126  O  OE2 . GLU A 1 19  ? -24.533 1.417   -17.344 1.00 69.72 ? 19  GLU A OE2 1 
ATOM   127  N  N   . ARG A 1 20  ? -23.540 -1.457  -11.756 1.00 15.31 ? 20  ARG A N   1 
ATOM   128  C  CA  . ARG A 1 20  ? -24.040 -1.631  -10.392 1.00 16.18 ? 20  ARG A CA  1 
ATOM   129  C  C   . ARG A 1 20  ? -23.368 -0.627  -9.477  1.00 16.65 ? 20  ARG A C   1 
ATOM   130  O  O   . ARG A 1 20  ? -24.019 -0.026  -8.619  1.00 16.31 ? 20  ARG A O   1 
ATOM   131  C  CB  . ARG A 1 20  ? -23.716 -3.038  -9.882  1.00 26.82 ? 20  ARG A CB  1 
ATOM   132  C  CG  . ARG A 1 20  ? -24.253 -3.320  -8.489  1.00 29.06 ? 20  ARG A CG  1 
ATOM   133  C  CD  . ARG A 1 20  ? -24.132 -4.790  -8.146  1.00 27.69 ? 20  ARG A CD  1 
ATOM   134  N  NE  . ARG A 1 20  ? -22.733 -5.195  -8.047  1.00 27.95 ? 20  ARG A NE  1 
ATOM   135  C  CZ  . ARG A 1 20  ? -22.160 -6.109  -8.823  1.00 28.55 ? 20  ARG A CZ  1 
ATOM   136  N  NH1 . ARG A 1 20  ? -22.851 -6.720  -9.776  1.00 28.67 ? 20  ARG A NH1 1 
ATOM   137  N  NH2 . ARG A 1 20  ? -20.902 -6.443  -8.614  1.00 29.98 ? 20  ARG A NH2 1 
ATOM   138  N  N   . CYS A 1 21  ? -22.066 -0.433  -9.661  1.00 21.71 ? 21  CYS A N   1 
ATOM   139  C  CA  . CYS A 1 21  ? -21.335 0.518   -8.829  1.00 21.53 ? 21  CYS A CA  1 
ATOM   140  C  C   . CYS A 1 21  ? -21.457 1.950   -9.327  1.00 20.69 ? 21  CYS A C   1 
ATOM   141  O  O   . CYS A 1 21  ? -20.673 2.818   -8.933  1.00 19.63 ? 21  CYS A O   1 
ATOM   142  C  CB  . CYS A 1 21  ? -19.873 0.118   -8.768  1.00 19.90 ? 21  CYS A CB  1 
ATOM   143  S  SG  . CYS A 1 21  ? -19.785 -1.508  -8.115  1.00 15.99 ? 21  CYS A SG  1 
ATOM   144  N  N   . GLY A 1 22  ? -22.437 2.175   -10.198 1.00 15.36 ? 22  GLY A N   1 
ATOM   145  C  CA  . GLY A 1 22  ? -22.685 3.496   -10.744 1.00 14.93 ? 22  GLY A CA  1 
ATOM   146  C  C   . GLY A 1 22  ? -21.450 4.145   -11.328 1.00 16.38 ? 22  GLY A C   1 
ATOM   147  O  O   . GLY A 1 22  ? -21.324 5.370   -11.322 1.00 14.71 ? 22  GLY A O   1 
ATOM   148  N  N   . LEU A 1 23  ? -20.517 3.340   -11.824 1.00 22.65 ? 23  LEU A N   1 
ATOM   149  C  CA  . LEU A 1 23  ? -19.327 3.928   -12.415 1.00 24.73 ? 23  LEU A CA  1 
ATOM   150  C  C   . LEU A 1 23  ? -19.676 4.515   -13.782 1.00 26.88 ? 23  LEU A C   1 
ATOM   151  O  O   . LEU A 1 23  ? -20.427 3.914   -14.581 1.00 27.89 ? 23  LEU A O   1 
ATOM   152  C  CB  . LEU A 1 23  ? -18.221 2.879   -12.574 1.00 17.41 ? 23  LEU A CB  1 
ATOM   153  C  CG  . LEU A 1 23  ? -17.694 2.297   -11.269 1.00 15.84 ? 23  LEU A CG  1 
ATOM   154  C  CD1 . LEU A 1 23  ? -16.474 1.464   -11.601 1.00 15.67 ? 23  LEU A CD1 1 
ATOM   155  C  CD2 . LEU A 1 23  ? -17.348 3.405   -10.293 1.00 14.55 ? 23  LEU A CD2 1 
ATOM   156  N  N   . GLN A 1 24  ? -19.111 5.687   -14.055 1.00 24.89 ? 24  GLN A N   1 
ATOM   157  C  CA  . GLN A 1 24  ? -19.348 6.370   -15.313 1.00 27.03 ? 24  GLN A CA  1 
ATOM   158  C  C   . GLN A 1 24  ? -18.234 7.369   -15.517 1.00 25.96 ? 24  GLN A C   1 
ATOM   159  O  O   . GLN A 1 24  ? -17.855 8.099   -14.590 1.00 26.43 ? 24  GLN A O   1 
ATOM   160  C  CB  . GLN A 1 24  ? -20.707 7.077   -15.266 1.00 58.05 ? 24  GLN A CB  1 
ATOM   161  C  CG  . GLN A 1 24  ? -20.977 8.101   -16.367 1.00 64.07 ? 24  GLN A CG  1 
ATOM   162  C  CD  . GLN A 1 24  ? -20.447 9.498   -16.029 1.00 68.50 ? 24  GLN A CD  1 
ATOM   163  O  OE1 . GLN A 1 24  ? -20.577 9.964   -14.895 1.00 70.34 ? 24  GLN A OE1 1 
ATOM   164  N  NE2 . GLN A 1 24  ? -19.865 10.176  -17.019 1.00 70.61 ? 24  GLN A NE2 1 
ATOM   165  N  N   . GLY A 1 25  ? -17.697 7.380   -16.733 1.00 24.94 ? 25  GLY A N   1 
ATOM   166  C  CA  . GLY A 1 25  ? -16.639 8.311   -17.073 1.00 23.65 ? 25  GLY A CA  1 
ATOM   167  C  C   . GLY A 1 25  ? -15.227 7.886   -16.712 1.00 24.62 ? 25  GLY A C   1 
ATOM   168  O  O   . GLY A 1 25  ? -14.886 6.691   -16.650 1.00 24.41 ? 25  GLY A O   1 
ATOM   169  N  N   . SER A 1 26  ? -14.416 8.900   -16.437 1.00 24.97 ? 26  SER A N   1 
ATOM   170  C  CA  . SER A 1 26  ? -13.012 8.714   -16.139 1.00 24.70 ? 26  SER A CA  1 
ATOM   171  C  C   . SER A 1 26  ? -12.611 8.721   -14.652 1.00 23.37 ? 26  SER A C   1 
ATOM   172  O  O   . SER A 1 26  ? -13.224 9.426   -13.839 1.00 21.23 ? 26  SER A O   1 
ATOM   173  C  CB  . SER A 1 26  ? -12.213 9.786   -16.913 1.00 24.17 ? 26  SER A CB  1 
ATOM   174  O  OG  . SER A 1 26  ? -12.329 9.617   -18.325 1.00 23.84 ? 26  SER A OG  1 
ATOM   175  N  N   . TYR A 1 27  ? -11.579 7.928   -14.321 1.00 16.62 ? 27  TYR A N   1 
ATOM   176  C  CA  . TYR A 1 27  ? -11.052 7.825   -12.953 1.00 14.92 ? 27  TYR A CA  1 
ATOM   177  C  C   . TYR A 1 27  ? -9.560  7.574   -12.934 1.00 13.70 ? 27  TYR A C   1 
ATOM   178  O  O   . TYR A 1 27  ? -8.906  7.366   -13.978 1.00 12.72 ? 27  TYR A O   1 
ATOM   179  C  CB  . TYR A 1 27  ? -11.649 6.632   -12.203 1.00 22.31 ? 27  TYR A CB  1 
ATOM   180  C  CG  . TYR A 1 27  ? -13.140 6.610   -12.139 1.00 23.75 ? 27  TYR A CG  1 
ATOM   181  C  CD1 . TYR A 1 27  ? -13.915 6.311   -13.285 1.00 24.51 ? 27  TYR A CD1 1 
ATOM   182  C  CD2 . TYR A 1 27  ? -13.796 6.897   -10.946 1.00 22.58 ? 27  TYR A CD2 1 
ATOM   183  C  CE1 . TYR A 1 27  ? -15.320 6.301   -13.233 1.00 23.00 ? 27  TYR A CE1 1 
ATOM   184  C  CE2 . TYR A 1 27  ? -15.203 6.890   -10.887 1.00 22.70 ? 27  TYR A CE2 1 
ATOM   185  C  CZ  . TYR A 1 27  ? -15.946 6.588   -12.027 1.00 20.84 ? 27  TYR A CZ  1 
ATOM   186  O  OH  . TYR A 1 27  ? -17.303 6.535   -11.924 1.00 21.78 ? 27  TYR A OH  1 
ATOM   187  N  N   . ILE A 1 28  ? -9.032  7.567   -11.721 1.00 18.26 ? 28  ILE A N   1 
ATOM   188  C  CA  . ILE A 1 28  ? -7.630  7.258   -11.515 1.00 20.53 ? 28  ILE A CA  1 
ATOM   189  C  C   . ILE A 1 28  ? -7.607  5.817   -10.929 1.00 20.40 ? 28  ILE A C   1 
ATOM   190  O  O   . ILE A 1 28  ? -8.289  5.540   -9.946  1.00 21.14 ? 28  ILE A O   1 
ATOM   191  C  CB  . ILE A 1 28  ? -6.981  8.252   -10.485 1.00 22.68 ? 28  ILE A CB  1 
ATOM   192  C  CG1 . ILE A 1 28  ? -6.980  9.683   -11.060 1.00 22.49 ? 28  ILE A CG1 1 
ATOM   193  C  CG2 . ILE A 1 28  ? -5.574  7.751   -10.074 1.00 19.96 ? 28  ILE A CG2 1 
ATOM   194  C  CD1 . ILE A 1 28  ? -5.969  9.894   -12.088 1.00 22.38 ? 28  ILE A CD1 1 
ATOM   195  N  N   . LEU A 1 29  ? -6.890  4.896   -11.563 1.00 17.73 ? 29  LEU A N   1 
ATOM   196  C  CA  . LEU A 1 29  ? -6.777  3.530   -11.045 1.00 18.28 ? 29  LEU A CA  1 
ATOM   197  C  C   . LEU A 1 29  ? -5.353  3.543   -10.457 1.00 19.53 ? 29  LEU A C   1 
ATOM   198  O  O   . LEU A 1 29  ? -4.401  3.979   -11.130 1.00 20.49 ? 29  LEU A O   1 
ATOM   199  C  CB  . LEU A 1 29  ? -6.882  2.513   -12.190 1.00 17.09 ? 29  LEU A CB  1 
ATOM   200  C  CG  . LEU A 1 29  ? -6.800  1.009   -11.890 1.00 15.99 ? 29  LEU A CG  1 
ATOM   201  C  CD1 . LEU A 1 29  ? -7.914  0.606   -10.919 1.00 14.76 ? 29  LEU A CD1 1 
ATOM   202  C  CD2 . LEU A 1 29  ? -6.949  0.209   -13.207 1.00 14.04 ? 29  LEU A CD2 1 
ATOM   203  N  N   . ARG A 1 30  ? -5.202  3.116   -9.200  1.00 20.69 ? 30  ARG A N   1 
ATOM   204  C  CA  . ARG A 1 30  ? -3.904  3.117   -8.536  1.00 19.01 ? 30  ARG A CA  1 
ATOM   205  C  C   . ARG A 1 30  ? -3.506  1.703   -8.170  1.00 19.01 ? 30  ARG A C   1 
ATOM   206  O  O   . ARG A 1 30  ? -4.265  0.979   -7.504  1.00 19.16 ? 30  ARG A O   1 
ATOM   207  C  CB  . ARG A 1 30  ? -3.954  3.964   -7.263  1.00 25.07 ? 30  ARG A CB  1 
ATOM   208  C  CG  . ARG A 1 30  ? -2.597  4.035   -6.577  1.00 27.54 ? 30  ARG A CG  1 
ATOM   209  C  CD  . ARG A 1 30  ? -2.725  4.371   -5.104  1.00 31.75 ? 30  ARG A CD  1 
ATOM   210  N  NE  . ARG A 1 30  ? -3.331  5.677   -4.894  1.00 35.15 ? 30  ARG A NE  1 
ATOM   211  C  CZ  . ARG A 1 30  ? -3.994  6.029   -3.791  1.00 37.10 ? 30  ARG A CZ  1 
ATOM   212  N  NH1 . ARG A 1 30  ? -4.147  5.176   -2.780  1.00 37.89 ? 30  ARG A NH1 1 
ATOM   213  N  NH2 . ARG A 1 30  ? -4.520  7.241   -3.702  1.00 39.10 ? 30  ARG A NH2 1 
ATOM   214  N  N   . VAL A 1 31  ? -2.321  1.289   -8.594  1.00 18.67 ? 31  VAL A N   1 
ATOM   215  C  CA  . VAL A 1 31  ? -1.880  -0.066  -8.276  1.00 19.20 ? 31  VAL A CA  1 
ATOM   216  C  C   . VAL A 1 31  ? -1.106  0.007   -6.963  1.00 19.88 ? 31  VAL A C   1 
ATOM   217  O  O   . VAL A 1 31  ? -0.058  0.659   -6.895  1.00 20.10 ? 31  VAL A O   1 
ATOM   218  C  CB  . VAL A 1 31  ? -0.977  -0.649  -9.410  1.00 20.50 ? 31  VAL A CB  1 
ATOM   219  C  CG1 . VAL A 1 31  ? -0.496  -2.037  -9.034  1.00 21.02 ? 31  VAL A CG1 1 
ATOM   220  C  CG2 . VAL A 1 31  ? -1.755  -0.736  -10.719 1.00 18.36 ? 31  VAL A CG2 1 
ATOM   221  N  N   . GLU A 1 32  ? -1.623  -0.622  -5.911  1.00 23.34 ? 32  GLU A N   1 
ATOM   222  C  CA  . GLU A 1 32  ? -0.922  -0.580  -4.628  1.00 23.65 ? 32  GLU A CA  1 
ATOM   223  C  C   . GLU A 1 32  ? -0.293  -1.914  -4.270  1.00 23.73 ? 32  GLU A C   1 
ATOM   224  O  O   . GLU A 1 32  ? -0.233  -2.825  -5.092  1.00 24.36 ? 32  GLU A O   1 
ATOM   225  C  CB  . GLU A 1 32  ? -1.866  -0.138  -3.516  1.00 20.43 ? 32  GLU A CB  1 
ATOM   226  C  CG  . GLU A 1 32  ? -2.580  1.137   -3.857  1.00 20.82 ? 32  GLU A CG  1 
ATOM   227  C  CD  . GLU A 1 32  ? -3.399  1.669   -2.697  1.00 23.02 ? 32  GLU A CD  1 
ATOM   228  O  OE1 . GLU A 1 32  ? -4.218  2.594   -2.921  1.00 21.41 ? 32  GLU A OE1 1 
ATOM   229  O  OE2 . GLU A 1 32  ? -3.213  1.155   -1.559  1.00 22.72 ? 32  GLU A OE2 1 
ATOM   230  N  N   . ALA A 1 33  ? 0.154   -2.038  -3.032  1.00 16.73 ? 33  ALA A N   1 
ATOM   231  C  CA  . ALA A 1 33  ? 0.821   -3.256  -2.586  1.00 18.32 ? 33  ALA A CA  1 
ATOM   232  C  C   . ALA A 1 33  ? -0.083  -4.475  -2.474  1.00 19.54 ? 33  ALA A C   1 
ATOM   233  O  O   . ALA A 1 33  ? 0.370   -5.579  -2.731  1.00 20.01 ? 33  ALA A O   1 
ATOM   234  C  CB  . ALA A 1 33  ? 1.532   -3.005  -1.238  1.00 19.31 ? 33  ALA A CB  1 
ATOM   235  N  N   . GLU A 1 34  ? -1.346  -4.300  -2.076  1.00 32.99 ? 34  GLU A N   1 
ATOM   236  C  CA  . GLU A 1 34  ? -2.259  -5.449  -1.931  1.00 33.74 ? 34  GLU A CA  1 
ATOM   237  C  C   . GLU A 1 34  ? -3.594  -5.221  -2.565  1.00 32.87 ? 34  GLU A C   1 
ATOM   238  O  O   . GLU A 1 34  ? -4.528  -5.981  -2.335  1.00 34.62 ? 34  GLU A O   1 
ATOM   239  C  CB  . GLU A 1 34  ? -2.520  -5.772  -0.462  1.00 29.92 ? 34  GLU A CB  1 
ATOM   240  C  CG  . GLU A 1 34  ? -2.300  -4.603  0.463   1.00 31.66 ? 34  GLU A CG  1 
ATOM   241  C  CD  . GLU A 1 34  ? -3.344  -3.496  0.392   1.00 31.75 ? 34  GLU A CD  1 
ATOM   242  O  OE1 . GLU A 1 34  ? -4.426  -3.657  1.000   1.00 33.64 ? 34  GLU A OE1 1 
ATOM   243  O  OE2 . GLU A 1 34  ? -3.071  -2.458  -0.249  1.00 31.19 ? 34  GLU A OE2 1 
ATOM   244  N  N   . LYS A 1 35  ? -3.704  -4.160  -3.341  1.00 28.48 ? 35  LYS A N   1 
ATOM   245  C  CA  . LYS A 1 35  ? -4.961  -3.881  -3.971  1.00 26.85 ? 35  LYS A CA  1 
ATOM   246  C  C   . LYS A 1 35  ? -4.855  -2.804  -5.015  1.00 27.20 ? 35  LYS A C   1 
ATOM   247  O  O   . LYS A 1 35  ? -3.855  -2.086  -5.089  1.00 27.74 ? 35  LYS A O   1 
ATOM   248  C  CB  . LYS A 1 35  ? -5.978  -3.472  -2.912  1.00 15.78 ? 35  LYS A CB  1 
ATOM   249  C  CG  . LYS A 1 35  ? -5.565  -2.313  -2.100  1.00 12.68 ? 35  LYS A CG  1 
ATOM   250  C  CD  . LYS A 1 35  ? -6.812  -1.506  -1.857  1.00 14.94 ? 35  LYS A CD  1 
ATOM   251  C  CE  . LYS A 1 35  ? -6.885  -0.960  -0.452  1.00 13.41 ? 35  LYS A CE  1 
ATOM   252  N  NZ  . LYS A 1 35  ? -5.581  -0.266  -0.183  1.00 14.42 ? 35  LYS A NZ  1 
ATOM   253  N  N   . LEU A 1 36  ? -5.889  -2.747  -5.851  1.00 25.18 ? 36  LEU A N   1 
ATOM   254  C  CA  . LEU A 1 36  ? -6.028  -1.734  -6.884  1.00 23.12 ? 36  LEU A CA  1 
ATOM   255  C  C   . LEU A 1 36  ? -7.075  -0.839  -6.274  1.00 23.24 ? 36  LEU A C   1 
ATOM   256  O  O   . LEU A 1 36  ? -8.063  -1.336  -5.725  1.00 23.78 ? 36  LEU A O   1 
ATOM   257  C  CB  . LEU A 1 36  ? -6.658  -2.308  -8.140  1.00 26.22 ? 36  LEU A CB  1 
ATOM   258  C  CG  . LEU A 1 36  ? -5.899  -3.173  -9.124  1.00 25.44 ? 36  LEU A CG  1 
ATOM   259  C  CD1 . LEU A 1 36  ? -6.889  -3.589  -10.219 1.00 25.65 ? 36  LEU A CD1 1 
ATOM   260  C  CD2 . LEU A 1 36  ? -4.722  -2.380  -9.716  1.00 25.42 ? 36  LEU A CD2 1 
ATOM   261  N  N   . THR A 1 37  ? -6.898  0.463   -6.372  1.00 24.09 ? 37  THR A N   1 
ATOM   262  C  CA  . THR A 1 37  ? -7.909  1.366   -5.829  1.00 23.49 ? 37  THR A CA  1 
ATOM   263  C  C   . THR A 1 37  ? -8.452  2.215   -6.985  1.00 24.67 ? 37  THR A C   1 
ATOM   264  O  O   . THR A 1 37  ? -7.680  2.571   -7.893  1.00 24.21 ? 37  THR A O   1 
ATOM   265  C  CB  . THR A 1 37  ? -7.272  2.329   -4.782  1.00 17.08 ? 37  THR A CB  1 
ATOM   266  O  OG1 . THR A 1 37  ? -6.730  1.570   -3.692  1.00 15.34 ? 37  THR A OG1 1 
ATOM   267  C  CG2 . THR A 1 37  ? -8.278  3.324   -4.284  1.00 12.55 ? 37  THR A CG2 1 
ATOM   268  N  N   . LEU A 1 38  ? -9.757  2.522   -6.996  1.00 19.37 ? 38  LEU A N   1 
ATOM   269  C  CA  . LEU A 1 38  ? -10.277 3.426   -8.040  1.00 17.68 ? 38  LEU A CA  1 
ATOM   270  C  C   . LEU A 1 38  ? -10.534 4.731   -7.287  1.00 16.76 ? 38  LEU A C   1 
ATOM   271  O  O   . LEU A 1 38  ? -11.146 4.692   -6.218  1.00 16.27 ? 38  LEU A O   1 
ATOM   272  C  CB  . LEU A 1 38  ? -11.574 2.910   -8.658  1.00 19.80 ? 38  LEU A CB  1 
ATOM   273  C  CG  . LEU A 1 38  ? -12.110 3.812   -9.782  1.00 18.32 ? 38  LEU A CG  1 
ATOM   274  C  CD1 . LEU A 1 38  ? -11.349 3.538   -11.061 1.00 16.95 ? 38  LEU A CD1 1 
ATOM   275  C  CD2 . LEU A 1 38  ? -13.590 3.545   -10.020 1.00 17.68 ? 38  LEU A CD2 1 
ATOM   276  N  N   . LEU A 1 39  ? -10.067 5.866   -7.812  1.00 16.54 ? 39  LEU A N   1 
ATOM   277  C  CA  . LEU A 1 39  ? -10.239 7.164   -7.132  1.00 17.48 ? 39  LEU A CA  1 
ATOM   278  C  C   . LEU A 1 39  ? -10.944 8.264   -7.934  1.00 17.82 ? 39  LEU A C   1 
ATOM   279  O  O   . LEU A 1 39  ? -10.959 8.229   -9.163  1.00 17.71 ? 39  LEU A O   1 
ATOM   280  C  CB  . LEU A 1 39  ? -8.873  7.739   -6.699  1.00 16.77 ? 39  LEU A CB  1 
ATOM   281  C  CG  . LEU A 1 39  ? -7.900  6.901   -5.860  1.00 17.69 ? 39  LEU A CG  1 
ATOM   282  C  CD1 . LEU A 1 39  ? -6.887  6.219   -6.777  1.00 18.87 ? 39  LEU A CD1 1 
ATOM   283  C  CD2 . LEU A 1 39  ? -7.144  7.785   -4.904  1.00 16.73 ? 39  LEU A CD2 1 
ATOM   284  N  N   . THR A 1 40  ? -11.513 9.250   -7.231  1.00 11.58 ? 40  THR A N   1 
ATOM   285  C  CA  . THR A 1 40  ? -12.150 10.401  -7.895  1.00 12.59 ? 40  THR A CA  1 
ATOM   286  C  C   . THR A 1 40  ? -11.884 11.648  -7.114  1.00 11.94 ? 40  THR A C   1 
ATOM   287  O  O   . THR A 1 40  ? -11.517 11.595  -5.954  1.00 10.29 ? 40  THR A O   1 
ATOM   288  C  CB  . THR A 1 40  ? -13.678 10.366  -7.970  1.00 27.41 ? 40  THR A CB  1 
ATOM   289  O  OG1 . THR A 1 40  ? -14.158 9.027   -7.832  1.00 30.21 ? 40  THR A OG1 1 
ATOM   290  C  CG2 . THR A 1 40  ? -14.105 10.947  -9.311  1.00 27.71 ? 40  THR A CG2 1 
ATOM   291  N  N   . LEU A 1 41  ? -12.073 12.793  -7.738  1.00 27.04 ? 41  LEU A N   1 
ATOM   292  C  CA  . LEU A 1 41  ? -11.872 14.016  -6.986  1.00 29.90 ? 41  LEU A CA  1 
ATOM   293  C  C   . LEU A 1 41  ? -12.977 14.029  -5.942  1.00 31.45 ? 41  LEU A C   1 
ATOM   294  O  O   . LEU A 1 41  ? -14.135 13.759  -6.264  1.00 31.74 ? 41  LEU A O   1 
ATOM   295  C  CB  . LEU A 1 41  ? -12.013 15.246  -7.883  1.00 25.28 ? 41  LEU A CB  1 
ATOM   296  C  CG  . LEU A 1 41  ? -10.867 15.513  -8.859  1.00 25.89 ? 41  LEU A CG  1 
ATOM   297  C  CD1 . LEU A 1 41  ? -11.242 16.718  -9.749  1.00 25.61 ? 41  LEU A CD1 1 
ATOM   298  C  CD2 . LEU A 1 41  ? -9.585  15.790  -8.103  1.00 21.28 ? 41  LEU A CD2 1 
ATOM   299  N  N   . GLY A 1 42  ? -12.624 14.292  -4.686  1.00 26.97 ? 42  GLY A N   1 
ATOM   300  C  CA  . GLY A 1 42  ? -13.646 14.388  -3.658  1.00 28.51 ? 42  GLY A CA  1 
ATOM   301  C  C   . GLY A 1 42  ? -14.480 15.614  -4.010  1.00 29.86 ? 42  GLY A C   1 
ATOM   302  O  O   . GLY A 1 42  ? -13.942 16.647  -4.445  1.00 28.64 ? 42  GLY A O   1 
ATOM   303  N  N   . ALA A 1 43  ? -15.795 15.492  -3.848  1.00 48.50 ? 43  ALA A N   1 
ATOM   304  C  CA  . ALA A 1 43  ? -16.734 16.574  -4.156  1.00 50.40 ? 43  ALA A CA  1 
ATOM   305  C  C   . ALA A 1 43  ? -16.505 17.757  -3.225  1.00 52.17 ? 43  ALA A C   1 
ATOM   306  O  O   . ALA A 1 43  ? -16.591 18.923  -3.620  1.00 53.54 ? 43  ALA A O   1 
ATOM   307  C  CB  . ALA A 1 43  ? -18.147 16.060  -4.012  1.00 19.08 ? 43  ALA A CB  1 
ATOM   308  N  N   . GLN A 1 44  ? -16.201 17.426  -1.980  1.00 40.93 ? 44  GLN A N   1 
ATOM   309  C  CA  . GLN A 1 44  ? -15.930 18.403  -0.940  1.00 42.50 ? 44  GLN A CA  1 
ATOM   310  C  C   . GLN A 1 44  ? -14.420 18.729  -0.910  1.00 41.90 ? 44  GLN A C   1 
ATOM   311  O  O   . GLN A 1 44  ? -13.989 19.861  -1.175  1.00 40.44 ? 44  GLN A O   1 
ATOM   312  C  CB  . GLN A 1 44  ? -16.379 17.805  0.406   1.00 68.48 ? 44  GLN A CB  1 
ATOM   313  C  CG  . GLN A 1 44  ? -16.105 18.655  1.629   1.00 70.32 ? 44  GLN A CG  1 
ATOM   314  C  CD  . GLN A 1 44  ? -17.030 19.836  1.726   1.00 71.86 ? 44  GLN A CD  1 
ATOM   315  O  OE1 . GLN A 1 44  ? -17.020 20.547  2.721   1.00 73.53 ? 44  GLN A OE1 1 
ATOM   316  N  NE2 . GLN A 1 44  ? -17.839 20.053  0.692   1.00 72.30 ? 44  GLN A NE2 1 
ATOM   317  N  N   . SER A 1 45  ? -13.627 17.707  -0.595  1.00 47.90 ? 45  SER A N   1 
ATOM   318  C  CA  . SER A 1 45  ? -12.179 17.830  -0.476  1.00 47.01 ? 45  SER A CA  1 
ATOM   319  C  C   . SER A 1 45  ? -11.474 18.331  -1.726  1.00 47.37 ? 45  SER A C   1 
ATOM   320  O  O   . SER A 1 45  ? -10.398 18.921  -1.655  1.00 47.77 ? 45  SER A O   1 
ATOM   321  C  CB  . SER A 1 45  ? -11.606 16.475  -0.099  1.00 45.78 ? 45  SER A CB  1 
ATOM   322  O  OG  . SER A 1 45  ? -11.956 15.512  -1.080  1.00 46.18 ? 45  SER A OG  1 
ATOM   323  N  N   . GLN A 1 46  ? -12.077 18.069  -2.875  1.00 47.37 ? 46  GLN A N   1 
ATOM   324  C  CA  . GLN A 1 46  ? -11.508 18.456  -4.154  1.00 46.79 ? 46  GLN A CA  1 
ATOM   325  C  C   . GLN A 1 46  ? -10.094 17.925  -4.380  1.00 45.64 ? 46  GLN A C   1 
ATOM   326  O  O   . GLN A 1 46  ? -9.294  18.556  -5.059  1.00 45.15 ? 46  GLN A O   1 
ATOM   327  C  CB  . GLN A 1 46  ? -11.527 19.970  -4.320  1.00 51.55 ? 46  GLN A CB  1 
ATOM   328  C  CG  . GLN A 1 46  ? -11.709 20.389  -5.781  1.00 54.19 ? 46  GLN A CG  1 
ATOM   329  C  CD  . GLN A 1 46  ? -12.835 19.616  -6.492  1.00 56.16 ? 46  GLN A CD  1 
ATOM   330  O  OE1 . GLN A 1 46  ? -14.014 19.708  -6.127  1.00 56.23 ? 46  GLN A OE1 1 
ATOM   331  N  NE2 . GLN A 1 46  ? -12.464 18.850  -7.512  1.00 57.46 ? 46  GLN A NE2 1 
ATOM   332  N  N   . ILE A 1 47  ? -9.799  16.763  -3.798  1.00 37.16 ? 47  ILE A N   1 
ATOM   333  C  CA  . ILE A 1 47  ? -8.517  16.079  -3.965  1.00 35.12 ? 47  ILE A CA  1 
ATOM   334  C  C   . ILE A 1 47  ? -8.878  14.622  -4.264  1.00 34.08 ? 47  ILE A C   1 
ATOM   335  O  O   . ILE A 1 47  ? -10.028 14.198  -4.074  1.00 32.73 ? 47  ILE A O   1 
ATOM   336  C  CB  . ILE A 1 47  ? -7.670  16.074  -2.686  1.00 39.23 ? 47  ILE A CB  1 
ATOM   337  C  CG1 . ILE A 1 47  ? -8.372  15.266  -1.605  1.00 38.27 ? 47  ILE A CG1 1 
ATOM   338  C  CG2 . ILE A 1 47  ? -7.447  17.479  -2.205  1.00 40.14 ? 47  ILE A CG2 1 
ATOM   339  C  CD1 . ILE A 1 47  ? -7.600  15.226  -0.341  1.00 38.85 ? 47  ILE A CD1 1 
ATOM   340  N  N   . LEU A 1 48  ? -7.913  13.833  -4.710  1.00 29.95 ? 48  LEU A N   1 
ATOM   341  C  CA  . LEU A 1 48  ? -8.237  12.448  -5.006  1.00 28.91 ? 48  LEU A CA  1 
ATOM   342  C  C   . LEU A 1 48  ? -8.585  11.575  -3.789  1.00 28.78 ? 48  LEU A C   1 
ATOM   343  O  O   . LEU A 1 48  ? -7.888  11.605  -2.760  1.00 28.63 ? 48  LEU A O   1 
ATOM   344  C  CB  . LEU A 1 48  ? -7.082  11.823  -5.764  1.00 24.68 ? 48  LEU A CB  1 
ATOM   345  C  CG  . LEU A 1 48  ? -7.284  11.590  -7.257  1.00 25.22 ? 48  LEU A CG  1 
ATOM   346  C  CD1 . LEU A 1 48  ? -8.074  12.730  -7.912  1.00 24.81 ? 48  LEU A CD1 1 
ATOM   347  C  CD2 . LEU A 1 48  ? -5.893  11.449  -7.875  1.00 23.07 ? 48  LEU A CD2 1 
ATOM   348  N  N   . GLU A 1 49  ? -9.674  10.810  -3.904  1.00 31.55 ? 49  GLU A N   1 
ATOM   349  C  CA  . GLU A 1 49  ? -10.078 9.874   -2.844  1.00 30.42 ? 49  GLU A CA  1 
ATOM   350  C  C   . GLU A 1 49  ? -10.598 8.507   -3.320  1.00 28.11 ? 49  GLU A C   1 
ATOM   351  O  O   . GLU A 1 49  ? -11.221 8.365   -4.374  1.00 27.09 ? 49  GLU A O   1 
ATOM   352  C  CB  . GLU A 1 49  ? -11.081 10.517  -1.914  1.00 38.85 ? 49  GLU A CB  1 
ATOM   353  C  CG  . GLU A 1 49  ? -11.847 11.619  -2.525  1.00 40.79 ? 49  GLU A CG  1 
ATOM   354  C  CD  . GLU A 1 49  ? -12.738 12.241  -1.485  1.00 42.91 ? 49  GLU A CD  1 
ATOM   355  O  OE1 . GLU A 1 49  ? -12.200 12.950  -0.589  1.00 41.61 ? 49  GLU A OE1 1 
ATOM   356  O  OE2 . GLU A 1 49  ? -13.968 11.988  -1.557  1.00 43.58 ? 49  GLU A OE2 1 
ATOM   357  N  N   . PRO A 1 50  ? -10.354 7.471   -2.522  1.00 28.98 ? 50  PRO A N   1 
ATOM   358  C  CA  . PRO A 1 50  ? -10.824 6.158   -2.963  1.00 27.44 ? 50  PRO A CA  1 
ATOM   359  C  C   . PRO A 1 50  ? -12.314 6.040   -3.206  1.00 26.09 ? 50  PRO A C   1 
ATOM   360  O  O   . PRO A 1 50  ? -13.119 6.549   -2.462  1.00 26.51 ? 50  PRO A O   1 
ATOM   361  C  CB  . PRO A 1 50  ? -10.364 5.207   -1.835  1.00 22.27 ? 50  PRO A CB  1 
ATOM   362  C  CG  . PRO A 1 50  ? -9.220  5.962   -1.160  1.00 23.10 ? 50  PRO A CG  1 
ATOM   363  C  CD  . PRO A 1 50  ? -9.754  7.395   -1.176  1.00 23.71 ? 50  PRO A CD  1 
ATOM   364  N  N   . LEU A 1 51  ? -12.659 5.338   -4.267  1.00 20.08 ? 51  LEU A N   1 
ATOM   365  C  CA  . LEU A 1 51  ? -14.026 5.062   -4.559  1.00 17.87 ? 51  LEU A CA  1 
ATOM   366  C  C   . LEU A 1 51  ? -14.188 3.530   -4.391  1.00 19.47 ? 51  LEU A C   1 
ATOM   367  O  O   . LEU A 1 51  ? -15.167 3.094   -3.807  1.00 20.45 ? 51  LEU A O   1 
ATOM   368  C  CB  . LEU A 1 51  ? -14.352 5.490   -5.977  1.00 20.78 ? 51  LEU A CB  1 
ATOM   369  C  CG  . LEU A 1 51  ? -15.819 5.285   -6.321  1.00 20.68 ? 51  LEU A CG  1 
ATOM   370  C  CD1 . LEU A 1 51  ? -16.678 5.766   -5.154  1.00 21.15 ? 51  LEU A CD1 1 
ATOM   371  C  CD2 . LEU A 1 51  ? -16.158 6.033   -7.622  1.00 21.58 ? 51  LEU A CD2 1 
ATOM   372  N  N   . LEU A 1 52  ? -13.229 2.711   -4.858  1.00 21.69 ? 52  LEU A N   1 
ATOM   373  C  CA  . LEU A 1 52  ? -13.344 1.238   -4.727  1.00 20.54 ? 52  LEU A CA  1 
ATOM   374  C  C   . LEU A 1 52  ? -12.033 0.489   -4.519  1.00 21.32 ? 52  LEU A C   1 
ATOM   375  O  O   . LEU A 1 52  ? -11.004 0.856   -5.097  1.00 23.53 ? 52  LEU A O   1 
ATOM   376  C  CB  . LEU A 1 52  ? -13.983 0.646   -5.970  1.00 14.70 ? 52  LEU A CB  1 
ATOM   377  C  CG  . LEU A 1 52  ? -15.465 0.858   -6.208  1.00 15.45 ? 52  LEU A CG  1 
ATOM   378  C  CD1 . LEU A 1 52  ? -15.727 0.742   -7.676  1.00 14.49 ? 52  LEU A CD1 1 
ATOM   379  C  CD2 . LEU A 1 52  ? -16.314 -0.161  -5.421  1.00 15.86 ? 52  LEU A CD2 1 
ATOM   380  N  N   . PHE A 1 53  ? -12.075 -0.574  -3.715  1.00 27.07 ? 53  PHE A N   1 
ATOM   381  C  CA  . PHE A 1 53  ? -10.895 -1.423  -3.454  1.00 26.67 ? 53  PHE A CA  1 
ATOM   382  C  C   . PHE A 1 53  ? -11.104 -2.805  -4.022  1.00 26.03 ? 53  PHE A C   1 
ATOM   383  O  O   . PHE A 1 53  ? -12.191 -3.370  -3.925  1.00 25.84 ? 53  PHE A O   1 
ATOM   384  C  CB  . PHE A 1 53  ? -10.645 -1.643  -1.952  1.00 27.13 ? 53  PHE A CB  1 
ATOM   385  C  CG  . PHE A 1 53  ? -10.313 -0.411  -1.208  1.00 28.47 ? 53  PHE A CG  1 
ATOM   386  C  CD1 . PHE A 1 53  ? -10.903 -0.157  0.028   1.00 28.32 ? 53  PHE A CD1 1 
ATOM   387  C  CD2 . PHE A 1 53  ? -9.385  0.497   -1.723  1.00 31.06 ? 53  PHE A CD2 1 
ATOM   388  C  CE1 . PHE A 1 53  ? -10.578 1.001   0.762   1.00 31.83 ? 53  PHE A CE1 1 
ATOM   389  C  CE2 . PHE A 1 53  ? -9.031  1.670   -1.011  1.00 32.77 ? 53  PHE A CE2 1 
ATOM   390  C  CZ  . PHE A 1 53  ? -9.634  1.926   0.246   1.00 33.03 ? 53  PHE A CZ  1 
ATOM   391  N  N   . TRP A 1 54  ? -10.037 -3.365  -4.562  1.00 24.06 ? 54  TRP A N   1 
ATOM   392  C  CA  . TRP A 1 54  ? -10.074 -4.711  -5.087  1.00 23.99 ? 54  TRP A CA  1 
ATOM   393  C  C   . TRP A 1 54  ? -8.803  -5.431  -4.582  1.00 24.01 ? 54  TRP A C   1 
ATOM   394  O  O   . TRP A 1 54  ? -7.762  -5.411  -5.243  1.00 24.25 ? 54  TRP A O   1 
ATOM   395  C  CB  . TRP A 1 54  ? -10.113 -4.690  -6.639  1.00 21.24 ? 54  TRP A CB  1 
ATOM   396  C  CG  . TRP A 1 54  ? -11.410 -4.172  -7.252  1.00 18.48 ? 54  TRP A CG  1 
ATOM   397  C  CD1 . TRP A 1 54  ? -12.656 -4.771  -7.211  1.00 17.17 ? 54  TRP A CD1 1 
ATOM   398  C  CD2 . TRP A 1 54  ? -11.581 -2.941  -7.959  1.00 16.98 ? 54  TRP A CD2 1 
ATOM   399  N  NE1 . TRP A 1 54  ? -13.590 -3.976  -7.847  1.00 15.23 ? 54  TRP A NE1 1 
ATOM   400  C  CE2 . TRP A 1 54  ? -12.963 -2.850  -8.319  1.00 17.18 ? 54  TRP A CE2 1 
ATOM   401  C  CE3 . TRP A 1 54  ? -10.707 -1.898  -8.319  1.00 14.93 ? 54  TRP A CE3 1 
ATOM   402  C  CZ2 . TRP A 1 54  ? -13.486 -1.751  -9.033  1.00 16.09 ? 54  TRP A CZ2 1 
ATOM   403  C  CZ3 . TRP A 1 54  ? -11.218 -0.803  -9.022  1.00 15.55 ? 54  TRP A CZ3 1 
ATOM   404  C  CH2 . TRP A 1 54  ? -12.604 -0.741  -9.376  1.00 17.40 ? 54  TRP A CH2 1 
ATOM   405  N  N   . PRO A 1 55  ? -8.865  -6.052  -3.387  1.00 23.12 ? 55  PRO A N   1 
ATOM   406  C  CA  . PRO A 1 55  ? -7.699  -6.765  -2.843  1.00 23.24 ? 55  PRO A CA  1 
ATOM   407  C  C   . PRO A 1 55  ? -7.213  -7.788  -3.870  1.00 24.04 ? 55  PRO A C   1 
ATOM   408  O  O   . PRO A 1 55  ? -8.011  -8.565  -4.397  1.00 25.04 ? 55  PRO A O   1 
ATOM   409  C  CB  . PRO A 1 55  ? -8.261  -7.472  -1.611  1.00 15.38 ? 55  PRO A CB  1 
ATOM   410  C  CG  . PRO A 1 55  ? -9.425  -6.593  -1.191  1.00 16.45 ? 55  PRO A CG  1 
ATOM   411  C  CD  . PRO A 1 55  ? -10.050 -6.252  -2.537  1.00 17.12 ? 55  PRO A CD  1 
ATOM   412  N  N   . TYR A 1 56  ? -5.926  -7.815  -4.181  1.00 20.83 ? 56  TYR A N   1 
ATOM   413  C  CA  . TYR A 1 56  ? -5.476  -8.811  -5.148  1.00 21.60 ? 56  TYR A CA  1 
ATOM   414  C  C   . TYR A 1 56  ? -5.983  -10.241 -4.855  1.00 22.33 ? 56  TYR A C   1 
ATOM   415  O  O   . TYR A 1 56  ? -6.502  -10.918 -5.755  1.00 21.76 ? 56  TYR A O   1 
ATOM   416  C  CB  . TYR A 1 56  ? -3.963  -8.842  -5.220  1.00 19.87 ? 56  TYR A CB  1 
ATOM   417  C  CG  . TYR A 1 56  ? -3.372  -7.575  -5.744  1.00 20.63 ? 56  TYR A CG  1 
ATOM   418  C  CD1 . TYR A 1 56  ? -2.239  -6.998  -5.112  1.00 18.32 ? 56  TYR A CD1 1 
ATOM   419  C  CD2 . TYR A 1 56  ? -3.965  -6.901  -6.834  1.00 18.84 ? 56  TYR A CD2 1 
ATOM   420  C  CE1 . TYR A 1 56  ? -1.723  -5.780  -5.541  1.00 18.25 ? 56  TYR A CE1 1 
ATOM   421  C  CE2 . TYR A 1 56  ? -3.450  -5.668  -7.266  1.00 20.06 ? 56  TYR A CE2 1 
ATOM   422  C  CZ  . TYR A 1 56  ? -2.329  -5.116  -6.603  1.00 18.87 ? 56  TYR A CZ  1 
ATOM   423  O  OH  . TYR A 1 56  ? -1.834  -3.888  -6.988  1.00 18.50 ? 56  TYR A OH  1 
ATOM   424  N  N   . THR A 1 57  ? -5.865  -10.690 -3.608  1.00 33.82 ? 57  THR A N   1 
ATOM   425  C  CA  . THR A 1 57  ? -6.278  -12.045 -3.253  1.00 34.82 ? 57  THR A CA  1 
ATOM   426  C  C   . THR A 1 57  ? -7.763  -12.320 -3.505  1.00 35.22 ? 57  THR A C   1 
ATOM   427  O  O   . THR A 1 57  ? -8.223  -13.453 -3.321  1.00 36.93 ? 57  THR A O   1 
ATOM   428  C  CB  . THR A 1 57  ? -5.956  -12.390 -1.752  1.00 23.75 ? 57  THR A CB  1 
ATOM   429  O  OG1 . THR A 1 57  ? -6.702  -11.526 -0.900  1.00 26.12 ? 57  THR A OG1 1 
ATOM   430  C  CG2 . THR A 1 57  ? -4.492  -12.201 -1.433  1.00 22.51 ? 57  THR A CG2 1 
ATOM   431  N  N   . LEU A 1 58  ? -8.513  -11.303 -3.926  1.00 28.24 ? 58  LEU A N   1 
ATOM   432  C  CA  . LEU A 1 58  ? -9.938  -11.489 -4.179  1.00 25.71 ? 58  LEU A CA  1 
ATOM   433  C  C   . LEU A 1 58  ? -10.325 -11.333 -5.640  1.00 25.95 ? 58  LEU A C   1 
ATOM   434  O  O   . LEU A 1 58  ? -11.515 -11.370 -5.975  1.00 27.88 ? 58  LEU A O   1 
ATOM   435  C  CB  . LEU A 1 58  ? -10.749 -10.533 -3.314  1.00 16.19 ? 58  LEU A CB  1 
ATOM   436  C  CG  . LEU A 1 58  ? -10.400 -10.710 -1.832  1.00 17.45 ? 58  LEU A CG  1 
ATOM   437  C  CD1 . LEU A 1 58  ? -11.300 -9.849  -0.941  1.00 13.09 ? 58  LEU A CD1 1 
ATOM   438  C  CD2 . LEU A 1 58  ? -10.501 -12.209 -1.482  1.00 15.75 ? 58  LEU A CD2 1 
ATOM   439  N  N   . LEU A 1 59  ? -9.327  -11.164 -6.514  1.00 20.44 ? 59  LEU A N   1 
ATOM   440  C  CA  . LEU A 1 59  ? -9.592  -11.018 -7.949  1.00 20.16 ? 59  LEU A CA  1 
ATOM   441  C  C   . LEU A 1 59  ? -9.393  -12.387 -8.562  1.00 21.32 ? 59  LEU A C   1 
ATOM   442  O  O   . LEU A 1 59  ? -8.446  -13.074 -8.205  1.00 19.83 ? 59  LEU A O   1 
ATOM   443  C  CB  . LEU A 1 59  ? -8.604  -10.067 -8.635  1.00 20.17 ? 59  LEU A CB  1 
ATOM   444  C  CG  . LEU A 1 59  ? -8.545  -8.586  -8.276  1.00 19.88 ? 59  LEU A CG  1 
ATOM   445  C  CD1 . LEU A 1 59  ? -7.464  -7.914  -9.151  1.00 18.44 ? 59  LEU A CD1 1 
ATOM   446  C  CD2 . LEU A 1 59  ? -9.904  -7.952  -8.475  1.00 19.15 ? 59  LEU A CD2 1 
ATOM   447  N  N   . ARG A 1 60  ? -10.264 -12.743 -9.507  1.00 26.08 ? 60  ARG A N   1 
ATOM   448  C  CA  . ARG A 1 60  ? -10.223 -14.020 -10.191 1.00 26.69 ? 60  ARG A CA  1 
ATOM   449  C  C   . ARG A 1 60  ? -9.186  -14.073 -11.305 1.00 27.73 ? 60  ARG A C   1 
ATOM   450  O  O   . ARG A 1 60  ? -8.619  -15.143 -11.561 1.00 27.22 ? 60  ARG A O   1 
ATOM   451  C  CB  . ARG A 1 60  ? -11.594 -14.323 -10.789 1.00 32.94 ? 60  ARG A CB  1 
ATOM   452  C  CG  . ARG A 1 60  ? -12.707 -14.419 -9.774  1.00 34.43 ? 60  ARG A CG  1 
ATOM   453  C  CD  . ARG A 1 60  ? -14.056 -14.443 -10.491 1.00 39.86 ? 60  ARG A CD  1 
ATOM   454  N  NE  . ARG A 1 60  ? -15.165 -14.726 -9.584  1.00 42.61 ? 60  ARG A NE  1 
ATOM   455  C  CZ  . ARG A 1 60  ? -16.444 -14.535 -9.877  1.00 42.95 ? 60  ARG A CZ  1 
ATOM   456  N  NH1 . ARG A 1 60  ? -16.798 -14.057 -11.065 1.00 41.86 ? 60  ARG A NH1 1 
ATOM   457  N  NH2 . ARG A 1 60  ? -17.374 -14.816 -8.962  1.00 47.05 ? 60  ARG A NH2 1 
ATOM   458  N  N   . ARG A 1 61  ? -8.979  -12.938 -11.986 1.00 31.02 ? 61  ARG A N   1 
ATOM   459  C  CA  . ARG A 1 61  ? -8.029  -12.807 -13.103 1.00 29.85 ? 61  ARG A CA  1 
ATOM   460  C  C   . ARG A 1 61  ? -7.991  -11.346 -13.565 1.00 29.02 ? 61  ARG A C   1 
ATOM   461  O  O   . ARG A 1 61  ? -8.907  -10.567 -13.264 1.00 28.80 ? 61  ARG A O   1 
ATOM   462  C  CB  . ARG A 1 61  ? -8.444  -13.666 -14.301 1.00 38.26 ? 61  ARG A CB  1 
ATOM   463  C  CG  . ARG A 1 61  ? -9.703  -13.153 -14.982 1.00 43.93 ? 61  ARG A CG  1 
ATOM   464  C  CD  . ARG A 1 61  ? -9.762  -13.415 -16.494 1.00 48.33 ? 61  ARG A CD  1 
ATOM   465  N  NE  . ARG A 1 61  ? -9.583  -14.825 -16.842 1.00 52.55 ? 61  ARG A NE  1 
ATOM   466  C  CZ  . ARG A 1 61  ? -10.241 -15.840 -16.274 1.00 55.92 ? 61  ARG A CZ  1 
ATOM   467  N  NH1 . ARG A 1 61  ? -11.136 -15.626 -15.312 1.00 56.45 ? 61  ARG A NH1 1 
ATOM   468  N  NH2 . ARG A 1 61  ? -10.007 -17.084 -16.677 1.00 57.54 ? 61  ARG A NH2 1 
ATOM   469  N  N   . TYR A 1 62  ? -6.934  -10.992 -14.305 1.00 20.16 ? 62  TYR A N   1 
ATOM   470  C  CA  . TYR A 1 62  ? -6.748  -9.644  -14.831 1.00 17.65 ? 62  TYR A CA  1 
ATOM   471  C  C   . TYR A 1 62  ? -5.934  -9.688  -16.132 1.00 17.61 ? 62  TYR A C   1 
ATOM   472  O  O   . TYR A 1 62  ? -5.172  -10.620 -16.359 1.00 18.00 ? 62  TYR A O   1 
ATOM   473  C  CB  . TYR A 1 62  ? -6.080  -8.753  -13.773 1.00 16.92 ? 62  TYR A CB  1 
ATOM   474  C  CG  . TYR A 1 62  ? -4.728  -9.197  -13.348 1.00 14.54 ? 62  TYR A CG  1 
ATOM   475  C  CD1 . TYR A 1 62  ? -3.585  -8.787  -14.048 1.00 17.53 ? 62  TYR A CD1 1 
ATOM   476  C  CD2 . TYR A 1 62  ? -4.563  -10.005 -12.232 1.00 15.71 ? 62  TYR A CD2 1 
ATOM   477  C  CE1 . TYR A 1 62  ? -2.282  -9.170  -13.627 1.00 16.94 ? 62  TYR A CE1 1 
ATOM   478  C  CE2 . TYR A 1 62  ? -3.256  -10.404 -11.798 1.00 17.70 ? 62  TYR A CE2 1 
ATOM   479  C  CZ  . TYR A 1 62  ? -2.122  -9.982  -12.502 1.00 17.28 ? 62  TYR A CZ  1 
ATOM   480  O  OH  . TYR A 1 62  ? -0.844  -10.397 -12.091 1.00 18.92 ? 62  TYR A OH  1 
ATOM   481  N  N   . GLY A 1 63  ? -6.126  -8.697  -17.003 1.00 19.66 ? 63  GLY A N   1 
ATOM   482  C  CA  . GLY A 1 63  ? -5.419  -8.698  -18.265 1.00 20.24 ? 63  GLY A CA  1 
ATOM   483  C  C   . GLY A 1 63  ? -5.398  -7.339  -18.914 1.00 21.72 ? 63  GLY A C   1 
ATOM   484  O  O   . GLY A 1 63  ? -5.850  -6.345  -18.329 1.00 22.33 ? 63  GLY A O   1 
ATOM   485  N  N   . ARG A 1 64  ? -4.862  -7.290  -20.126 1.00 26.50 ? 64  ARG A N   1 
ATOM   486  C  CA  . ARG A 1 64  ? -4.764  -6.044  -20.861 1.00 26.80 ? 64  ARG A CA  1 
ATOM   487  C  C   . ARG A 1 64  ? -4.397  -6.225  -22.325 1.00 26.90 ? 64  ARG A C   1 
ATOM   488  O  O   . ARG A 1 64  ? -3.977  -7.299  -22.749 1.00 27.43 ? 64  ARG A O   1 
ATOM   489  C  CB  . ARG A 1 64  ? -3.716  -5.142  -20.221 1.00 25.39 ? 64  ARG A CB  1 
ATOM   490  C  CG  . ARG A 1 64  ? -2.375  -5.812  -20.000 1.00 28.09 ? 64  ARG A CG  1 
ATOM   491  C  CD  . ARG A 1 64  ? -1.775  -6.391  -21.266 1.00 29.32 ? 64  ARG A CD  1 
ATOM   492  N  NE  . ARG A 1 64  ? -0.326  -6.594  -21.152 1.00 31.93 ? 64  ARG A NE  1 
ATOM   493  C  CZ  . ARG A 1 64  ? 0.267   -7.689  -20.676 1.00 30.36 ? 64  ARG A CZ  1 
ATOM   494  N  NH1 . ARG A 1 64  ? -0.461  -8.711  -20.263 1.00 30.96 ? 64  ARG A NH1 1 
ATOM   495  N  NH2 . ARG A 1 64  ? 1.593   -7.757  -20.618 1.00 30.06 ? 64  ARG A NH2 1 
ATOM   496  N  N   . ASP A 1 65  ? -4.589  -5.157  -23.088 1.00 18.98 ? 65  ASP A N   1 
ATOM   497  C  CA  . ASP A 1 65  ? -4.226  -5.099  -24.486 1.00 18.60 ? 65  ASP A CA  1 
ATOM   498  C  C   . ASP A 1 65  ? -3.882  -3.623  -24.764 1.00 19.42 ? 65  ASP A C   1 
ATOM   499  O  O   . ASP A 1 65  ? -3.857  -2.798  -23.830 1.00 18.29 ? 65  ASP A O   1 
ATOM   500  C  CB  . ASP A 1 65  ? -5.344  -5.667  -25.389 1.00 26.03 ? 65  ASP A CB  1 
ATOM   501  C  CG  . ASP A 1 65  ? -6.617  -4.824  -25.409 1.00 27.86 ? 65  ASP A CG  1 
ATOM   502  O  OD1 . ASP A 1 65  ? -6.572  -3.607  -25.121 1.00 29.43 ? 65  ASP A OD1 1 
ATOM   503  O  OD2 . ASP A 1 65  ? -7.685  -5.387  -25.764 1.00 30.37 ? 65  ASP A OD2 1 
ATOM   504  N  N   . LYS A 1 66  ? -3.600  -3.280  -26.019 1.00 26.81 ? 66  LYS A N   1 
ATOM   505  C  CA  . LYS A 1 66  ? -3.220  -1.911  -26.389 1.00 27.90 ? 66  LYS A CA  1 
ATOM   506  C  C   . LYS A 1 66  ? -4.348  -0.898  -26.265 1.00 28.55 ? 66  LYS A C   1 
ATOM   507  O  O   . LYS A 1 66  ? -4.151  0.309   -26.467 1.00 28.47 ? 66  LYS A O   1 
ATOM   508  C  CB  . LYS A 1 66  ? -2.671  -1.896  -27.823 1.00 37.80 ? 66  LYS A CB  1 
ATOM   509  C  CG  . LYS A 1 66  ? -1.351  -2.682  -27.984 1.00 39.91 ? 66  LYS A CG  1 
ATOM   510  C  CD  . LYS A 1 66  ? -0.864  -2.741  -29.433 1.00 41.08 ? 66  LYS A CD  1 
ATOM   511  C  CE  . LYS A 1 66  ? 0.470   -3.472  -29.525 1.00 41.21 ? 66  LYS A CE  1 
ATOM   512  N  NZ  . LYS A 1 66  ? 0.394   -4.943  -29.163 1.00 41.24 ? 66  LYS A NZ  1 
ATOM   513  N  N   . VAL A 1 67  ? -5.532  -1.381  -25.911 1.00 24.60 ? 67  VAL A N   1 
ATOM   514  C  CA  . VAL A 1 67  ? -6.692  -0.502  -25.803 1.00 24.12 ? 67  VAL A CA  1 
ATOM   515  C  C   . VAL A 1 67  ? -7.254  -0.470  -24.391 1.00 24.18 ? 67  VAL A C   1 
ATOM   516  O  O   . VAL A 1 67  ? -7.982  0.448   -24.016 1.00 23.15 ? 67  VAL A O   1 
ATOM   517  C  CB  . VAL A 1 67  ? -7.814  -0.974  -26.777 1.00 18.67 ? 67  VAL A CB  1 
ATOM   518  C  CG1 . VAL A 1 67  ? -9.059  -0.171  -26.565 1.00 19.07 ? 67  VAL A CG1 1 
ATOM   519  C  CG2 . VAL A 1 67  ? -7.363  -0.816  -28.202 1.00 18.19 ? 67  VAL A CG2 1 
HETATM 520  N  N   . MSE A 1 68  ? -6.896  -1.447  -23.580 1.00 31.44 ? 68  MSE A N   1 
HETATM 521  C  CA  . MSE A 1 68  ? -7.488  -1.456  -22.268 1.00 33.51 ? 68  MSE A CA  1 
HETATM 522  C  C   . MSE A 1 68  ? -6.853  -2.310  -21.196 1.00 31.69 ? 68  MSE A C   1 
HETATM 523  O  O   . MSE A 1 68  ? -5.850  -3.008  -21.413 1.00 29.87 ? 68  MSE A O   1 
HETATM 524  C  CB  . MSE A 1 68  ? -8.954  -1.869  -22.420 1.00 39.98 ? 68  MSE A CB  1 
HETATM 525  C  CG  . MSE A 1 68  ? -9.128  -3.172  -23.198 1.00 45.12 ? 68  MSE A CG  1 
HETATM 526  SE SE  . MSE A 1 68  ? -8.825  -4.798  -22.140 1.00 55.00 ? 68  MSE A SE  1 
HETATM 527  C  CE  . MSE A 1 68  ? -10.558 -5.644  -22.461 1.00 54.78 ? 68  MSE A CE  1 
ATOM   528  N  N   . PHE A 1 69  ? -7.475  -2.213  -20.022 1.00 25.33 ? 69  PHE A N   1 
ATOM   529  C  CA  . PHE A 1 69  ? -7.096  -2.971  -18.856 1.00 23.05 ? 69  PHE A CA  1 
ATOM   530  C  C   . PHE A 1 69  ? -8.418  -3.515  -18.294 1.00 22.91 ? 69  PHE A C   1 
ATOM   531  O  O   . PHE A 1 69  ? -9.446  -2.792  -18.250 1.00 22.42 ? 69  PHE A O   1 
ATOM   532  C  CB  . PHE A 1 69  ? -6.401  -2.066  -17.812 1.00 23.12 ? 69  PHE A CB  1 
ATOM   533  C  CG  . PHE A 1 69  ? -5.979  -2.817  -16.555 1.00 21.62 ? 69  PHE A CG  1 
ATOM   534  C  CD1 . PHE A 1 69  ? -4.923  -3.726  -16.599 1.00 18.20 ? 69  PHE A CD1 1 
ATOM   535  C  CD2 . PHE A 1 69  ? -6.729  -2.716  -15.386 1.00 18.61 ? 69  PHE A CD2 1 
ATOM   536  C  CE1 . PHE A 1 69  ? -4.639  -4.527  -15.517 1.00 18.31 ? 69  PHE A CE1 1 
ATOM   537  C  CE2 . PHE A 1 69  ? -6.451  -3.513  -14.305 1.00 18.09 ? 69  PHE A CE2 1 
ATOM   538  C  CZ  . PHE A 1 69  ? -5.407  -4.423  -14.367 1.00 18.64 ? 69  PHE A CZ  1 
ATOM   539  N  N   . SER A 1 70  ? -8.404  -4.774  -17.860 1.00 24.69 ? 70  SER A N   1 
ATOM   540  C  CA  . SER A 1 70  ? -9.621  -5.391  -17.332 1.00 23.97 ? 70  SER A CA  1 
ATOM   541  C  C   . SER A 1 70  ? -9.317  -6.500  -16.326 1.00 22.92 ? 70  SER A C   1 
ATOM   542  O  O   . SER A 1 70  ? -8.294  -7.172  -16.419 1.00 22.68 ? 70  SER A O   1 
ATOM   543  C  CB  . SER A 1 70  ? -10.444 -5.936  -18.509 1.00 28.46 ? 70  SER A CB  1 
ATOM   544  O  OG  . SER A 1 70  ? -11.494 -6.779  -18.101 1.00 29.86 ? 70  SER A OG  1 
ATOM   545  N  N   . PHE A 1 71  ? -10.208 -6.680  -15.360 1.00 21.25 ? 71  PHE A N   1 
ATOM   546  C  CA  . PHE A 1 71  ? -10.022 -7.703  -14.349 1.00 20.82 ? 71  PHE A CA  1 
ATOM   547  C  C   . PHE A 1 71  ? -11.388 -8.146  -13.879 1.00 23.36 ? 71  PHE A C   1 
ATOM   548  O  O   . PHE A 1 71  ? -12.391 -7.447  -14.128 1.00 25.13 ? 71  PHE A O   1 
ATOM   549  C  CB  . PHE A 1 71  ? -9.251  -7.141  -13.168 1.00 15.47 ? 71  PHE A CB  1 
ATOM   550  C  CG  . PHE A 1 71  ? -9.838  -5.892  -12.612 1.00 13.76 ? 71  PHE A CG  1 
ATOM   551  C  CD1 . PHE A 1 71  ? -10.809 -5.948  -11.628 1.00 13.14 ? 71  PHE A CD1 1 
ATOM   552  C  CD2 . PHE A 1 71  ? -9.428  -4.650  -13.092 1.00 12.36 ? 71  PHE A CD2 1 
ATOM   553  C  CE1 . PHE A 1 71  ? -11.372 -4.774  -11.121 1.00 14.70 ? 71  PHE A CE1 1 
ATOM   554  C  CE2 . PHE A 1 71  ? -9.974  -3.473  -12.600 1.00 13.19 ? 71  PHE A CE2 1 
ATOM   555  C  CZ  . PHE A 1 71  ? -10.948 -3.526  -11.613 1.00 14.58 ? 71  PHE A CZ  1 
ATOM   556  N  N   . GLU A 1 72  ? -11.429 -9.292  -13.190 1.00 22.61 ? 72  GLU A N   1 
ATOM   557  C  CA  . GLU A 1 72  ? -12.680 -9.848  -12.679 1.00 23.09 ? 72  GLU A CA  1 
ATOM   558  C  C   . GLU A 1 72  ? -12.681 -9.951  -11.148 1.00 22.95 ? 72  GLU A C   1 
ATOM   559  O  O   . GLU A 1 72  ? -12.008 -10.814 -10.569 1.00 22.50 ? 72  GLU A O   1 
ATOM   560  C  CB  . GLU A 1 72  ? -12.907 -11.231 -13.280 1.00 34.83 ? 72  GLU A CB  1 
ATOM   561  C  CG  . GLU A 1 72  ? -14.354 -11.670 -13.257 1.00 38.58 ? 72  GLU A CG  1 
ATOM   562  C  CD  . GLU A 1 72  ? -14.529 -13.119 -13.681 1.00 42.78 ? 72  GLU A CD  1 
ATOM   563  O  OE1 . GLU A 1 72  ? -13.726 -13.592 -14.519 1.00 44.74 ? 72  GLU A OE1 1 
ATOM   564  O  OE2 . GLU A 1 72  ? -15.476 -13.786 -13.191 1.00 44.32 ? 72  GLU A OE2 1 
ATOM   565  N  N   . ALA A 1 73  ? -13.431 -9.066  -10.499 1.00 16.81 ? 73  ALA A N   1 
ATOM   566  C  CA  . ALA A 1 73  ? -13.536 -9.063  -9.047  1.00 17.74 ? 73  ALA A CA  1 
ATOM   567  C  C   . ALA A 1 73  ? -14.311 -10.299 -8.637  1.00 18.48 ? 73  ALA A C   1 
ATOM   568  O  O   . ALA A 1 73  ? -15.304 -10.655 -9.301  1.00 19.73 ? 73  ALA A O   1 
ATOM   569  C  CB  . ALA A 1 73  ? -14.278 -7.826  -8.586  1.00 19.63 ? 73  ALA A CB  1 
ATOM   570  N  N   . GLY A 1 74  ? -13.868 -10.956 -7.564  1.00 20.17 ? 74  GLY A N   1 
ATOM   571  C  CA  . GLY A 1 74  ? -14.552 -12.155 -7.092  1.00 21.56 ? 74  GLY A CA  1 
ATOM   572  C  C   . GLY A 1 74  ? -15.662 -11.759 -6.153  1.00 23.35 ? 74  GLY A C   1 
ATOM   573  O  O   . GLY A 1 74  ? -15.832 -10.563 -5.870  1.00 23.91 ? 74  GLY A O   1 
ATOM   574  N  N   . ARG A 1 75  ? -16.421 -12.732 -5.661  1.00 35.54 ? 75  ARG A N   1 
ATOM   575  C  CA  . ARG A 1 75  ? -17.527 -12.443 -4.744  1.00 37.94 ? 75  ARG A CA  1 
ATOM   576  C  C   . ARG A 1 75  ? -17.188 -11.533 -3.568  1.00 38.35 ? 75  ARG A C   1 
ATOM   577  O  O   . ARG A 1 75  ? -17.896 -10.561 -3.335  1.00 40.80 ? 75  ARG A O   1 
ATOM   578  C  CB  . ARG A 1 75  ? -18.118 -13.735 -4.210  1.00 62.33 ? 75  ARG A CB  1 
ATOM   579  C  CG  . ARG A 1 75  ? -18.834 -14.517 -5.259  1.00 69.12 ? 75  ARG A CG  1 
ATOM   580  C  CD  . ARG A 1 75  ? -19.344 -15.805 -4.687  1.00 73.64 ? 75  ARG A CD  1 
ATOM   581  N  NE  . ARG A 1 75  ? -20.753 -16.005 -5.014  1.00 78.49 ? 75  ARG A NE  1 
ATOM   582  C  CZ  . ARG A 1 75  ? -21.499 -17.011 -4.555  1.00 80.58 ? 75  ARG A CZ  1 
ATOM   583  N  NH1 . ARG A 1 75  ? -20.963 -17.920 -3.739  1.00 81.33 ? 75  ARG A NH1 1 
ATOM   584  N  NH2 . ARG A 1 75  ? -22.782 -17.109 -4.907  1.00 81.60 ? 75  ARG A NH2 1 
ATOM   585  N  N   . ARG A 1 76  ? -16.105 -11.816 -2.836  1.00 30.54 ? 76  ARG A N   1 
ATOM   586  C  CA  . ARG A 1 76  ? -15.732 -11.012 -1.659  1.00 29.04 ? 76  ARG A CA  1 
ATOM   587  C  C   . ARG A 1 76  ? -15.232 -9.572  -1.887  1.00 28.17 ? 76  ARG A C   1 
ATOM   588  O  O   . ARG A 1 76  ? -15.000 -8.828  -0.928  1.00 26.56 ? 76  ARG A O   1 
ATOM   589  C  CB  . ARG A 1 76  ? -14.733 -11.798 -0.804  1.00 50.60 ? 76  ARG A CB  1 
ATOM   590  C  CG  . ARG A 1 76  ? -15.380 -12.976 -0.081  1.00 55.20 ? 76  ARG A CG  1 
ATOM   591  C  CD  . ARG A 1 76  ? -14.426 -13.750 0.836   1.00 59.04 ? 76  ARG A CD  1 
ATOM   592  N  NE  . ARG A 1 76  ? -15.147 -14.816 1.548   1.00 63.81 ? 76  ARG A NE  1 
ATOM   593  C  CZ  . ARG A 1 76  ? -14.585 -15.781 2.288   1.00 66.06 ? 76  ARG A CZ  1 
ATOM   594  N  NH1 . ARG A 1 76  ? -13.263 -15.843 2.439   1.00 67.37 ? 76  ARG A NH1 1 
ATOM   595  N  NH2 . ARG A 1 76  ? -15.352 -16.697 2.877   1.00 65.88 ? 76  ARG A NH2 1 
ATOM   596  N  N   . CYS A 1 77  ? -15.079 -9.151  -3.138  1.00 42.42 ? 77  CYS A N   1 
ATOM   597  C  CA  . CYS A 1 77  ? -14.630 -7.784  -3.364  1.00 40.13 ? 77  CYS A CA  1 
ATOM   598  C  C   . CYS A 1 77  ? -15.761 -6.839  -3.013  1.00 38.04 ? 77  CYS A C   1 
ATOM   599  O  O   . CYS A 1 77  ? -16.916 -7.160  -3.247  1.00 38.24 ? 77  CYS A O   1 
ATOM   600  C  CB  . CYS A 1 77  ? -14.233 -7.567  -4.826  1.00 30.35 ? 77  CYS A CB  1 
ATOM   601  S  SG  . CYS A 1 77  ? -12.627 -8.265  -5.267  1.00 30.73 ? 77  CYS A SG  1 
ATOM   602  N  N   . PRO A 1 78  ? -15.439 -5.664  -2.441  1.00 25.81 ? 78  PRO A N   1 
ATOM   603  C  CA  . PRO A 1 78  ? -16.402 -4.619  -2.044  1.00 24.00 ? 78  PRO A CA  1 
ATOM   604  C  C   . PRO A 1 78  ? -17.392 -4.214  -3.153  1.00 24.43 ? 78  PRO A C   1 
ATOM   605  O  O   . PRO A 1 78  ? -18.518 -3.777  -2.872  1.00 24.32 ? 78  PRO A O   1 
ATOM   606  C  CB  . PRO A 1 78  ? -15.513 -3.448  -1.680  1.00 13.28 ? 78  PRO A CB  1 
ATOM   607  C  CG  . PRO A 1 78  ? -14.249 -4.123  -1.115  1.00 13.16 ? 78  PRO A CG  1 
ATOM   608  C  CD  . PRO A 1 78  ? -14.055 -5.308  -2.040  1.00 14.81 ? 78  PRO A CD  1 
ATOM   609  N  N   . SER A 1 79  ? -16.969 -4.330  -4.412  1.00 26.21 ? 79  SER A N   1 
ATOM   610  C  CA  . SER A 1 79  ? -17.821 -3.973  -5.548  1.00 25.32 ? 79  SER A CA  1 
ATOM   611  C  C   . SER A 1 79  ? -18.768 -5.101  -5.874  1.00 25.59 ? 79  SER A C   1 
ATOM   612  O  O   . SER A 1 79  ? -19.731 -4.907  -6.630  1.00 25.71 ? 79  SER A O   1 
ATOM   613  C  CB  . SER A 1 79  ? -16.994 -3.749  -6.798  1.00 24.38 ? 79  SER A CB  1 
ATOM   614  O  OG  . SER A 1 79  ? -16.448 -5.006  -7.223  1.00 23.86 ? 79  SER A OG  1 
ATOM   615  N  N   . GLY A 1 80  ? -18.482 -6.279  -5.323  1.00 23.07 ? 80  GLY A N   1 
ATOM   616  C  CA  . GLY A 1 80  ? -19.280 -7.447  -5.623  1.00 22.80 ? 80  GLY A CA  1 
ATOM   617  C  C   . GLY A 1 80  ? -18.539 -8.103  -6.773  1.00 23.86 ? 80  GLY A C   1 
ATOM   618  O  O   . GLY A 1 80  ? -17.652 -7.486  -7.355  1.00 22.92 ? 80  GLY A O   1 
ATOM   619  N  N   . PRO A 1 81  ? -18.875 -9.343  -7.144  1.00 30.91 ? 81  PRO A N   1 
ATOM   620  C  CA  . PRO A 1 81  ? -18.206 -10.062 -8.242  1.00 30.12 ? 81  PRO A CA  1 
ATOM   621  C  C   . PRO A 1 81  ? -18.477 -9.473  -9.626  1.00 29.97 ? 81  PRO A C   1 
ATOM   622  O  O   . PRO A 1 81  ? -19.442 -8.735  -9.810  1.00 30.85 ? 81  PRO A O   1 
ATOM   623  C  CB  . PRO A 1 81  ? -18.776 -11.466 -8.108  1.00 29.55 ? 81  PRO A CB  1 
ATOM   624  C  CG  . PRO A 1 81  ? -20.222 -11.153 -7.721  1.00 30.00 ? 81  PRO A CG  1 
ATOM   625  C  CD  . PRO A 1 81  ? -20.031 -10.105 -6.631  1.00 29.02 ? 81  PRO A CD  1 
ATOM   626  N  N   . GLY A 1 82  ? -17.634 -9.800  -10.606 1.00 24.79 ? 82  GLY A N   1 
ATOM   627  C  CA  . GLY A 1 82  ? -17.848 -9.286  -11.963 1.00 22.02 ? 82  GLY A CA  1 
ATOM   628  C  C   . GLY A 1 82  ? -16.646 -8.642  -12.636 1.00 21.79 ? 82  GLY A C   1 
ATOM   629  O  O   . GLY A 1 82  ? -15.587 -8.454  -12.002 1.00 23.44 ? 82  GLY A O   1 
ATOM   630  N  N   . THR A 1 83  ? -16.798 -8.283  -13.912 1.00 20.23 ? 83  THR A N   1 
ATOM   631  C  CA  . THR A 1 83  ? -15.716 -7.661  -14.693 1.00 18.86 ? 83  THR A CA  1 
ATOM   632  C  C   . THR A 1 83  ? -15.667 -6.133  -14.640 1.00 19.87 ? 83  THR A C   1 
ATOM   633  O  O   . THR A 1 83  ? -16.701 -5.453  -14.679 1.00 19.08 ? 83  THR A O   1 
ATOM   634  C  CB  . THR A 1 83  ? -15.821 -8.056  -16.178 1.00 13.16 ? 83  THR A CB  1 
ATOM   635  O  OG1 . THR A 1 83  ? -15.877 -9.482  -16.265 1.00 17.34 ? 83  THR A OG1 1 
ATOM   636  C  CG2 . THR A 1 83  ? -14.620 -7.577  -16.992 1.00 11.86 ? 83  THR A CG2 1 
ATOM   637  N  N   . PHE A 1 84  ? -14.457 -5.596  -14.509 1.00 20.05 ? 84  PHE A N   1 
ATOM   638  C  CA  . PHE A 1 84  ? -14.270 -4.151  -14.545 1.00 19.60 ? 84  PHE A CA  1 
ATOM   639  C  C   . PHE A 1 84  ? -13.268 -3.926  -15.698 1.00 20.93 ? 84  PHE A C   1 
ATOM   640  O  O   . PHE A 1 84  ? -12.194 -4.576  -15.770 1.00 21.92 ? 84  PHE A O   1 
ATOM   641  C  CB  . PHE A 1 84  ? -13.732 -3.614  -13.208 1.00 13.03 ? 84  PHE A CB  1 
ATOM   642  C  CG  . PHE A 1 84  ? -14.804 -3.436  -12.135 1.00 11.29 ? 84  PHE A CG  1 
ATOM   643  C  CD1 . PHE A 1 84  ? -15.242 -4.537  -11.354 1.00 9.91  ? 84  PHE A CD1 1 
ATOM   644  C  CD2 . PHE A 1 84  ? -15.446 -2.187  -11.975 1.00 9.34  ? 84  PHE A CD2 1 
ATOM   645  C  CE1 . PHE A 1 84  ? -16.309 -4.406  -10.435 1.00 8.76  ? 84  PHE A CE1 1 
ATOM   646  C  CE2 . PHE A 1 84  ? -16.514 -2.038  -11.062 1.00 9.24  ? 84  PHE A CE2 1 
ATOM   647  C  CZ  . PHE A 1 84  ? -16.947 -3.164  -10.286 1.00 10.18 ? 84  PHE A CZ  1 
ATOM   648  N  N   . THR A 1 85  ? -13.643 -3.038  -16.617 1.00 20.02 ? 85  THR A N   1 
ATOM   649  C  CA  . THR A 1 85  ? -12.812 -2.744  -17.783 1.00 19.58 ? 85  THR A CA  1 
ATOM   650  C  C   . THR A 1 85  ? -12.635 -1.274  -17.973 1.00 19.94 ? 85  THR A C   1 
ATOM   651  O  O   . THR A 1 85  ? -13.606 -0.520  -17.973 1.00 19.36 ? 85  THR A O   1 
ATOM   652  C  CB  . THR A 1 85  ? -13.449 -3.280  -19.072 1.00 20.84 ? 85  THR A CB  1 
ATOM   653  O  OG1 . THR A 1 85  ? -13.525 -4.714  -18.996 1.00 20.73 ? 85  THR A OG1 1 
ATOM   654  C  CG2 . THR A 1 85  ? -12.646 -2.845  -20.291 1.00 16.01 ? 85  THR A CG2 1 
ATOM   655  N  N   . PHE A 1 86  ? -11.389 -0.871  -18.180 1.00 21.61 ? 86  PHE A N   1 
ATOM   656  C  CA  . PHE A 1 86  ? -11.091 0.535   -18.390 1.00 21.70 ? 86  PHE A CA  1 
ATOM   657  C  C   . PHE A 1 86  ? -10.274 0.729   -19.668 1.00 22.11 ? 86  PHE A C   1 
ATOM   658  O  O   . PHE A 1 86  ? -9.278  0.035   -19.892 1.00 23.15 ? 86  PHE A O   1 
ATOM   659  C  CB  . PHE A 1 86  ? -10.323 1.098   -17.177 1.00 21.91 ? 86  PHE A CB  1 
ATOM   660  C  CG  . PHE A 1 86  ? -11.040 0.922   -15.839 1.00 20.90 ? 86  PHE A CG  1 
ATOM   661  C  CD1 . PHE A 1 86  ? -10.861 -0.236  -15.071 1.00 21.06 ? 86  PHE A CD1 1 
ATOM   662  C  CD2 . PHE A 1 86  ? -11.848 1.941   -15.323 1.00 19.33 ? 86  PHE A CD2 1 
ATOM   663  C  CE1 . PHE A 1 86  ? -11.465 -0.365  -13.811 1.00 19.21 ? 86  PHE A CE1 1 
ATOM   664  C  CE2 . PHE A 1 86  ? -12.455 1.821   -14.080 1.00 18.79 ? 86  PHE A CE2 1 
ATOM   665  C  CZ  . PHE A 1 86  ? -12.262 0.661   -13.323 1.00 19.22 ? 86  PHE A CZ  1 
ATOM   666  N  N   . GLN A 1 87  ? -10.716 1.673   -20.496 1.00 22.24 ? 87  GLN A N   1 
ATOM   667  C  CA  . GLN A 1 87  ? -10.066 2.044   -21.755 1.00 23.27 ? 87  GLN A CA  1 
ATOM   668  C  C   . GLN A 1 87  ? -8.795  2.809   -21.346 1.00 22.64 ? 87  GLN A C   1 
ATOM   669  O  O   . GLN A 1 87  ? -8.793  3.592   -20.366 1.00 22.61 ? 87  GLN A O   1 
ATOM   670  C  CB  . GLN A 1 87  ? -10.983 2.984   -22.538 1.00 62.41 ? 87  GLN A CB  1 
ATOM   671  C  CG  . GLN A 1 87  ? -11.111 2.705   -24.023 1.00 69.99 ? 87  GLN A CG  1 
ATOM   672  C  CD  . GLN A 1 87  ? -12.091 1.576   -24.330 1.00 75.10 ? 87  GLN A CD  1 
ATOM   673  O  OE1 . GLN A 1 87  ? -11.707 0.405   -24.425 1.00 78.28 ? 87  GLN A OE1 1 
ATOM   674  N  NE2 . GLN A 1 87  ? -13.369 1.926   -24.477 1.00 77.01 ? 87  GLN A NE2 1 
ATOM   675  N  N   . THR A 1 88  ? -7.721  2.624   -22.097 1.00 21.75 ? 88  THR A N   1 
ATOM   676  C  CA  . THR A 1 88  ? -6.457  3.284   -21.757 1.00 20.02 ? 88  THR A CA  1 
ATOM   677  C  C   . THR A 1 88  ? -5.385  2.686   -22.645 1.00 19.73 ? 88  THR A C   1 
ATOM   678  O  O   . THR A 1 88  ? -5.454  1.515   -22.987 1.00 21.54 ? 88  THR A O   1 
ATOM   679  C  CB  . THR A 1 88  ? -6.088  3.007   -20.265 1.00 16.96 ? 88  THR A CB  1 
ATOM   680  O  OG1 . THR A 1 88  ? -4.713  3.342   -20.001 1.00 14.19 ? 88  THR A OG1 1 
ATOM   681  C  CG2 . THR A 1 88  ? -6.289  1.546   -19.944 1.00 17.54 ? 88  THR A CG2 1 
ATOM   682  N  N   . SER A 1 89  ? -4.389  3.469   -23.022 1.00 22.09 ? 89  SER A N   1 
ATOM   683  C  CA  . SER A 1 89  ? -3.311  2.933   -23.854 1.00 22.76 ? 89  SER A CA  1 
ATOM   684  C  C   . SER A 1 89  ? -2.103  2.415   -23.017 1.00 23.42 ? 89  SER A C   1 
ATOM   685  O  O   . SER A 1 89  ? -1.103  1.973   -23.583 1.00 23.67 ? 89  SER A O   1 
ATOM   686  C  CB  . SER A 1 89  ? -2.824  4.013   -24.793 1.00 14.63 ? 89  SER A CB  1 
ATOM   687  O  OG  . SER A 1 89  ? -2.176  4.996   -24.007 1.00 16.42 ? 89  SER A OG  1 
ATOM   688  N  N   . GLN A 1 90  ? -2.211  2.487   -21.686 1.00 22.86 ? 90  GLN A N   1 
ATOM   689  C  CA  . GLN A 1 90  ? -1.187  2.033   -20.742 1.00 22.94 ? 90  GLN A CA  1 
ATOM   690  C  C   . GLN A 1 90  ? -1.586  0.697   -20.117 1.00 24.08 ? 90  GLN A C   1 
ATOM   691  O  O   . GLN A 1 90  ? -1.194  0.402   -18.985 1.00 26.75 ? 90  GLN A O   1 
ATOM   692  C  CB  . GLN A 1 90  ? -1.000  3.053   -19.604 1.00 20.12 ? 90  GLN A CB  1 
ATOM   693  C  CG  . GLN A 1 90  ? -0.536  4.413   -20.082 1.00 17.71 ? 90  GLN A CG  1 
ATOM   694  C  CD  . GLN A 1 90  ? -0.705  5.518   -19.029 1.00 18.72 ? 90  GLN A CD  1 
ATOM   695  O  OE1 . GLN A 1 90  ? -1.741  5.622   -18.367 1.00 20.44 ? 90  GLN A OE1 1 
ATOM   696  N  NE2 . GLN A 1 90  ? 0.310   6.370   -18.896 1.00 20.35 ? 90  GLN A NE2 1 
ATOM   697  N  N   . GLY A 1 91  ? -2.366  -0.104  -20.837 1.00 23.65 ? 91  GLY A N   1 
ATOM   698  C  CA  . GLY A 1 91  ? -2.779  -1.389  -20.302 1.00 23.58 ? 91  GLY A CA  1 
ATOM   699  C  C   . GLY A 1 91  ? -1.585  -2.207  -19.825 1.00 24.82 ? 91  GLY A C   1 
ATOM   700  O  O   . GLY A 1 91  ? -1.620  -2.755  -18.714 1.00 23.96 ? 91  GLY A O   1 
ATOM   701  N  N   A ASN A 1 92  ? -0.536  -2.266  -20.657 0.50 24.58 ? 92  ASN A N   1 
ATOM   702  N  N   B ASN A 1 92  ? -0.524  -2.304  -20.623 0.50 24.74 ? 92  ASN A N   1 
ATOM   703  C  CA  A ASN A 1 92  ? 0.689   -3.018  -20.348 0.50 25.24 ? 92  ASN A CA  1 
ATOM   704  C  CA  B ASN A 1 92  ? 0.609   -3.111  -20.183 0.50 25.76 ? 92  ASN A CA  1 
ATOM   705  C  C   A ASN A 1 92  ? 1.339   -2.551  -19.029 0.50 25.57 ? 92  ASN A C   1 
ATOM   706  C  C   B ASN A 1 92  ? 1.257   -2.558  -18.914 0.50 25.77 ? 92  ASN A C   1 
ATOM   707  O  O   A ASN A 1 92  ? 1.802   -3.369  -18.228 0.50 25.04 ? 92  ASN A O   1 
ATOM   708  O  O   B ASN A 1 92  ? 1.654   -3.326  -18.033 0.50 25.21 ? 92  ASN A O   1 
ATOM   709  C  CB  A ASN A 1 92  ? 1.731   -2.876  -21.489 0.50 24.48 ? 92  ASN A CB  1 
ATOM   710  C  CB  B ASN A 1 92  ? 1.668   -3.244  -21.283 0.50 34.32 ? 92  ASN A CB  1 
ATOM   711  C  CG  A ASN A 1 92  ? 1.311   -3.571  -22.800 0.50 23.34 ? 92  ASN A CG  1 
ATOM   712  C  CG  B ASN A 1 92  ? 2.578   -4.434  -21.058 0.50 34.27 ? 92  ASN A CG  1 
ATOM   713  O  OD1 A ASN A 1 92  ? 2.060   -3.557  -23.782 0.50 22.30 ? 92  ASN A OD1 1 
ATOM   714  O  OD1 B ASN A 1 92  ? 3.548   -4.632  -21.775 0.50 35.80 ? 92  ASN A OD1 1 
ATOM   715  N  ND2 A ASN A 1 92  ? 0.128   -4.173  -22.816 0.50 23.09 ? 92  ASN A ND2 1 
ATOM   716  N  ND2 B ASN A 1 92  ? 2.256   -5.237  -20.054 0.50 34.26 ? 92  ASN A ND2 1 
ATOM   717  N  N   . ASP A 1 93  ? 1.368   -1.235  -18.822 1.00 30.44 ? 93  ASP A N   1 
ATOM   718  C  CA  . ASP A 1 93  ? 1.968   -0.611  -17.628 1.00 29.93 ? 93  ASP A CA  1 
ATOM   719  C  C   . ASP A 1 93  ? 1.212   -0.946  -16.343 1.00 29.58 ? 93  ASP A C   1 
ATOM   720  O  O   . ASP A 1 93  ? 1.833   -1.236  -15.299 1.00 29.00 ? 93  ASP A O   1 
ATOM   721  C  CB  . ASP A 1 93  ? 2.026   0.906   -17.810 1.00 39.16 ? 93  ASP A CB  1 
ATOM   722  C  CG  . ASP A 1 93  ? 2.949   1.310   -18.945 1.00 42.20 ? 93  ASP A CG  1 
ATOM   723  O  OD1 . ASP A 1 93  ? 4.171   1.455   -18.697 1.00 41.31 ? 93  ASP A OD1 1 
ATOM   724  O  OD2 . ASP A 1 93  ? 2.450   1.446   -20.093 1.00 45.48 ? 93  ASP A OD2 1 
ATOM   725  N  N   . ILE A 1 94  ? -0.125  -0.913  -16.413 1.00 22.70 ? 94  ILE A N   1 
ATOM   726  C  CA  . ILE A 1 94  ? -0.904  -1.231  -15.237 1.00 21.87 ? 94  ILE A CA  1 
ATOM   727  C  C   . ILE A 1 94  ? -0.719  -2.718  -14.967 1.00 22.41 ? 94  ILE A C   1 
ATOM   728  O  O   . ILE A 1 94  ? -0.538  -3.121  -13.812 1.00 21.22 ? 94  ILE A O   1 
ATOM   729  C  CB  . ILE A 1 94  ? -2.381  -0.914  -15.434 1.00 21.16 ? 94  ILE A CB  1 
ATOM   730  C  CG1 . ILE A 1 94  ? -2.545  0.530   -15.903 1.00 21.08 ? 94  ILE A CG1 1 
ATOM   731  C  CG2 . ILE A 1 94  ? -3.127  -1.052  -14.122 1.00 19.15 ? 94  ILE A CG2 1 
ATOM   732  C  CD1 . ILE A 1 94  ? -3.976  0.844   -16.373 1.00 18.40 ? 94  ILE A CD1 1 
ATOM   733  N  N   . PHE A 1 95  ? -0.733  -3.530  -16.030 1.00 27.74 ? 95  PHE A N   1 
ATOM   734  C  CA  . PHE A 1 95  ? -0.568  -4.988  -15.899 1.00 26.99 ? 95  PHE A CA  1 
ATOM   735  C  C   . PHE A 1 95  ? 0.774   -5.317  -15.301 1.00 27.88 ? 95  PHE A C   1 
ATOM   736  O  O   . PHE A 1 95  ? 0.890   -6.220  -14.479 1.00 29.09 ? 95  PHE A O   1 
ATOM   737  C  CB  . PHE A 1 95  ? -0.660  -5.690  -17.253 1.00 30.07 ? 95  PHE A CB  1 
ATOM   738  C  CG  . PHE A 1 95  ? -0.525  -7.204  -17.170 1.00 30.45 ? 95  PHE A CG  1 
ATOM   739  C  CD1 . PHE A 1 95  ? -1.638  -8.004  -16.982 1.00 29.50 ? 95  PHE A CD1 1 
ATOM   740  C  CD2 . PHE A 1 95  ? 0.739   -7.819  -17.240 1.00 31.85 ? 95  PHE A CD2 1 
ATOM   741  C  CE1 . PHE A 1 95  ? -1.504  -9.384  -16.867 1.00 30.53 ? 95  PHE A CE1 1 
ATOM   742  C  CE2 . PHE A 1 95  ? 0.877   -9.192  -17.123 1.00 28.22 ? 95  PHE A CE2 1 
ATOM   743  C  CZ  . PHE A 1 95  ? -0.243  -9.976  -16.935 1.00 28.25 ? 95  PHE A CZ  1 
ATOM   744  N  N   . GLN A 1 96  ? 1.802   -4.599  -15.738 1.00 24.31 ? 96  GLN A N   1 
ATOM   745  C  CA  . GLN A 1 96  ? 3.133   -4.825  -15.216 1.00 24.57 ? 96  GLN A CA  1 
ATOM   746  C  C   . GLN A 1 96  ? 3.205   -4.541  -13.716 1.00 23.77 ? 96  GLN A C   1 
ATOM   747  O  O   . GLN A 1 96  ? 3.719   -5.359  -12.946 1.00 24.49 ? 96  GLN A O   1 
ATOM   748  C  CB  . GLN A 1 96  ? 4.133   -3.953  -15.949 1.00 49.15 ? 96  GLN A CB  1 
ATOM   749  C  CG  . GLN A 1 96  ? 4.781   -4.592  -17.155 1.00 53.98 ? 96  GLN A CG  1 
ATOM   750  C  CD  . GLN A 1 96  ? 6.053   -3.859  -17.514 1.00 58.19 ? 96  GLN A CD  1 
ATOM   751  O  OE1 . GLN A 1 96  ? 6.691   -4.151  -18.522 1.00 62.09 ? 96  GLN A OE1 1 
ATOM   752  N  NE2 . GLN A 1 96  ? 6.434   -2.892  -16.676 1.00 58.37 ? 96  GLN A NE2 1 
ATOM   753  N  N   . ALA A 1 97  ? 2.678   -3.393  -13.297 1.00 26.64 ? 97  ALA A N   1 
ATOM   754  C  CA  . ALA A 1 97  ? 2.702   -3.005  -11.898 1.00 25.84 ? 97  ALA A CA  1 
ATOM   755  C  C   . ALA A 1 97  ? 1.863   -3.904  -11.022 1.00 27.70 ? 97  ALA A C   1 
ATOM   756  O  O   . ALA A 1 97  ? 2.223   -4.097  -9.858  1.00 29.01 ? 97  ALA A O   1 
ATOM   757  C  CB  . ALA A 1 97  ? 2.210   -1.553  -11.721 1.00 10.73 ? 97  ALA A CB  1 
ATOM   758  N  N   . VAL A 1 98  ? 0.737   -4.421  -11.538 1.00 23.76 ? 98  VAL A N   1 
ATOM   759  C  CA  . VAL A 1 98  ? -0.129  -5.272  -10.714 1.00 24.01 ? 98  VAL A CA  1 
ATOM   760  C  C   . VAL A 1 98  ? 0.615   -6.560  -10.520 1.00 24.07 ? 98  VAL A C   1 
ATOM   761  O  O   . VAL A 1 98  ? 0.640   -7.141  -9.437  1.00 23.32 ? 98  VAL A O   1 
ATOM   762  C  CB  . VAL A 1 98  ? -1.503  -5.602  -11.402 1.00 28.47 ? 98  VAL A CB  1 
ATOM   763  C  CG1 . VAL A 1 98  ? -2.197  -6.719  -10.646 1.00 27.37 ? 98  VAL A CG1 1 
ATOM   764  C  CG2 . VAL A 1 98  ? -2.414  -4.353  -11.458 1.00 27.04 ? 98  VAL A CG2 1 
ATOM   765  N  N   . GLU A 1 99  ? 1.233   -7.000  -11.599 1.00 25.79 ? 99  GLU A N   1 
ATOM   766  C  CA  . GLU A 1 99  ? 1.987   -8.226  -11.571 1.00 27.52 ? 99  GLU A CA  1 
ATOM   767  C  C   . GLU A 1 99  ? 3.186   -8.168  -10.599 1.00 27.39 ? 99  GLU A C   1 
ATOM   768  O  O   . GLU A 1 99  ? 3.405   -9.089  -9.835  1.00 27.88 ? 99  GLU A O   1 
ATOM   769  C  CB  . GLU A 1 99  ? 2.439   -8.554  -12.983 1.00 34.88 ? 99  GLU A CB  1 
ATOM   770  C  CG  . GLU A 1 99  ? 2.848   -9.981  -13.122 1.00 38.23 ? 99  GLU A CG  1 
ATOM   771  C  CD  . GLU A 1 99  ? 3.218   -10.343 -14.548 1.00 41.08 ? 99  GLU A CD  1 
ATOM   772  O  OE1 . GLU A 1 99  ? 3.972   -9.553  -15.208 1.00 38.96 ? 99  GLU A OE1 1 
ATOM   773  O  OE2 . GLU A 1 99  ? 2.758   -11.437 -14.991 1.00 44.10 ? 99  GLU A OE2 1 
ATOM   774  N  N   . ALA A 1 100 ? 3.969   -7.104  -10.604 1.00 31.90 ? 100 ALA A N   1 
ATOM   775  C  CA  . ALA A 1 100 ? 5.086   -7.043  -9.655  1.00 32.99 ? 100 ALA A CA  1 
ATOM   776  C  C   . ALA A 1 100 ? 4.627   -6.916  -8.170  1.00 32.77 ? 100 ALA A C   1 
ATOM   777  O  O   . ALA A 1 100 ? 5.286   -7.429  -7.266  1.00 33.61 ? 100 ALA A O   1 
ATOM   778  C  CB  . ALA A 1 100 ? 6.013   -5.891  -10.019 1.00 41.53 ? 100 ALA A CB  1 
ATOM   779  N  N   . ALA A 1 101 ? 3.500   -6.245  -7.923  1.00 25.65 ? 101 ALA A N   1 
ATOM   780  C  CA  . ALA A 1 101 ? 2.982   -6.076  -6.564  1.00 26.33 ? 101 ALA A CA  1 
ATOM   781  C  C   . ALA A 1 101 ? 2.650   -7.436  -5.990  1.00 27.92 ? 101 ALA A C   1 
ATOM   782  O  O   . ALA A 1 101 ? 3.000   -7.761  -4.843  1.00 29.02 ? 101 ALA A O   1 
ATOM   783  C  CB  . ALA A 1 101 ? 1.702   -5.198  -6.570  1.00 9.99  ? 101 ALA A CB  1 
ATOM   784  N  N   . ILE A 1 102 ? 1.973   -8.229  -6.813  1.00 33.67 ? 102 ILE A N   1 
ATOM   785  C  CA  . ILE A 1 102 ? 1.538   -9.564  -6.447  1.00 33.90 ? 102 ILE A CA  1 
ATOM   786  C  C   . ILE A 1 102 ? 2.692   -10.513 -6.207  1.00 36.23 ? 102 ILE A C   1 
ATOM   787  O  O   . ILE A 1 102 ? 2.702   -11.224 -5.203  1.00 37.62 ? 102 ILE A O   1 
ATOM   788  C  CB  . ILE A 1 102 ? 0.599   -10.143 -7.534  1.00 24.29 ? 102 ILE A CB  1 
ATOM   789  C  CG1 . ILE A 1 102 ? -0.713  -9.356  -7.530  1.00 22.53 ? 102 ILE A CG1 1 
ATOM   790  C  CG2 . ILE A 1 102 ? 0.311   -11.605 -7.279  1.00 22.16 ? 102 ILE A CG2 1 
ATOM   791  C  CD1 . ILE A 1 102 ? -1.594  -9.588  -8.743  1.00 23.98 ? 102 ILE A CD1 1 
ATOM   792  N  N   . GLN A 1 103 ? 3.667   -10.550 -7.108  1.00 38.97 ? 103 GLN A N   1 
ATOM   793  C  CA  . GLN A 1 103 ? 4.782   -11.472 -6.893  1.00 41.75 ? 103 GLN A CA  1 
ATOM   794  C  C   . GLN A 1 103 ? 5.500   -11.017 -5.637  1.00 41.09 ? 103 GLN A C   1 
ATOM   795  O  O   . GLN A 1 103 ? 5.750   -11.816 -4.730  1.00 40.62 ? 103 GLN A O   1 
ATOM   796  C  CB  . GLN A 1 103 ? 5.744   -11.482 -8.079  1.00 77.24 ? 103 GLN A CB  1 
ATOM   797  C  CG  . GLN A 1 103 ? 6.028   -10.118 -8.611  1.00 82.51 ? 103 GLN A CG  1 
ATOM   798  C  CD  . GLN A 1 103 ? 7.293   -10.066 -9.416  1.00 85.31 ? 103 GLN A CD  1 
ATOM   799  O  OE1 . GLN A 1 103 ? 8.392   -10.132 -8.860  1.00 88.62 ? 103 GLN A OE1 1 
ATOM   800  N  NE2 . GLN A 1 103 ? 7.157   -9.946  -10.739 1.00 87.47 ? 103 GLN A NE2 1 
ATOM   801  N  N   . GLN A 1 104 ? 5.815   -9.729  -5.576  1.00 33.91 ? 104 GLN A N   1 
ATOM   802  C  CA  . GLN A 1 104 ? 6.483   -9.200  -4.396  1.00 35.72 ? 104 GLN A CA  1 
ATOM   803  C  C   . GLN A 1 104 ? 5.694   -9.625  -3.152  1.00 35.60 ? 104 GLN A C   1 
ATOM   804  O  O   . GLN A 1 104 ? 6.263   -10.089 -2.165  1.00 33.80 ? 104 GLN A O   1 
ATOM   805  C  CB  . GLN A 1 104 ? 6.555   -7.683  -4.462  1.00 53.53 ? 104 GLN A CB  1 
ATOM   806  C  CG  . GLN A 1 104 ? 7.548   -7.176  -5.470  1.00 56.15 ? 104 GLN A CG  1 
ATOM   807  C  CD  . GLN A 1 104 ? 8.121   -5.844  -5.053  1.00 58.97 ? 104 GLN A CD  1 
ATOM   808  O  OE1 . GLN A 1 104 ? 7.386   -4.874  -4.857  1.00 60.05 ? 104 GLN A OE1 1 
ATOM   809  N  NE2 . GLN A 1 104 ? 9.443   -5.790  -4.896  1.00 59.36 ? 104 GLN A NE2 1 
ATOM   810  N  N   . GLN A 1 105 ? 4.377   -9.471  -3.228  1.00 37.83 ? 105 GLN A N   1 
ATOM   811  C  CA  . GLN A 1 105 ? 3.494   -9.844  -2.141  1.00 38.92 ? 105 GLN A CA  1 
ATOM   812  C  C   . GLN A 1 105 ? 3.535   -11.351 -1.857  1.00 40.48 ? 105 GLN A C   1 
ATOM   813  O  O   . GLN A 1 105 ? 3.668   -11.756 -0.707  1.00 40.38 ? 105 GLN A O   1 
ATOM   814  C  CB  . GLN A 1 105 ? 2.048   -9.424  -2.462  1.00 38.34 ? 105 GLN A CB  1 
ATOM   815  C  CG  . GLN A 1 105 ? 1.128   -9.479  -1.248  1.00 38.46 ? 105 GLN A CG  1 
ATOM   816  C  CD  . GLN A 1 105 ? -0.351  -9.369  -1.581  1.00 38.58 ? 105 GLN A CD  1 
ATOM   817  O  OE1 . GLN A 1 105 ? -0.736  -8.715  -2.539  1.00 40.53 ? 105 GLN A OE1 1 
ATOM   818  N  NE2 . GLN A 1 105 ? -1.188  -9.998  -0.768  1.00 39.45 ? 105 GLN A NE2 1 
ATOM   819  N  N   . LYS A 1 106 ? 3.423   -12.185 -2.893  1.00 60.49 ? 106 LYS A N   1 
ATOM   820  C  CA  . LYS A 1 106 ? 3.425   -13.643 -2.697  1.00 62.01 ? 106 LYS A CA  1 
ATOM   821  C  C   . LYS A 1 106 ? 4.714   -14.163 -2.066  1.00 62.78 ? 106 LYS A C   1 
ATOM   822  O  O   . LYS A 1 106 ? 4.721   -15.180 -1.358  1.00 63.46 ? 106 LYS A O   1 
ATOM   823  C  CB  . LYS A 1 106 ? 3.171   -14.367 -4.023  1.00 52.01 ? 106 LYS A CB  1 
ATOM   824  C  CG  . LYS A 1 106 ? 1.760   -14.170 -4.567  1.00 52.38 ? 106 LYS A CG  1 
ATOM   825  C  CD  . LYS A 1 106 ? 1.279   -15.412 -5.331  1.00 52.12 ? 106 LYS A CD  1 
ATOM   826  C  CE  . LYS A 1 106 ? -0.124  -15.237 -5.907  1.00 50.21 ? 106 LYS A CE  1 
ATOM   827  N  NZ  . LYS A 1 106 ? -0.704  -16.554 -6.309  1.00 51.59 ? 106 LYS A NZ  1 
ATOM   828  N  N   . ALA A 1 107 ? 5.802   -13.454 -2.336  1.00 39.69 ? 107 ALA A N   1 
ATOM   829  C  CA  . ALA A 1 107 ? 7.112   -13.789 -1.807  1.00 40.85 ? 107 ALA A CA  1 
ATOM   830  C  C   . ALA A 1 107 ? 7.111   -13.485 -0.329  1.00 42.86 ? 107 ALA A C   1 
ATOM   831  O  O   . ALA A 1 107 ? 8.121   -13.056 0.202   1.00 43.13 ? 107 ALA A O   1 
ATOM   832  C  CB  . ALA A 1 107 ? 8.151   -12.938 -2.486  1.00 12.29 ? 107 ALA A CB  1 
ATOM   833  N  N   . GLN A 1 108 ? 5.980   -13.705 0.335   1.00 74.44 ? 108 GLN A N   1 
ATOM   834  C  CA  . GLN A 1 108 ? 5.835   -13.385 1.756   1.00 77.53 ? 108 GLN A CA  1 
ATOM   835  C  C   . GLN A 1 108 ? 5.938   -11.855 1.862   1.00 78.46 ? 108 GLN A C   1 
ATOM   836  O  O   . GLN A 1 108 ? 5.573   -11.247 2.873   1.00 79.47 ? 108 GLN A O   1 
ATOM   837  C  CB  . GLN A 1 108 ? 6.938   -14.055 2.589   1.00 88.73 ? 108 GLN A CB  1 
ATOM   838  C  CG  . GLN A 1 108 ? 6.698   -14.005 4.102   1.00 89.94 ? 108 GLN A CG  1 
ATOM   839  C  CD  . GLN A 1 108 ? 7.692   -14.844 4.897   1.00 91.87 ? 108 GLN A CD  1 
ATOM   840  O  OE1 . GLN A 1 108 ? 7.875   -16.040 4.628   1.00 92.16 ? 108 GLN A OE1 1 
ATOM   841  N  NE2 . GLN A 1 108 ? 8.337   -14.222 5.888   1.00 90.76 ? 108 GLN A NE2 1 
ATOM   842  N  N   . GLY A 1 109 ? 6.427   -11.243 0.786   1.00 71.43 ? 109 GLY A N   1 
ATOM   843  C  CA  . GLY A 1 109 ? 6.576   -9.803  0.737   1.00 71.59 ? 109 GLY A CA  1 
ATOM   844  C  C   . GLY A 1 109 ? 7.904   -9.401  1.313   1.00 71.85 ? 109 GLY A C   1 
ATOM   845  O  O   . GLY A 1 109 ? 8.616   -8.566  0.750   1.00 72.32 ? 109 GLY A O   1 
ATOM   846  N  N   . LYS A 1 110 ? 8.229   -10.051 2.425   1.00 87.93 ? 110 LYS A N   1 
ATOM   847  C  CA  . LYS A 1 110 ? 9.444   -9.842  3.210   1.00 88.45 ? 110 LYS A CA  1 
ATOM   848  C  C   . LYS A 1 110 ? 8.837   -9.447  4.553   1.00 89.64 ? 110 LYS A C   1 
ATOM   849  O  O   . LYS A 1 110 ? 8.987   -10.201 5.532   1.00 90.41 ? 110 LYS A O   1 
ATOM   850  C  CB  . LYS A 1 110 ? 10.314  -8.703  2.630   1.00 60.48 ? 110 LYS A CB  1 
ATOM   851  C  CG  . LYS A 1 110 ? 11.556  -8.344  3.416   1.00 58.05 ? 110 LYS A CG  1 
ATOM   852  C  CD  . LYS A 1 110 ? 12.640  -9.396  3.280   1.00 59.03 ? 110 LYS A CD  1 
ATOM   853  C  CE  . LYS A 1 110 ? 13.886  -9.002  4.082   1.00 59.67 ? 110 LYS A CE  1 
ATOM   854  N  NZ  . LYS A 1 110 ? 15.121  -9.790  3.765   1.00 59.31 ? 110 LYS A NZ  1 
HETATM 855  N  N   . MSE B 1 4   ? -0.351  7.409   1.902   1.00 88.56 ? 4   MSE B N   1 
HETATM 856  C  CA  . MSE B 1 4   ? 0.289   8.386   2.819   1.00 87.94 ? 4   MSE B CA  1 
HETATM 857  C  C   . MSE B 1 4   ? 1.782   8.552   2.485   1.00 87.54 ? 4   MSE B C   1 
HETATM 858  O  O   . MSE B 1 4   ? 2.378   9.595   2.759   1.00 87.96 ? 4   MSE B O   1 
HETATM 859  C  CB  . MSE B 1 4   ? 0.109   7.918   4.266   1.00 64.53 ? 4   MSE B CB  1 
HETATM 860  C  CG  . MSE B 1 4   ? -1.253  7.304   4.545   1.00 65.50 ? 4   MSE B CG  1 
HETATM 861  SE SE  . MSE B 1 4   ? -2.599  8.355   3.991   1.00 69.12 ? 4   MSE B SE  1 
HETATM 862  C  CE  . MSE B 1 4   ? -3.043  7.636   2.341   1.00 65.18 ? 4   MSE B CE  1 
ATOM   863  N  N   . GLY B 1 5   ? 2.378   7.529   1.883   1.00 87.90 ? 5   GLY B N   1 
ATOM   864  C  CA  . GLY B 1 5   ? 3.786   7.600   1.535   1.00 85.55 ? 5   GLY B CA  1 
ATOM   865  C  C   . GLY B 1 5   ? 4.241   6.311   0.881   1.00 83.93 ? 5   GLY B C   1 
ATOM   866  O  O   . GLY B 1 5   ? 3.403   5.537   0.406   1.00 85.49 ? 5   GLY B O   1 
ATOM   867  N  N   . SER B 1 6   ? 5.549   6.060   0.842   1.00 38.46 ? 6   SER B N   1 
ATOM   868  C  CA  . SER B 1 6   ? 5.989   4.830   0.213   1.00 35.29 ? 6   SER B CA  1 
ATOM   869  C  C   . SER B 1 6   ? 6.007   3.666   1.198   1.00 32.05 ? 6   SER B C   1 
ATOM   870  O  O   . SER B 1 6   ? 6.335   3.807   2.378   1.00 30.31 ? 6   SER B O   1 
ATOM   871  C  CB  . SER B 1 6   ? 7.337   5.007   -0.485  1.00 59.43 ? 6   SER B CB  1 
ATOM   872  O  OG  . SER B 1 6   ? 7.248   4.500   -1.816  1.00 60.17 ? 6   SER B OG  1 
ATOM   873  N  N   . GLN B 1 7   ? 5.630   2.505   0.690   1.00 32.91 ? 7   GLN B N   1 
ATOM   874  C  CA  . GLN B 1 7   ? 5.513   1.324   1.513   1.00 31.20 ? 7   GLN B CA  1 
ATOM   875  C  C   . GLN B 1 7   ? 6.499   0.248   1.148   1.00 29.54 ? 7   GLN B C   1 
ATOM   876  O  O   . GLN B 1 7   ? 6.815   0.052   -0.026  1.00 28.51 ? 7   GLN B O   1 
ATOM   877  C  CB  . GLN B 1 7   ? 4.087   0.799   1.405   1.00 45.49 ? 7   GLN B CB  1 
ATOM   878  C  CG  . GLN B 1 7   ? 3.090   1.826   1.873   1.00 47.34 ? 7   GLN B CG  1 
ATOM   879  C  CD  . GLN B 1 7   ? 1.671   1.363   1.753   1.00 50.28 ? 7   GLN B CD  1 
ATOM   880  O  OE1 . GLN B 1 7   ? 0.798   1.818   2.501   1.00 51.68 ? 7   GLN B OE1 1 
ATOM   881  N  NE2 . GLN B 1 7   ? 1.416   0.460   0.803   1.00 51.35 ? 7   GLN B NE2 1 
ATOM   882  N  N   . PHE B 1 8   ? 6.986   -0.456  2.164   1.00 30.98 ? 8   PHE B N   1 
ATOM   883  C  CA  . PHE B 1 8   ? 7.952   -1.494  1.924   1.00 28.23 ? 8   PHE B CA  1 
ATOM   884  C  C   . PHE B 1 8   ? 7.536   -2.718  2.656   1.00 27.35 ? 8   PHE B C   1 
ATOM   885  O  O   . PHE B 1 8   ? 7.047   -2.645  3.786   1.00 27.49 ? 8   PHE B O   1 
ATOM   886  C  CB  . PHE B 1 8   ? 9.332   -1.056  2.417   1.00 27.08 ? 8   PHE B CB  1 
ATOM   887  C  CG  . PHE B 1 8   ? 9.747   0.292   1.917   1.00 25.50 ? 8   PHE B CG  1 
ATOM   888  C  CD1 . PHE B 1 8   ? 9.150   1.447   2.424   1.00 24.73 ? 8   PHE B CD1 1 
ATOM   889  C  CD2 . PHE B 1 8   ? 10.699  0.409   0.897   1.00 24.41 ? 8   PHE B CD2 1 
ATOM   890  C  CE1 . PHE B 1 8   ? 9.497   2.700   1.908   1.00 25.68 ? 8   PHE B CE1 1 
ATOM   891  C  CE2 . PHE B 1 8   ? 11.049  1.667   0.379   1.00 23.00 ? 8   PHE B CE2 1 
ATOM   892  C  CZ  . PHE B 1 8   ? 10.451  2.802   0.881   1.00 23.12 ? 8   PHE B CZ  1 
ATOM   893  N  N   . TRP B 1 9   ? 7.715   -3.859  2.014   1.00 31.12 ? 9   TRP B N   1 
ATOM   894  C  CA  . TRP B 1 9   ? 7.388   -5.111  2.658   1.00 29.92 ? 9   TRP B CA  1 
ATOM   895  C  C   . TRP B 1 9   ? 8.550   -5.410  3.606   1.00 30.95 ? 9   TRP B C   1 
ATOM   896  O  O   . TRP B 1 9   ? 9.713   -5.325  3.196   1.00 31.17 ? 9   TRP B O   1 
ATOM   897  C  CB  . TRP B 1 9   ? 7.288   -6.205  1.610   1.00 22.59 ? 9   TRP B CB  1 
ATOM   898  C  CG  . TRP B 1 9   ? 5.940   -6.318  0.979   1.00 21.87 ? 9   TRP B CG  1 
ATOM   899  C  CD1 . TRP B 1 9   ? 5.625   -6.129  -0.348  1.00 19.96 ? 9   TRP B CD1 1 
ATOM   900  C  CD2 . TRP B 1 9   ? 4.721   -6.704  1.632   1.00 22.29 ? 9   TRP B CD2 1 
ATOM   901  N  NE1 . TRP B 1 9   ? 4.280   -6.380  -0.561  1.00 21.32 ? 9   TRP B NE1 1 
ATOM   902  C  CE2 . TRP B 1 9   ? 3.702   -6.735  0.635   1.00 23.29 ? 9   TRP B CE2 1 
ATOM   903  C  CE3 . TRP B 1 9   ? 4.387   -7.030  2.953   1.00 20.76 ? 9   TRP B CE3 1 
ATOM   904  C  CZ2 . TRP B 1 9   ? 2.372   -7.083  0.930   1.00 22.29 ? 9   TRP B CZ2 1 
ATOM   905  C  CZ3 . TRP B 1 9   ? 3.066   -7.377  3.241   1.00 21.17 ? 9   TRP B CZ3 1 
ATOM   906  C  CH2 . TRP B 1 9   ? 2.076   -7.399  2.232   1.00 21.48 ? 9   TRP B CH2 1 
ATOM   907  N  N   . VAL B 1 10  ? 8.257   -5.745  4.865   1.00 27.66 ? 10  VAL B N   1 
ATOM   908  C  CA  . VAL B 1 10  ? 9.321   -6.061  5.829   1.00 26.95 ? 10  VAL B CA  1 
ATOM   909  C  C   . VAL B 1 10  ? 9.001   -7.254  6.726   1.00 27.61 ? 10  VAL B C   1 
ATOM   910  O  O   . VAL B 1 10  ? 7.827   -7.566  6.990   1.00 25.89 ? 10  VAL B O   1 
ATOM   911  C  CB  . VAL B 1 10  ? 9.659   -4.853  6.744   1.00 17.32 ? 10  VAL B CB  1 
ATOM   912  C  CG1 . VAL B 1 10  ? 10.137  -3.686  5.895   1.00 16.22 ? 10  VAL B CG1 1 
ATOM   913  C  CG2 . VAL B 1 10  ? 8.429   -4.456  7.574   1.00 15.45 ? 10  VAL B CG2 1 
ATOM   914  N  N   . THR B 1 11  ? 10.071  -7.922  7.168   1.00 27.53 ? 11  THR B N   1 
ATOM   915  C  CA  . THR B 1 11  ? 9.989   -9.093  8.050   1.00 28.01 ? 11  THR B CA  1 
ATOM   916  C  C   . THR B 1 11  ? 10.500  -8.713  9.425   1.00 27.76 ? 11  THR B C   1 
ATOM   917  O  O   . THR B 1 11  ? 11.615  -8.176  9.564   1.00 26.71 ? 11  THR B O   1 
ATOM   918  C  CB  . THR B 1 11  ? 10.878  -10.244 7.573   1.00 38.98 ? 11  THR B CB  1 
ATOM   919  O  OG1 . THR B 1 11  ? 11.020  -10.186 6.152   1.00 42.38 ? 11  THR B OG1 1 
ATOM   920  C  CG2 . THR B 1 11  ? 10.262  -11.576 7.961   1.00 38.21 ? 11  THR B CG2 1 
ATOM   921  N  N   . SER B 1 12  ? 9.700   -9.021  10.439  1.00 23.37 ? 12  SER B N   1 
ATOM   922  C  CA  . SER B 1 12  ? 10.075  -8.698  11.801  1.00 23.94 ? 12  SER B CA  1 
ATOM   923  C  C   . SER B 1 12  ? 11.278  -9.516  12.303  1.00 24.59 ? 12  SER B C   1 
ATOM   924  O  O   . SER B 1 12  ? 11.338  -10.735 12.096  1.00 23.24 ? 12  SER B O   1 
ATOM   925  C  CB  . SER B 1 12  ? 8.877   -8.909  12.711  1.00 35.33 ? 12  SER B CB  1 
ATOM   926  O  OG  . SER B 1 12  ? 9.293   -8.838  14.056  1.00 41.68 ? 12  SER B OG  1 
ATOM   927  N  N   . GLN B 1 13  ? 12.241  -8.829  12.931  1.00 25.34 ? 13  GLN B N   1 
ATOM   928  C  CA  . GLN B 1 13  ? 13.444  -9.437  13.529  1.00 26.09 ? 13  GLN B CA  1 
ATOM   929  C  C   . GLN B 1 13  ? 13.150  -9.513  15.034  1.00 24.94 ? 13  GLN B C   1 
ATOM   930  O  O   . GLN B 1 13  ? 12.716  -8.522  15.634  1.00 24.91 ? 13  GLN B O   1 
ATOM   931  C  CB  . GLN B 1 13  ? 14.652  -8.530  13.313  1.00 72.50 ? 13  GLN B CB  1 
ATOM   932  C  CG  . GLN B 1 13  ? 15.392  -8.779  12.035  1.00 78.09 ? 13  GLN B CG  1 
ATOM   933  C  CD  . GLN B 1 13  ? 16.500  -9.797  12.214  1.00 82.44 ? 13  GLN B CD  1 
ATOM   934  O  OE1 . GLN B 1 13  ? 16.314  -10.820 12.882  1.00 84.42 ? 13  GLN B OE1 1 
ATOM   935  N  NE2 . GLN B 1 13  ? 17.660  -9.527  11.612  1.00 82.21 ? 13  GLN B NE2 1 
ATOM   936  N  N   . LYS B 1 14  ? 13.374  -10.654 15.668  1.00 27.83 ? 14  LYS B N   1 
ATOM   937  C  CA  . LYS B 1 14  ? 13.075  -10.753 17.103  1.00 28.35 ? 14  LYS B CA  1 
ATOM   938  C  C   . LYS B 1 14  ? 13.775  -9.677  17.961  1.00 27.77 ? 14  LYS B C   1 
ATOM   939  O  O   . LYS B 1 14  ? 15.009  -9.509  17.922  1.00 28.40 ? 14  LYS B O   1 
ATOM   940  C  CB  . LYS B 1 14  ? 13.439  -12.140 17.641  1.00 38.32 ? 14  LYS B CB  1 
ATOM   941  C  CG  . LYS B 1 14  ? 12.908  -12.360 19.042  1.00 41.02 ? 14  LYS B CG  1 
ATOM   942  C  CD  . LYS B 1 14  ? 13.233  -13.737 19.572  1.00 42.42 ? 14  LYS B CD  1 
ATOM   943  C  CE  . LYS B 1 14  ? 12.757  -13.884 21.019  1.00 43.59 ? 14  LYS B CE  1 
ATOM   944  N  NZ  . LYS B 1 14  ? 12.876  -15.265 21.584  1.00 44.53 ? 14  LYS B NZ  1 
ATOM   945  N  N   . THR B 1 15  ? 12.988  -8.965  18.759  1.00 23.28 ? 15  THR B N   1 
ATOM   946  C  CA  . THR B 1 15  ? 13.533  -7.904  19.610  1.00 22.76 ? 15  THR B CA  1 
ATOM   947  C  C   . THR B 1 15  ? 12.610  -7.809  20.832  1.00 23.29 ? 15  THR B C   1 
ATOM   948  O  O   . THR B 1 15  ? 11.442  -8.211  20.751  1.00 24.90 ? 15  THR B O   1 
ATOM   949  C  CB  . THR B 1 15  ? 13.557  -6.585  18.801  1.00 23.07 ? 15  THR B CB  1 
ATOM   950  O  OG1 . THR B 1 15  ? 14.608  -5.766  19.271  1.00 26.21 ? 15  THR B OG1 1 
ATOM   951  C  CG2 . THR B 1 15  ? 12.258  -5.829  18.921  1.00 21.36 ? 15  THR B CG2 1 
ATOM   952  N  N   . GLU B 1 16  ? 13.087  -7.324  21.972  1.00 27.71 ? 16  GLU B N   1 
ATOM   953  C  CA  . GLU B 1 16  ? 12.170  -7.249  23.119  1.00 28.21 ? 16  GLU B CA  1 
ATOM   954  C  C   . GLU B 1 16  ? 10.819  -6.560  22.811  1.00 27.76 ? 16  GLU B C   1 
ATOM   955  O  O   . GLU B 1 16  ? 9.749   -7.124  23.071  1.00 27.19 ? 16  GLU B O   1 
ATOM   956  C  CB  . GLU B 1 16  ? 12.820  -6.523  24.281  1.00 27.57 ? 16  GLU B CB  1 
ATOM   957  C  CG  . GLU B 1 16  ? 11.857  -6.308  25.452  1.00 28.93 ? 16  GLU B CG  1 
ATOM   958  C  CD  . GLU B 1 16  ? 12.572  -5.811  26.726  1.00 29.08 ? 16  GLU B CD  1 
ATOM   959  O  OE1 . GLU B 1 16  ? 11.883  -5.391  27.684  1.00 25.85 ? 16  GLU B OE1 1 
ATOM   960  O  OE2 . GLU B 1 16  ? 13.829  -5.848  26.771  1.00 29.60 ? 16  GLU B OE2 1 
ATOM   961  N  N   . ALA B 1 17  ? 10.885  -5.337  22.279  1.00 25.92 ? 17  ALA B N   1 
ATOM   962  C  CA  . ALA B 1 17  ? 9.717   -4.549  21.909  1.00 24.49 ? 17  ALA B CA  1 
ATOM   963  C  C   . ALA B 1 17  ? 8.787   -5.249  20.914  1.00 25.53 ? 17  ALA B C   1 
ATOM   964  O  O   . ALA B 1 17  ? 7.581   -5.309  21.133  1.00 27.21 ? 17  ALA B O   1 
ATOM   965  C  CB  . ALA B 1 17  ? 10.170  -3.214  21.334  1.00 11.37 ? 17  ALA B CB  1 
ATOM   966  N  N   . SER B 1 18  ? 9.315   -5.761  19.808  1.00 23.58 ? 18  SER B N   1 
ATOM   967  C  CA  . SER B 1 18  ? 8.463   -6.449  18.834  1.00 23.90 ? 18  SER B CA  1 
ATOM   968  C  C   . SER B 1 18  ? 7.751   -7.665  19.459  1.00 25.19 ? 18  SER B C   1 
ATOM   969  O  O   . SER B 1 18  ? 6.636   -8.022  19.067  1.00 24.17 ? 18  SER B O   1 
ATOM   970  C  CB  . SER B 1 18  ? 9.304   -6.943  17.669  1.00 16.59 ? 18  SER B CB  1 
ATOM   971  O  OG  . SER B 1 18  ? 10.098  -8.022  18.113  1.00 15.48 ? 18  SER B OG  1 
ATOM   972  N  N   . GLU B 1 19  ? 8.420   -8.309  20.417  1.00 35.08 ? 19  GLU B N   1 
ATOM   973  C  CA  . GLU B 1 19  ? 7.869   -9.470  21.112  1.00 35.50 ? 19  GLU B CA  1 
ATOM   974  C  C   . GLU B 1 19  ? 6.676   -8.967  21.903  1.00 34.38 ? 19  GLU B C   1 
ATOM   975  O  O   . GLU B 1 19  ? 5.574   -9.478  21.785  1.00 34.43 ? 19  GLU B O   1 
ATOM   976  C  CB  . GLU B 1 19  ? 8.910   -10.067 22.058  1.00 52.51 ? 19  GLU B CB  1 
ATOM   977  C  CG  . GLU B 1 19  ? 8.881   -11.587 22.110  1.00 58.87 ? 19  GLU B CG  1 
ATOM   978  C  CD  . GLU B 1 19  ? 9.289   -12.238 20.776  1.00 62.90 ? 19  GLU B CD  1 
ATOM   979  O  OE1 . GLU B 1 19  ? 8.656   -11.952 19.724  1.00 64.33 ? 19  GLU B OE1 1 
ATOM   980  O  OE2 . GLU B 1 19  ? 10.248  -13.041 20.777  1.00 64.42 ? 19  GLU B OE2 1 
ATOM   981  N  N   . ARG B 1 20  ? 6.922   -7.938  22.698  1.00 29.95 ? 20  ARG B N   1 
ATOM   982  C  CA  . ARG B 1 20  ? 5.907   -7.305  23.524  1.00 28.73 ? 20  ARG B CA  1 
ATOM   983  C  C   . ARG B 1 20  ? 4.698   -6.873  22.687  1.00 29.88 ? 20  ARG B C   1 
ATOM   984  O  O   . ARG B 1 20  ? 3.552   -7.063  23.112  1.00 29.70 ? 20  ARG B O   1 
ATOM   985  C  CB  . ARG B 1 20  ? 6.513   -6.089  24.227  1.00 22.86 ? 20  ARG B CB  1 
ATOM   986  C  CG  . ARG B 1 20  ? 5.585   -5.324  25.156  1.00 20.87 ? 20  ARG B CG  1 
ATOM   987  C  CD  . ARG B 1 20  ? 5.866   -3.816  25.060  1.00 22.03 ? 20  ARG B CD  1 
ATOM   988  N  NE  . ARG B 1 20  ? 7.293   -3.523  25.231  1.00 23.62 ? 20  ARG B NE  1 
ATOM   989  C  CZ  . ARG B 1 20  ? 7.984   -2.587  24.565  1.00 23.51 ? 20  ARG B CZ  1 
ATOM   990  N  NH1 . ARG B 1 20  ? 7.399   -1.799  23.660  1.00 23.56 ? 20  ARG B NH1 1 
ATOM   991  N  NH2 . ARG B 1 20  ? 9.298   -2.486  24.765  1.00 22.88 ? 20  ARG B NH2 1 
ATOM   992  N  N   . CYS B 1 21  ? 4.947   -6.280  21.517  1.00 43.95 ? 21  CYS B N   1 
ATOM   993  C  CA  . CYS B 1 21  ? 3.865   -5.846  20.631  1.00 43.87 ? 21  CYS B CA  1 
ATOM   994  C  C   . CYS B 1 21  ? 3.289   -7.021  19.867  1.00 44.76 ? 21  CYS B C   1 
ATOM   995  O  O   . CYS B 1 21  ? 2.298   -6.884  19.147  1.00 45.96 ? 21  CYS B O   1 
ATOM   996  C  CB  . CYS B 1 21  ? 4.356   -4.822  19.633  1.00 28.27 ? 21  CYS B CB  1 
ATOM   997  S  SG  . CYS B 1 21  ? 4.724   -3.278  20.389  1.00 25.29 ? 21  CYS B SG  1 
ATOM   998  N  N   . GLY B 1 22  ? 3.934   -8.171  20.006  1.00 31.89 ? 22  GLY B N   1 
ATOM   999  C  CA  . GLY B 1 22  ? 3.445   -9.362  19.351  1.00 31.13 ? 22  GLY B CA  1 
ATOM   1000 C  C   . GLY B 1 22  ? 3.789   -9.477  17.892  1.00 31.64 ? 22  GLY B C   1 
ATOM   1001 O  O   . GLY B 1 22  ? 3.240   -10.335 17.221  1.00 33.48 ? 22  GLY B O   1 
ATOM   1002 N  N   . LEU B 1 23  ? 4.706   -8.658  17.391  1.00 31.48 ? 23  LEU B N   1 
ATOM   1003 C  CA  . LEU B 1 23  ? 5.064   -8.716  15.962  1.00 31.95 ? 23  LEU B CA  1 
ATOM   1004 C  C   . LEU B 1 23  ? 5.780   -9.995  15.532  1.00 31.89 ? 23  LEU B C   1 
ATOM   1005 O  O   . LEU B 1 23  ? 6.651   -10.489 16.217  1.00 32.42 ? 23  LEU B O   1 
ATOM   1006 C  CB  . LEU B 1 23  ? 5.927   -7.505  15.566  1.00 27.68 ? 23  LEU B CB  1 
ATOM   1007 C  CG  . LEU B 1 23  ? 5.367   -6.159  16.033  1.00 27.31 ? 23  LEU B CG  1 
ATOM   1008 C  CD1 . LEU B 1 23  ? 6.282   -5.050  15.533  1.00 25.55 ? 23  LEU B CD1 1 
ATOM   1009 C  CD2 . LEU B 1 23  ? 3.928   -5.979  15.517  1.00 26.34 ? 23  LEU B CD2 1 
ATOM   1010 N  N   . GLN B 1 24  ? 5.407   -10.529 14.384  1.00 34.85 ? 24  GLN B N   1 
ATOM   1011 C  CA  . GLN B 1 24  ? 6.041   -11.734 13.890  1.00 36.15 ? 24  GLN B CA  1 
ATOM   1012 C  C   . GLN B 1 24  ? 5.603   -11.876 12.455  1.00 34.93 ? 24  GLN B C   1 
ATOM   1013 O  O   . GLN B 1 24  ? 4.418   -11.724 12.165  1.00 36.07 ? 24  GLN B O   1 
ATOM   1014 C  CB  . GLN B 1 24  ? 5.582   -12.935 14.717  1.00 68.63 ? 24  GLN B CB  1 
ATOM   1015 C  CG  . GLN B 1 24  ? 5.300   -14.197 13.906  1.00 73.23 ? 24  GLN B CG  1 
ATOM   1016 C  CD  . GLN B 1 24  ? 4.698   -15.327 14.743  1.00 75.31 ? 24  GLN B CD  1 
ATOM   1017 O  OE1 . GLN B 1 24  ? 5.384   -16.302 15.086  1.00 75.92 ? 24  GLN B OE1 1 
ATOM   1018 N  NE2 . GLN B 1 24  ? 3.405   -15.194 15.079  1.00 74.73 ? 24  GLN B NE2 1 
ATOM   1019 N  N   . GLY B 1 25  ? 6.553   -12.131 11.557  1.00 28.97 ? 25  GLY B N   1 
ATOM   1020 C  CA  . GLY B 1 25  ? 6.210   -12.295 10.156  1.00 27.43 ? 25  GLY B CA  1 
ATOM   1021 C  C   . GLY B 1 25  ? 6.434   -11.084 9.268   1.00 27.43 ? 25  GLY B C   1 
ATOM   1022 O  O   . GLY B 1 25  ? 7.283   -10.225 9.579   1.00 26.93 ? 25  GLY B O   1 
ATOM   1023 N  N   . SER B 1 26  ? 5.668   -11.026 8.169   1.00 23.64 ? 26  SER B N   1 
ATOM   1024 C  CA  . SER B 1 26  ? 5.768   -9.951  7.184   1.00 23.81 ? 26  SER B CA  1 
ATOM   1025 C  C   . SER B 1 26  ? 4.788   -8.813  7.392   1.00 22.59 ? 26  SER B C   1 
ATOM   1026 O  O   . SER B 1 26  ? 3.688   -9.004  7.904   1.00 22.30 ? 26  SER B O   1 
ATOM   1027 C  CB  . SER B 1 26  ? 5.584   -10.497 5.777   1.00 38.35 ? 26  SER B CB  1 
ATOM   1028 O  OG  . SER B 1 26  ? 6.542   -11.501 5.514   1.00 42.67 ? 26  SER B OG  1 
ATOM   1029 N  N   . TYR B 1 27  ? 5.207   -7.622  6.981   1.00 22.15 ? 27  TYR B N   1 
ATOM   1030 C  CA  . TYR B 1 27  ? 4.405   -6.422  7.147   1.00 20.69 ? 27  TYR B CA  1 
ATOM   1031 C  C   . TYR B 1 27  ? 4.784   -5.388  6.102   1.00 20.52 ? 27  TYR B C   1 
ATOM   1032 O  O   . TYR B 1 27  ? 5.731   -5.551  5.316   1.00 20.02 ? 27  TYR B O   1 
ATOM   1033 C  CB  . TYR B 1 27  ? 4.643   -5.768  8.531   1.00 22.35 ? 27  TYR B CB  1 
ATOM   1034 C  CG  . TYR B 1 27  ? 4.384   -6.636  9.744   1.00 21.18 ? 27  TYR B CG  1 
ATOM   1035 C  CD1 . TYR B 1 27  ? 5.366   -7.506  10.234  1.00 21.77 ? 27  TYR B CD1 1 
ATOM   1036 C  CD2 . TYR B 1 27  ? 3.152   -6.610  10.386  1.00 21.37 ? 27  TYR B CD2 1 
ATOM   1037 C  CE1 . TYR B 1 27  ? 5.127   -8.332  11.333  1.00 21.20 ? 27  TYR B CE1 1 
ATOM   1038 C  CE2 . TYR B 1 27  ? 2.889   -7.432  11.484  1.00 20.81 ? 27  TYR B CE2 1 
ATOM   1039 C  CZ  . TYR B 1 27  ? 3.879   -8.292  11.947  1.00 21.07 ? 27  TYR B CZ  1 
ATOM   1040 O  OH  . TYR B 1 27  ? 3.592   -9.151  12.992  1.00 21.16 ? 27  TYR B OH  1 
ATOM   1041 N  N   . ILE B 1 28  ? 4.027   -4.308  6.098   1.00 21.83 ? 28  ILE B N   1 
ATOM   1042 C  CA  . ILE B 1 28  ? 4.310   -3.223  5.208   1.00 21.26 ? 28  ILE B CA  1 
ATOM   1043 C  C   . ILE B 1 28  ? 4.681   -2.147  6.185   1.00 22.12 ? 28  ILE B C   1 
ATOM   1044 O  O   . ILE B 1 28  ? 3.966   -1.932  7.186   1.00 21.82 ? 28  ILE B O   1 
ATOM   1045 C  CB  . ILE B 1 28  ? 3.061   -2.730  4.475   1.00 24.44 ? 28  ILE B CB  1 
ATOM   1046 C  CG1 . ILE B 1 28  ? 2.813   -3.569  3.235   1.00 24.44 ? 28  ILE B CG1 1 
ATOM   1047 C  CG2 . ILE B 1 28  ? 3.238   -1.242  4.085   1.00 23.03 ? 28  ILE B CG2 1 
ATOM   1048 C  CD1 . ILE B 1 28  ? 3.545   -3.050  2.027   1.00 23.83 ? 28  ILE B CD1 1 
ATOM   1049 N  N   . LEU B 1 29  ? 5.795   -1.483  5.905   1.00 21.14 ? 29  LEU B N   1 
ATOM   1050 C  CA  . LEU B 1 29  ? 6.240   -0.365  6.705   1.00 20.93 ? 29  LEU B CA  1 
ATOM   1051 C  C   . LEU B 1 29  ? 5.933   0.816   5.785   1.00 21.64 ? 29  LEU B C   1 
ATOM   1052 O  O   . LEU B 1 29  ? 6.385   0.858   4.650   1.00 21.40 ? 29  LEU B O   1 
ATOM   1053 C  CB  . LEU B 1 29  ? 7.751   -0.453  7.011   1.00 17.60 ? 29  LEU B CB  1 
ATOM   1054 C  CG  . LEU B 1 29  ? 8.273   0.575   8.026   1.00 16.10 ? 29  LEU B CG  1 
ATOM   1055 C  CD1 . LEU B 1 29  ? 7.364   0.561   9.212   1.00 17.69 ? 29  LEU B CD1 1 
ATOM   1056 C  CD2 . LEU B 1 29  ? 9.673   0.243   8.509   1.00 17.40 ? 29  LEU B CD2 1 
ATOM   1057 N  N   . ARG B 1 30  ? 5.129   1.760   6.249   1.00 24.57 ? 30  ARG B N   1 
ATOM   1058 C  CA  . ARG B 1 30  ? 4.834   2.899   5.416   1.00 25.73 ? 30  ARG B CA  1 
ATOM   1059 C  C   . ARG B 1 30  ? 5.499   4.107   6.051   1.00 27.66 ? 30  ARG B C   1 
ATOM   1060 O  O   . ARG B 1 30  ? 5.282   4.373   7.253   1.00 26.87 ? 30  ARG B O   1 
ATOM   1061 C  CB  . ARG B 1 30  ? 3.337   3.150   5.341   1.00 32.94 ? 30  ARG B CB  1 
ATOM   1062 C  CG  . ARG B 1 30  ? 3.066   4.374   4.498   1.00 35.26 ? 30  ARG B CG  1 
ATOM   1063 C  CD  . ARG B 1 30  ? 1.658   4.803   4.613   1.00 37.34 ? 30  ARG B CD  1 
ATOM   1064 N  NE  . ARG B 1 30  ? 0.766   3.751   4.160   1.00 40.60 ? 30  ARG B NE  1 
ATOM   1065 C  CZ  . ARG B 1 30  ? -0.460  3.564   4.641   1.00 42.37 ? 30  ARG B CZ  1 
ATOM   1066 N  NH1 . ARG B 1 30  ? -0.940  4.373   5.606   1.00 40.99 ? 30  ARG B NH1 1 
ATOM   1067 N  NH2 . ARG B 1 30  ? -1.189  2.557   4.162   1.00 42.16 ? 30  ARG B NH2 1 
ATOM   1068 N  N   . VAL B 1 31  ? 6.315   4.819   5.255   1.00 33.27 ? 31  VAL B N   1 
ATOM   1069 C  CA  . VAL B 1 31  ? 7.008   6.023   5.724   1.00 33.58 ? 31  VAL B CA  1 
ATOM   1070 C  C   . VAL B 1 31  ? 6.117   7.169   5.331   1.00 34.81 ? 31  VAL B C   1 
ATOM   1071 O  O   . VAL B 1 31  ? 5.994   7.443   4.157   1.00 35.56 ? 31  VAL B O   1 
ATOM   1072 C  CB  . VAL B 1 31  ? 8.407   6.196   5.056   1.00 24.89 ? 31  VAL B CB  1 
ATOM   1073 C  CG1 . VAL B 1 31  ? 9.038   7.538   5.431   1.00 22.09 ? 31  VAL B CG1 1 
ATOM   1074 C  CG2 . VAL B 1 31  ? 9.333   5.102   5.552   1.00 25.46 ? 31  VAL B CG2 1 
ATOM   1075 N  N   . GLU B 1 32  ? 5.487   7.819   6.309   1.00 41.85 ? 32  GLU B N   1 
ATOM   1076 C  CA  . GLU B 1 32  ? 4.581   8.940   6.057   1.00 42.36 ? 32  GLU B CA  1 
ATOM   1077 C  C   . GLU B 1 32  ? 5.197   10.305  6.356   1.00 43.72 ? 32  GLU B C   1 
ATOM   1078 O  O   . GLU B 1 32  ? 6.358   10.408  6.768   1.00 45.88 ? 32  GLU B O   1 
ATOM   1079 C  CB  . GLU B 1 32  ? 3.331   8.791   6.904   1.00 34.30 ? 32  GLU B CB  1 
ATOM   1080 C  CG  . GLU B 1 32  ? 2.734   7.419   6.871   1.00 36.26 ? 32  GLU B CG  1 
ATOM   1081 C  CD  . GLU B 1 32  ? 1.275   7.440   7.255   1.00 39.57 ? 32  GLU B CD  1 
ATOM   1082 O  OE1 . GLU B 1 32  ? 0.613   6.403   7.060   1.00 44.08 ? 32  GLU B OE1 1 
ATOM   1083 O  OE2 . GLU B 1 32  ? 0.774   8.483   7.745   1.00 40.40 ? 32  GLU B OE2 1 
ATOM   1084 N  N   . ALA B 1 33  ? 4.400   11.356  6.180   1.00 36.18 ? 33  ALA B N   1 
ATOM   1085 C  CA  . ALA B 1 33  ? 4.867   12.725  6.422   1.00 37.41 ? 33  ALA B CA  1 
ATOM   1086 C  C   . ALA B 1 33  ? 5.183   13.066  7.881   1.00 38.24 ? 33  ALA B C   1 
ATOM   1087 O  O   . ALA B 1 33  ? 5.808   14.094  8.151   1.00 39.30 ? 33  ALA B O   1 
ATOM   1088 C  CB  . ALA B 1 33  ? 3.853   13.727  5.873   1.00 25.40 ? 33  ALA B CB  1 
ATOM   1089 N  N   . GLU B 1 34  ? 4.762   12.221  8.821   1.00 35.90 ? 34  GLU B N   1 
ATOM   1090 C  CA  . GLU B 1 34  ? 5.033   12.493  10.233  1.00 35.71 ? 34  GLU B CA  1 
ATOM   1091 C  C   . GLU B 1 34  ? 5.191   11.261  11.094  1.00 33.47 ? 34  GLU B C   1 
ATOM   1092 O  O   . GLU B 1 34  ? 5.252   11.346  12.323  1.00 32.81 ? 34  GLU B O   1 
ATOM   1093 C  CB  . GLU B 1 34  ? 3.952   13.399  10.808  1.00 48.68 ? 34  GLU B CB  1 
ATOM   1094 C  CG  . GLU B 1 34  ? 4.138   14.829  10.375  1.00 53.24 ? 34  GLU B CG  1 
ATOM   1095 C  CD  . GLU B 1 34  ? 2.853   15.634  10.409  1.00 57.27 ? 34  GLU B CD  1 
ATOM   1096 O  OE1 . GLU B 1 34  ? 2.884   16.792  9.942   1.00 59.79 ? 34  GLU B OE1 1 
ATOM   1097 O  OE2 . GLU B 1 34  ? 1.816   15.120  10.891  1.00 59.27 ? 34  GLU B OE2 1 
ATOM   1098 N  N   . LYS B 1 35  ? 5.299   10.109  10.456  1.00 33.18 ? 35  LYS B N   1 
ATOM   1099 C  CA  . LYS B 1 35  ? 5.442   8.888   11.226  1.00 31.84 ? 35  LYS B CA  1 
ATOM   1100 C  C   . LYS B 1 35  ? 5.657   7.707   10.323  1.00 30.91 ? 35  LYS B C   1 
ATOM   1101 O  O   . LYS B 1 35  ? 5.496   7.804   9.100   1.00 29.78 ? 35  LYS B O   1 
ATOM   1102 C  CB  . LYS B 1 35  ? 4.169   8.632   12.038  1.00 38.35 ? 35  LYS B CB  1 
ATOM   1103 C  CG  . LYS B 1 35  ? 2.906   8.474   11.172  1.00 38.18 ? 35  LYS B CG  1 
ATOM   1104 C  CD  . LYS B 1 35  ? 1.710   8.221   12.062  1.00 39.14 ? 35  LYS B CD  1 
ATOM   1105 C  CE  . LYS B 1 35  ? 0.460   7.904   11.269  1.00 38.88 ? 35  LYS B CE  1 
ATOM   1106 N  NZ  . LYS B 1 35  ? -0.113  9.088   10.606  1.00 36.65 ? 35  LYS B NZ  1 
ATOM   1107 N  N   . LEU B 1 36  ? 6.054   6.601   10.939  1.00 28.42 ? 36  LEU B N   1 
ATOM   1108 C  CA  . LEU B 1 36  ? 6.199   5.348   10.228  1.00 27.22 ? 36  LEU B CA  1 
ATOM   1109 C  C   . LEU B 1 36  ? 4.929   4.694   10.729  1.00 26.85 ? 36  LEU B C   1 
ATOM   1110 O  O   . LEU B 1 36  ? 4.478   4.992   11.848  1.00 26.74 ? 36  LEU B O   1 
ATOM   1111 C  CB  . LEU B 1 36  ? 7.380   4.548   10.732  1.00 29.37 ? 36  LEU B CB  1 
ATOM   1112 C  CG  . LEU B 1 36  ? 8.749   5.105   10.415  1.00 30.30 ? 36  LEU B CG  1 
ATOM   1113 C  CD1 . LEU B 1 36  ? 9.786   4.386   11.290  1.00 28.86 ? 36  LEU B CD1 1 
ATOM   1114 C  CD2 . LEU B 1 36  ? 9.035   4.925   8.941   1.00 28.36 ? 36  LEU B CD2 1 
ATOM   1115 N  N   . THR B 1 37  ? 4.328   3.848   9.901   1.00 24.78 ? 37  THR B N   1 
ATOM   1116 C  CA  . THR B 1 37  ? 3.120   3.135   10.286  1.00 23.76 ? 37  THR B CA  1 
ATOM   1117 C  C   . THR B 1 37  ? 3.450   1.721   9.870   1.00 23.76 ? 37  THR B C   1 
ATOM   1118 O  O   . THR B 1 37  ? 4.014   1.500   8.776   1.00 24.07 ? 37  THR B O   1 
ATOM   1119 C  CB  . THR B 1 37  ? 1.844   3.599   9.486   1.00 23.33 ? 37  THR B CB  1 
ATOM   1120 O  OG1 . THR B 1 37  ? 1.583   4.994   9.732   1.00 24.82 ? 37  THR B OG1 1 
ATOM   1121 C  CG2 . THR B 1 37  ? 0.622   2.795   9.909   1.00 21.64 ? 37  THR B CG2 1 
ATOM   1122 N  N   . LEU B 1 38  ? 3.136   0.774   10.746  1.00 21.59 ? 38  LEU B N   1 
ATOM   1123 C  CA  . LEU B 1 38  ? 3.358   -0.615  10.442  1.00 21.28 ? 38  LEU B CA  1 
ATOM   1124 C  C   . LEU B 1 38  ? 1.985   -1.203  10.112  1.00 22.61 ? 38  LEU B C   1 
ATOM   1125 O  O   . LEU B 1 38  ? 1.103   -1.252  10.983  1.00 22.01 ? 38  LEU B O   1 
ATOM   1126 C  CB  . LEU B 1 38  ? 3.938   -1.342  11.639  1.00 19.23 ? 38  LEU B CB  1 
ATOM   1127 C  CG  . LEU B 1 38  ? 4.120   -2.815  11.272  1.00 19.27 ? 38  LEU B CG  1 
ATOM   1128 C  CD1 . LEU B 1 38  ? 5.245   -2.940  10.228  1.00 18.32 ? 38  LEU B CD1 1 
ATOM   1129 C  CD2 . LEU B 1 38  ? 4.416   -3.623  12.520  1.00 16.48 ? 38  LEU B CD2 1 
ATOM   1130 N  N   . LEU B 1 39  ? 1.804   -1.650  8.868   1.00 24.17 ? 39  LEU B N   1 
ATOM   1131 C  CA  . LEU B 1 39  ? 0.528   -2.215  8.476   1.00 23.66 ? 39  LEU B CA  1 
ATOM   1132 C  C   . LEU B 1 39  ? 0.589   -3.716  8.238   1.00 24.54 ? 39  LEU B C   1 
ATOM   1133 O  O   . LEU B 1 39  ? 1.568   -4.251  7.692   1.00 22.60 ? 39  LEU B O   1 
ATOM   1134 C  CB  . LEU B 1 39  ? 0.000   -1.521  7.211   1.00 20.66 ? 39  LEU B CB  1 
ATOM   1135 C  CG  . LEU B 1 39  ? -0.039  0.020   7.228   1.00 20.34 ? 39  LEU B CG  1 
ATOM   1136 C  CD1 . LEU B 1 39  ? 1.070   0.625   6.399   1.00 19.30 ? 39  LEU B CD1 1 
ATOM   1137 C  CD2 . LEU B 1 39  ? -1.353  0.473   6.691   1.00 17.31 ? 39  LEU B CD2 1 
ATOM   1138 N  N   . THR B 1 40  ? -0.481  -4.390  8.655   1.00 27.62 ? 40  THR B N   1 
ATOM   1139 C  CA  . THR B 1 40  ? -0.628  -5.822  8.451   1.00 28.57 ? 40  THR B CA  1 
ATOM   1140 C  C   . THR B 1 40  ? -1.793  -5.961  7.458   1.00 29.68 ? 40  THR B C   1 
ATOM   1141 O  O   . THR B 1 40  ? -2.554  -4.997  7.233   1.00 29.44 ? 40  THR B O   1 
ATOM   1142 C  CB  . THR B 1 40  ? -0.993  -6.533  9.743   1.00 31.90 ? 40  THR B CB  1 
ATOM   1143 O  OG1 . THR B 1 40  ? -0.822  -7.938  9.566   1.00 34.41 ? 40  THR B OG1 1 
ATOM   1144 C  CG2 . THR B 1 40  ? -2.434  -6.253  10.128  1.00 31.78 ? 40  THR B CG2 1 
ATOM   1145 N  N   . LEU B 1 41  ? -1.933  -7.139  6.849   1.00 28.29 ? 41  LEU B N   1 
ATOM   1146 C  CA  . LEU B 1 41  ? -3.009  -7.364  5.875   1.00 29.46 ? 41  LEU B CA  1 
ATOM   1147 C  C   . LEU B 1 41  ? -4.273  -7.852  6.584   1.00 30.78 ? 41  LEU B C   1 
ATOM   1148 O  O   . LEU B 1 41  ? -4.199  -8.775  7.382   1.00 31.09 ? 41  LEU B O   1 
ATOM   1149 C  CB  . LEU B 1 41  ? -2.563  -8.390  4.812   1.00 29.99 ? 41  LEU B CB  1 
ATOM   1150 C  CG  . LEU B 1 41  ? -3.330  -8.472  3.484   1.00 27.58 ? 41  LEU B CG  1 
ATOM   1151 C  CD1 . LEU B 1 41  ? -3.626  -7.095  2.932   1.00 25.98 ? 41  LEU B CD1 1 
ATOM   1152 C  CD2 . LEU B 1 41  ? -2.487  -9.221  2.495   1.00 28.28 ? 41  LEU B CD2 1 
ATOM   1153 N  N   . GLY B 1 42  ? -5.421  -7.233  6.287   1.00 36.07 ? 42  GLY B N   1 
ATOM   1154 C  CA  . GLY B 1 42  ? -6.680  -7.600  6.927   1.00 36.83 ? 42  GLY B CA  1 
ATOM   1155 C  C   . GLY B 1 42  ? -7.165  -9.034  6.755   1.00 38.27 ? 42  GLY B C   1 
ATOM   1156 O  O   . GLY B 1 42  ? -7.174  -9.595  5.654   1.00 38.57 ? 42  GLY B O   1 
ATOM   1157 N  N   . ALA B 1 43  ? -7.591  -9.618  7.869   1.00 35.97 ? 43  ALA B N   1 
ATOM   1158 C  CA  . ALA B 1 43  ? -8.096  -10.991 7.921   1.00 37.05 ? 43  ALA B CA  1 
ATOM   1159 C  C   . ALA B 1 43  ? -9.174  -11.210 6.865   1.00 37.54 ? 43  ALA B C   1 
ATOM   1160 O  O   . ALA B 1 43  ? -8.983  -11.924 5.875   1.00 36.81 ? 43  ALA B O   1 
ATOM   1161 C  CB  . ALA B 1 43  ? -8.675  -11.275 9.335   1.00 30.97 ? 43  ALA B CB  1 
ATOM   1162 N  N   . GLN B 1 44  ? -10.318 -10.578 7.099   1.00 50.63 ? 44  GLN B N   1 
ATOM   1163 C  CA  . GLN B 1 44  ? -11.452 -10.681 6.199   1.00 51.92 ? 44  GLN B CA  1 
ATOM   1164 C  C   . GLN B 1 44  ? -11.280 -9.815  4.970   1.00 50.81 ? 44  GLN B C   1 
ATOM   1165 O  O   . GLN B 1 44  ? -11.371 -10.311 3.850   1.00 51.47 ? 44  GLN B O   1 
ATOM   1166 C  CB  . GLN B 1 44  ? -12.701 -10.250 6.932   1.00 72.08 ? 44  GLN B CB  1 
ATOM   1167 C  CG  . GLN B 1 44  ? -12.820 -10.880 8.289   1.00 75.68 ? 44  GLN B CG  1 
ATOM   1168 C  CD  . GLN B 1 44  ? -14.217 -11.393 8.522   1.00 77.81 ? 44  GLN B CD  1 
ATOM   1169 O  OE1 . GLN B 1 44  ? -14.721 -12.219 7.745   1.00 79.36 ? 44  GLN B OE1 1 
ATOM   1170 N  NE2 . GLN B 1 44  ? -14.865 -10.905 9.584   1.00 77.36 ? 44  GLN B NE2 1 
ATOM   1171 N  N   . SER B 1 45  ? -11.025 -8.525  5.217   1.00 35.25 ? 45  SER B N   1 
ATOM   1172 C  CA  . SER B 1 45  ? -10.837 -7.488  4.203   1.00 32.71 ? 45  SER B CA  1 
ATOM   1173 C  C   . SER B 1 45  ? -9.767  -7.724  3.154   1.00 32.02 ? 45  SER B C   1 
ATOM   1174 O  O   . SER B 1 45  ? -9.978  -7.354  2.008   1.00 32.03 ? 45  SER B O   1 
ATOM   1175 C  CB  . SER B 1 45  ? -10.515 -6.169  4.873   1.00 42.51 ? 45  SER B CB  1 
ATOM   1176 O  OG  . SER B 1 45  ? -9.114  -6.020  4.974   1.00 44.78 ? 45  SER B OG  1 
ATOM   1177 N  N   . GLN B 1 46  ? -8.622  -8.309  3.534   1.00 28.51 ? 46  GLN B N   1 
ATOM   1178 C  CA  . GLN B 1 46  ? -7.510  -8.560  2.590   1.00 26.09 ? 46  GLN B CA  1 
ATOM   1179 C  C   . GLN B 1 46  ? -6.896  -7.232  2.127   1.00 25.21 ? 46  GLN B C   1 
ATOM   1180 O  O   . GLN B 1 46  ? -6.251  -7.133  1.055   1.00 23.97 ? 46  GLN B O   1 
ATOM   1181 C  CB  . GLN B 1 46  ? -7.990  -9.335  1.363   1.00 31.64 ? 46  GLN B CB  1 
ATOM   1182 C  CG  . GLN B 1 46  ? -8.296  -10.774 1.631   1.00 30.96 ? 46  GLN B CG  1 
ATOM   1183 C  CD  . GLN B 1 46  ? -7.138  -11.430 2.280   1.00 31.30 ? 46  GLN B CD  1 
ATOM   1184 O  OE1 . GLN B 1 46  ? -7.150  -11.645 3.481   1.00 33.20 ? 46  GLN B OE1 1 
ATOM   1185 N  NE2 . GLN B 1 46  ? -6.098  -11.728 1.500   1.00 32.88 ? 46  GLN B NE2 1 
ATOM   1186 N  N   . ILE B 1 47  ? -7.113  -6.219  2.954   1.00 24.91 ? 47  ILE B N   1 
ATOM   1187 C  CA  . ILE B 1 47  ? -6.619  -4.873  2.736   1.00 25.00 ? 47  ILE B CA  1 
ATOM   1188 C  C   . ILE B 1 47  ? -5.583  -4.614  3.868   1.00 25.74 ? 47  ILE B C   1 
ATOM   1189 O  O   . ILE B 1 47  ? -5.683  -5.208  4.955   1.00 25.07 ? 47  ILE B O   1 
ATOM   1190 C  CB  . ILE B 1 47  ? -7.856  -3.899  2.765   1.00 34.80 ? 47  ILE B CB  1 
ATOM   1191 C  CG1 . ILE B 1 47  ? -8.455  -3.797  1.339   1.00 35.73 ? 47  ILE B CG1 1 
ATOM   1192 C  CG2 . ILE B 1 47  ? -7.500  -2.570  3.372   1.00 33.39 ? 47  ILE B CG2 1 
ATOM   1193 C  CD1 . ILE B 1 47  ? -10.002 -3.460  1.272   1.00 34.75 ? 47  ILE B CD1 1 
ATOM   1194 N  N   . LEU B 1 48  ? -4.567  -3.790  3.607   1.00 26.30 ? 48  LEU B N   1 
ATOM   1195 C  CA  . LEU B 1 48  ? -3.571  -3.477  4.640   1.00 27.46 ? 48  LEU B CA  1 
ATOM   1196 C  C   . LEU B 1 48  ? -4.232  -2.645  5.723   1.00 28.76 ? 48  LEU B C   1 
ATOM   1197 O  O   . LEU B 1 48  ? -5.066  -1.790  5.430   1.00 29.42 ? 48  LEU B O   1 
ATOM   1198 C  CB  . LEU B 1 48  ? -2.402  -2.692  4.054   1.00 23.25 ? 48  LEU B CB  1 
ATOM   1199 C  CG  . LEU B 1 48  ? -1.491  -3.560  3.179   1.00 21.46 ? 48  LEU B CG  1 
ATOM   1200 C  CD1 . LEU B 1 48  ? -0.495  -2.656  2.432   1.00 22.23 ? 48  LEU B CD1 1 
ATOM   1201 C  CD2 . LEU B 1 48  ? -0.774  -4.610  4.029   1.00 19.35 ? 48  LEU B CD2 1 
ATOM   1202 N  N   . GLU B 1 49  ? -3.871  -2.893  6.975   1.00 28.69 ? 49  GLU B N   1 
ATOM   1203 C  CA  . GLU B 1 49  ? -4.483  -2.160  8.079   1.00 29.91 ? 49  GLU B CA  1 
ATOM   1204 C  C   . GLU B 1 49  ? -3.440  -1.765  9.138   1.00 29.60 ? 49  GLU B C   1 
ATOM   1205 O  O   . GLU B 1 49  ? -2.619  -2.604  9.560   1.00 27.59 ? 49  GLU B O   1 
ATOM   1206 C  CB  . GLU B 1 49  ? -5.581  -3.022  8.694   1.00 51.34 ? 49  GLU B CB  1 
ATOM   1207 C  CG  . GLU B 1 49  ? -6.643  -3.438  7.689   1.00 55.77 ? 49  GLU B CG  1 
ATOM   1208 C  CD  . GLU B 1 49  ? -7.659  -4.431  8.255   1.00 60.14 ? 49  GLU B CD  1 
ATOM   1209 O  OE1 . GLU B 1 49  ? -8.560  -4.864  7.496   1.00 61.87 ? 49  GLU B OE1 1 
ATOM   1210 O  OE2 . GLU B 1 49  ? -7.561  -4.783  9.457   1.00 62.87 ? 49  GLU B OE2 1 
ATOM   1211 N  N   . PRO B 1 50  ? -3.467  -0.484  9.583   1.00 39.09 ? 50  PRO B N   1 
ATOM   1212 C  CA  . PRO B 1 50  ? -2.539  0.067   10.588  1.00 38.74 ? 50  PRO B CA  1 
ATOM   1213 C  C   . PRO B 1 50  ? -2.403  -0.882  11.751  1.00 38.35 ? 50  PRO B C   1 
ATOM   1214 O  O   . PRO B 1 50  ? -3.368  -1.501  12.143  1.00 39.73 ? 50  PRO B O   1 
ATOM   1215 C  CB  . PRO B 1 50  ? -3.200  1.376   11.005  1.00 26.16 ? 50  PRO B CB  1 
ATOM   1216 C  CG  . PRO B 1 50  ? -3.906  1.810   9.735   1.00 27.16 ? 50  PRO B CG  1 
ATOM   1217 C  CD  . PRO B 1 50  ? -4.532  0.495   9.274   1.00 26.24 ? 50  PRO B CD  1 
ATOM   1218 N  N   . LEU B 1 51  ? -1.204  -1.005  12.297  1.00 34.75 ? 51  LEU B N   1 
ATOM   1219 C  CA  . LEU B 1 51  ? -0.983  -1.908  13.419  1.00 33.07 ? 51  LEU B CA  1 
ATOM   1220 C  C   . LEU B 1 51  ? -0.320  -1.096  14.531  1.00 32.55 ? 51  LEU B C   1 
ATOM   1221 O  O   . LEU B 1 51  ? -0.682  -1.175  15.707  1.00 32.79 ? 51  LEU B O   1 
ATOM   1222 C  CB  . LEU B 1 51  ? -0.062  -3.053  12.978  1.00 28.02 ? 51  LEU B CB  1 
ATOM   1223 C  CG  . LEU B 1 51  ? -0.179  -4.334  13.798  1.00 28.29 ? 51  LEU B CG  1 
ATOM   1224 C  CD1 . LEU B 1 51  ? -1.659  -4.730  13.868  1.00 28.10 ? 51  LEU B CD1 1 
ATOM   1225 C  CD2 . LEU B 1 51  ? 0.642   -5.452  13.131  1.00 26.66 ? 51  LEU B CD2 1 
ATOM   1226 N  N   . LEU B 1 52  ? 0.634   -0.278  14.118  1.00 22.94 ? 52  LEU B N   1 
ATOM   1227 C  CA  . LEU B 1 52  ? 1.395   0.540   15.023  1.00 22.37 ? 52  LEU B CA  1 
ATOM   1228 C  C   . LEU B 1 52  ? 1.851   1.784   14.281  1.00 23.06 ? 52  LEU B C   1 
ATOM   1229 O  O   . LEU B 1 52  ? 2.061   1.750   13.044  1.00 21.13 ? 52  LEU B O   1 
ATOM   1230 C  CB  . LEU B 1 52  ? 2.624   -0.244  15.476  1.00 24.27 ? 52  LEU B CB  1 
ATOM   1231 C  CG  . LEU B 1 52  ? 2.412   -1.261  16.577  1.00 23.26 ? 52  LEU B CG  1 
ATOM   1232 C  CD1 . LEU B 1 52  ? 3.612   -2.243  16.613  1.00 23.55 ? 52  LEU B CD1 1 
ATOM   1233 C  CD2 . LEU B 1 52  ? 2.253   -0.486  17.886  1.00 22.68 ? 52  LEU B CD2 1 
ATOM   1234 N  N   . PHE B 1 53  ? 1.976   2.885   15.018  1.00 22.07 ? 53  PHE B N   1 
ATOM   1235 C  CA  . PHE B 1 53  ? 2.485   4.097   14.403  1.00 24.60 ? 53  PHE B CA  1 
ATOM   1236 C  C   . PHE B 1 53  ? 3.525   4.746   15.329  1.00 24.67 ? 53  PHE B C   1 
ATOM   1237 O  O   . PHE B 1 53  ? 3.379   4.756   16.571  1.00 23.53 ? 53  PHE B O   1 
ATOM   1238 C  CB  . PHE B 1 53  ? 1.343   5.063   13.974  1.00 60.27 ? 53  PHE B CB  1 
ATOM   1239 C  CG  . PHE B 1 53  ? 0.588   5.699   15.105  1.00 64.96 ? 53  PHE B CG  1 
ATOM   1240 C  CD1 . PHE B 1 53  ? 1.086   6.839   15.735  1.00 66.85 ? 53  PHE B CD1 1 
ATOM   1241 C  CD2 . PHE B 1 53  ? -0.650  5.191   15.509  1.00 67.66 ? 53  PHE B CD2 1 
ATOM   1242 C  CE1 . PHE B 1 53  ? 0.367   7.471   16.746  1.00 67.83 ? 53  PHE B CE1 1 
ATOM   1243 C  CE2 . PHE B 1 53  ? -1.382  5.817   16.525  1.00 69.44 ? 53  PHE B CE2 1 
ATOM   1244 C  CZ  . PHE B 1 53  ? -0.869  6.961   17.143  1.00 69.10 ? 53  PHE B CZ  1 
ATOM   1245 N  N   . TRP B 1 54  ? 4.600   5.224   14.700  1.00 34.77 ? 54  TRP B N   1 
ATOM   1246 C  CA  . TRP B 1 54  ? 5.711   5.850   15.384  1.00 34.66 ? 54  TRP B CA  1 
ATOM   1247 C  C   . TRP B 1 54  ? 5.938   7.234   14.805  1.00 35.43 ? 54  TRP B C   1 
ATOM   1248 O  O   . TRP B 1 54  ? 6.433   7.380   13.692  1.00 36.44 ? 54  TRP B O   1 
ATOM   1249 C  CB  . TRP B 1 54  ? 6.968   5.016   15.186  1.00 26.98 ? 54  TRP B CB  1 
ATOM   1250 C  CG  . TRP B 1 54  ? 6.863   3.646   15.767  1.00 26.94 ? 54  TRP B CG  1 
ATOM   1251 C  CD1 . TRP B 1 54  ? 7.045   3.301   17.076  1.00 27.91 ? 54  TRP B CD1 1 
ATOM   1252 C  CD2 . TRP B 1 54  ? 6.573   2.425   15.065  1.00 27.43 ? 54  TRP B CD2 1 
ATOM   1253 N  NE1 . TRP B 1 54  ? 6.894   1.941   17.239  1.00 28.02 ? 54  TRP B NE1 1 
ATOM   1254 C  CE2 . TRP B 1 54  ? 6.601   1.376   16.023  1.00 28.18 ? 54  TRP B CE2 1 
ATOM   1255 C  CE3 . TRP B 1 54  ? 6.295   2.113   13.725  1.00 27.09 ? 54  TRP B CE3 1 
ATOM   1256 C  CZ2 . TRP B 1 54  ? 6.361   0.026   15.682  1.00 27.12 ? 54  TRP B CZ2 1 
ATOM   1257 C  CZ3 . TRP B 1 54  ? 6.058   0.772   13.381  1.00 27.33 ? 54  TRP B CZ3 1 
ATOM   1258 C  CH2 . TRP B 1 54  ? 6.094   -0.254  14.364  1.00 28.44 ? 54  TRP B CH2 1 
ATOM   1259 N  N   . PRO B 1 55  ? 5.557   8.275   15.548  1.00 28.84 ? 55  PRO B N   1 
ATOM   1260 C  CA  . PRO B 1 55  ? 5.760   9.635   15.032  1.00 28.17 ? 55  PRO B CA  1 
ATOM   1261 C  C   . PRO B 1 55  ? 7.240   9.922   15.076  1.00 27.05 ? 55  PRO B C   1 
ATOM   1262 O  O   . PRO B 1 55  ? 7.905   9.531   16.030  1.00 26.76 ? 55  PRO B O   1 
ATOM   1263 C  CB  . PRO B 1 55  ? 4.974   10.498  16.014  1.00 46.55 ? 55  PRO B CB  1 
ATOM   1264 C  CG  . PRO B 1 55  ? 3.874   9.535   16.512  1.00 47.43 ? 55  PRO B CG  1 
ATOM   1265 C  CD  . PRO B 1 55  ? 4.658   8.268   16.720  1.00 47.06 ? 55  PRO B CD  1 
ATOM   1266 N  N   . TYR B 1 56  ? 7.754   10.589  14.050  1.00 25.39 ? 56  TYR B N   1 
ATOM   1267 C  CA  . TYR B 1 56  ? 9.178   10.914  13.987  1.00 26.33 ? 56  TYR B CA  1 
ATOM   1268 C  C   . TYR B 1 56  ? 9.676   11.660  15.264  1.00 27.12 ? 56  TYR B C   1 
ATOM   1269 O  O   . TYR B 1 56  ? 10.760  11.369  15.787  1.00 25.59 ? 56  TYR B O   1 
ATOM   1270 C  CB  . TYR B 1 56  ? 9.451   11.744  12.719  1.00 32.23 ? 56  TYR B CB  1 
ATOM   1271 C  CG  . TYR B 1 56  ? 9.161   10.994  11.429  1.00 33.36 ? 56  TYR B CG  1 
ATOM   1272 C  CD1 . TYR B 1 56  ? 8.489   11.607  10.366  1.00 32.95 ? 56  TYR B CD1 1 
ATOM   1273 C  CD2 . TYR B 1 56  ? 9.577   9.665   11.262  1.00 34.08 ? 56  TYR B CD2 1 
ATOM   1274 C  CE1 . TYR B 1 56  ? 8.244   10.917  9.185   1.00 32.11 ? 56  TYR B CE1 1 
ATOM   1275 C  CE2 . TYR B 1 56  ? 9.331   8.969   10.073  1.00 31.83 ? 56  TYR B CE2 1 
ATOM   1276 C  CZ  . TYR B 1 56  ? 8.669   9.604   9.052   1.00 31.71 ? 56  TYR B CZ  1 
ATOM   1277 O  OH  . TYR B 1 56  ? 8.435   8.919   7.884   1.00 33.04 ? 56  TYR B OH  1 
ATOM   1278 N  N   . THR B 1 57  ? 8.889   12.602  15.779  1.00 49.88 ? 57  THR B N   1 
ATOM   1279 C  CA  . THR B 1 57  ? 9.308   13.330  16.970  1.00 50.58 ? 57  THR B CA  1 
ATOM   1280 C  C   . THR B 1 57  ? 9.341   12.455  18.203  1.00 52.06 ? 57  THR B C   1 
ATOM   1281 O  O   . THR B 1 57  ? 9.664   12.940  19.273  1.00 54.39 ? 57  THR B O   1 
ATOM   1282 C  CB  . THR B 1 57  ? 8.407   14.574  17.272  1.00 35.93 ? 57  THR B CB  1 
ATOM   1283 O  OG1 . THR B 1 57  ? 7.021   14.228  17.140  1.00 38.00 ? 57  THR B OG1 1 
ATOM   1284 C  CG2 . THR B 1 57  ? 8.730   15.710  16.320  1.00 34.15 ? 57  THR B CG2 1 
ATOM   1285 N  N   . LEU B 1 58  ? 9.003   11.176  18.070  1.00 43.88 ? 58  LEU B N   1 
ATOM   1286 C  CA  . LEU B 1 58  ? 9.042   10.272  19.219  1.00 43.00 ? 58  LEU B CA  1 
ATOM   1287 C  C   . LEU B 1 58  ? 10.021  9.126   19.025  1.00 43.03 ? 58  LEU B C   1 
ATOM   1288 O  O   . LEU B 1 58  ? 9.892   8.095   19.672  1.00 44.12 ? 58  LEU B O   1 
ATOM   1289 C  CB  . LEU B 1 58  ? 7.662   9.690   19.504  1.00 23.98 ? 58  LEU B CB  1 
ATOM   1290 C  CG  . LEU B 1 58  ? 6.607   10.701  19.971  1.00 23.58 ? 58  LEU B CG  1 
ATOM   1291 C  CD1 . LEU B 1 58  ? 5.525   9.913   20.704  1.00 22.29 ? 58  LEU B CD1 1 
ATOM   1292 C  CD2 . LEU B 1 58  ? 7.193   11.739  20.950  1.00 23.31 ? 58  LEU B CD2 1 
ATOM   1293 N  N   . LEU B 1 59  ? 10.997  9.313   18.142  1.00 30.33 ? 59  LEU B N   1 
ATOM   1294 C  CA  . LEU B 1 59  ? 11.991  8.281   17.840  1.00 31.32 ? 59  LEU B CA  1 
ATOM   1295 C  C   . LEU B 1 59  ? 13.397  8.701   18.298  1.00 31.22 ? 59  LEU B C   1 
ATOM   1296 O  O   . LEU B 1 59  ? 13.841  9.816   18.021  1.00 31.15 ? 59  LEU B O   1 
ATOM   1297 C  CB  . LEU B 1 59  ? 12.011  8.007   16.329  1.00 32.98 ? 59  LEU B CB  1 
ATOM   1298 C  CG  . LEU B 1 59  ? 11.415  6.726   15.722  1.00 33.52 ? 59  LEU B CG  1 
ATOM   1299 C  CD1 . LEU B 1 59  ? 10.154  6.327   16.464  1.00 33.92 ? 59  LEU B CD1 1 
ATOM   1300 C  CD2 . LEU B 1 59  ? 11.152  6.949   14.236  1.00 31.57 ? 59  LEU B CD2 1 
ATOM   1301 N  N   . ARG B 1 60  ? 14.108  7.803   18.977  1.00 36.30 ? 60  ARG B N   1 
ATOM   1302 C  CA  . ARG B 1 60  ? 15.448  8.134   19.453  1.00 36.22 ? 60  ARG B CA  1 
ATOM   1303 C  C   . ARG B 1 60  ? 16.416  8.192   18.290  1.00 34.53 ? 60  ARG B C   1 
ATOM   1304 O  O   . ARG B 1 60  ? 17.241  9.086   18.220  1.00 35.66 ? 60  ARG B O   1 
ATOM   1305 C  CB  . ARG B 1 60  ? 15.904  7.132   20.521  1.00 48.66 ? 60  ARG B CB  1 
ATOM   1306 C  CG  . ARG B 1 60  ? 15.206  7.335   21.871  1.00 52.54 ? 60  ARG B CG  1 
ATOM   1307 C  CD  . ARG B 1 60  ? 15.236  6.060   22.704  1.00 56.36 ? 60  ARG B CD  1 
ATOM   1308 N  NE  . ARG B 1 60  ? 14.368  6.125   23.887  1.00 60.94 ? 60  ARG B NE  1 
ATOM   1309 C  CZ  . ARG B 1 60  ? 13.956  5.066   24.599  1.00 63.02 ? 60  ARG B CZ  1 
ATOM   1310 N  NH1 . ARG B 1 60  ? 14.324  3.830   24.257  1.00 62.26 ? 60  ARG B NH1 1 
ATOM   1311 N  NH2 . ARG B 1 60  ? 13.172  5.239   25.670  1.00 64.48 ? 60  ARG B NH2 1 
ATOM   1312 N  N   . ARG B 1 61  ? 16.296  7.257   17.360  1.00 30.06 ? 61  ARG B N   1 
ATOM   1313 C  CA  . ARG B 1 61  ? 17.160  7.215   16.175  1.00 28.45 ? 61  ARG B CA  1 
ATOM   1314 C  C   . ARG B 1 61  ? 16.684  6.097   15.282  1.00 26.54 ? 61  ARG B C   1 
ATOM   1315 O  O   . ARG B 1 61  ? 15.754  5.358   15.629  1.00 25.99 ? 61  ARG B O   1 
ATOM   1316 C  CB  . ARG B 1 61  ? 18.597  6.950   16.564  1.00 52.31 ? 61  ARG B CB  1 
ATOM   1317 C  CG  . ARG B 1 61  ? 18.716  5.801   17.484  1.00 56.13 ? 61  ARG B CG  1 
ATOM   1318 C  CD  . ARG B 1 61  ? 20.144  5.385   17.650  1.00 62.26 ? 61  ARG B CD  1 
ATOM   1319 N  NE  . ARG B 1 61  ? 20.292  4.530   18.822  1.00 67.87 ? 61  ARG B NE  1 
ATOM   1320 C  CZ  . ARG B 1 61  ? 19.595  3.413   19.044  1.00 70.51 ? 61  ARG B CZ  1 
ATOM   1321 N  NH1 . ARG B 1 61  ? 18.683  2.989   18.175  1.00 72.30 ? 61  ARG B NH1 1 
ATOM   1322 N  NH2 . ARG B 1 61  ? 19.810  2.708   20.148  1.00 73.01 ? 61  ARG B NH2 1 
ATOM   1323 N  N   . TYR B 1 62  ? 17.313  5.960   14.128  1.00 26.15 ? 62  TYR B N   1 
ATOM   1324 C  CA  . TYR B 1 62  ? 16.926  4.912   13.193  1.00 26.91 ? 62  TYR B CA  1 
ATOM   1325 C  C   . TYR B 1 62  ? 18.070  4.788   12.212  1.00 27.87 ? 62  TYR B C   1 
ATOM   1326 O  O   . TYR B 1 62  ? 18.910  5.689   12.133  1.00 29.03 ? 62  TYR B O   1 
ATOM   1327 C  CB  . TYR B 1 62  ? 15.637  5.312   12.474  1.00 26.08 ? 62  TYR B CB  1 
ATOM   1328 C  CG  . TYR B 1 62  ? 15.800  6.593   11.706  1.00 25.63 ? 62  TYR B CG  1 
ATOM   1329 C  CD1 . TYR B 1 62  ? 16.316  6.584   10.389  1.00 26.19 ? 62  TYR B CD1 1 
ATOM   1330 C  CD2 . TYR B 1 62  ? 15.520  7.834   12.316  1.00 25.55 ? 62  TYR B CD2 1 
ATOM   1331 C  CE1 . TYR B 1 62  ? 16.556  7.789   9.692   1.00 28.54 ? 62  TYR B CE1 1 
ATOM   1332 C  CE2 . TYR B 1 62  ? 15.757  9.046   11.648  1.00 27.19 ? 62  TYR B CE2 1 
ATOM   1333 C  CZ  . TYR B 1 62  ? 16.281  9.022   10.336  1.00 29.21 ? 62  TYR B CZ  1 
ATOM   1334 O  OH  . TYR B 1 62  ? 16.580  10.214  9.702   1.00 29.44 ? 62  TYR B OH  1 
ATOM   1335 N  N   . GLY B 1 63  ? 18.115  3.690   11.458  1.00 24.85 ? 63  GLY B N   1 
ATOM   1336 C  CA  . GLY B 1 63  ? 19.203  3.519   10.515  1.00 24.36 ? 63  GLY B CA  1 
ATOM   1337 C  C   . GLY B 1 63  ? 19.003  2.296   9.661   1.00 24.99 ? 63  GLY B C   1 
ATOM   1338 O  O   . GLY B 1 63  ? 17.958  1.644   9.737   1.00 23.49 ? 63  GLY B O   1 
ATOM   1339 N  N   . ARG B 1 64  ? 20.009  1.972   8.853   1.00 30.45 ? 64  ARG B N   1 
ATOM   1340 C  CA  . ARG B 1 64  ? 19.886  0.842   7.960   1.00 31.35 ? 64  ARG B CA  1 
ATOM   1341 C  C   . ARG B 1 64  ? 21.169  0.112   7.609   1.00 31.92 ? 64  ARG B C   1 
ATOM   1342 O  O   . ARG B 1 64  ? 22.270  0.565   7.856   1.00 32.97 ? 64  ARG B O   1 
ATOM   1343 C  CB  . ARG B 1 64  ? 19.165  1.259   6.693   1.00 31.35 ? 64  ARG B CB  1 
ATOM   1344 C  CG  . ARG B 1 64  ? 20.049  1.866   5.668   1.00 33.35 ? 64  ARG B CG  1 
ATOM   1345 C  CD  . ARG B 1 64  ? 20.613  3.176   6.119   1.00 34.43 ? 64  ARG B CD  1 
ATOM   1346 N  NE  . ARG B 1 64  ? 20.989  3.971   4.956   1.00 38.30 ? 64  ARG B NE  1 
ATOM   1347 C  CZ  . ARG B 1 64  ? 21.726  5.077   4.999   1.00 38.84 ? 64  ARG B CZ  1 
ATOM   1348 N  NH1 . ARG B 1 64  ? 22.179  5.548   6.153   1.00 36.83 ? 64  ARG B NH1 1 
ATOM   1349 N  NH2 . ARG B 1 64  ? 22.026  5.693   3.868   1.00 39.58 ? 64  ARG B NH2 1 
ATOM   1350 N  N   . ASP B 1 65  ? 20.980  -1.003  6.936   1.00 32.38 ? 65  ASP B N   1 
ATOM   1351 C  CA  . ASP B 1 65  ? 22.025  -1.959  6.634   1.00 32.06 ? 65  ASP B CA  1 
ATOM   1352 C  C   . ASP B 1 65  ? 21.568  -2.556  5.295   1.00 30.82 ? 65  ASP B C   1 
ATOM   1353 O  O   . ASP B 1 65  ? 20.403  -2.407  4.936   1.00 29.35 ? 65  ASP B O   1 
ATOM   1354 C  CB  . ASP B 1 65  ? 21.863  -2.967  7.777   1.00 48.94 ? 65  ASP B CB  1 
ATOM   1355 C  CG  . ASP B 1 65  ? 22.952  -3.951  7.891   1.00 51.17 ? 65  ASP B CG  1 
ATOM   1356 O  OD1 . ASP B 1 65  ? 24.123  -3.550  8.058   1.00 53.18 ? 65  ASP B OD1 1 
ATOM   1357 O  OD2 . ASP B 1 65  ? 22.601  -5.145  7.852   1.00 52.62 ? 65  ASP B OD2 1 
ATOM   1358 N  N   . LYS B 1 66  ? 22.455  -3.217  4.552   1.00 28.06 ? 66  LYS B N   1 
ATOM   1359 C  CA  . LYS B 1 66  ? 22.031  -3.841  3.291   1.00 27.76 ? 66  LYS B CA  1 
ATOM   1360 C  C   . LYS B 1 66  ? 21.031  -4.954  3.640   1.00 26.85 ? 66  LYS B C   1 
ATOM   1361 O  O   . LYS B 1 66  ? 20.240  -5.385  2.817   1.00 27.62 ? 66  LYS B O   1 
ATOM   1362 C  CB  . LYS B 1 66  ? 23.217  -4.464  2.542   1.00 37.01 ? 66  LYS B CB  1 
ATOM   1363 C  CG  . LYS B 1 66  ? 24.324  -3.494  2.122   1.00 38.59 ? 66  LYS B CG  1 
ATOM   1364 C  CD  . LYS B 1 66  ? 23.956  -2.747  0.871   1.00 40.15 ? 66  LYS B CD  1 
ATOM   1365 C  CE  . LYS B 1 66  ? 24.976  -1.677  0.543   1.00 42.29 ? 66  LYS B CE  1 
ATOM   1366 N  NZ  . LYS B 1 66  ? 24.644  -0.994  -0.749  1.00 44.37 ? 66  LYS B NZ  1 
ATOM   1367 N  N   . VAL B 1 67  ? 21.046  -5.386  4.890   1.00 27.98 ? 67  VAL B N   1 
ATOM   1368 C  CA  . VAL B 1 67  ? 20.180  -6.471  5.348   1.00 26.54 ? 67  VAL B CA  1 
ATOM   1369 C  C   . VAL B 1 67  ? 18.959  -6.047  6.171   1.00 25.87 ? 67  VAL B C   1 
ATOM   1370 O  O   . VAL B 1 67  ? 18.077  -6.861  6.404   1.00 25.55 ? 67  VAL B O   1 
ATOM   1371 C  CB  . VAL B 1 67  ? 21.015  -7.448  6.214   1.00 31.65 ? 67  VAL B CB  1 
ATOM   1372 C  CG1 . VAL B 1 67  ? 20.120  -8.424  6.937   1.00 31.58 ? 67  VAL B CG1 1 
ATOM   1373 C  CG2 . VAL B 1 67  ? 22.038  -8.159  5.344   1.00 31.79 ? 67  VAL B CG2 1 
HETATM 1374 N  N   . MSE B 1 68  ? 18.886  -4.793  6.618   1.00 20.90 ? 68  MSE B N   1 
HETATM 1375 C  CA  . MSE B 1 68  ? 17.743  -4.402  7.459   1.00 20.44 ? 68  MSE B CA  1 
HETATM 1376 C  C   . MSE B 1 68  ? 17.568  -2.910  7.688   1.00 17.58 ? 68  MSE B C   1 
HETATM 1377 O  O   . MSE B 1 68  ? 18.389  -2.104  7.262   1.00 16.32 ? 68  MSE B O   1 
HETATM 1378 C  CB  . MSE B 1 68  ? 17.870  -5.096  8.820   1.00 31.86 ? 68  MSE B CB  1 
HETATM 1379 C  CG  . MSE B 1 68  ? 19.227  -4.833  9.516   1.00 39.08 ? 68  MSE B CG  1 
HETATM 1380 SE SE  . MSE B 1 68  ? 19.425  -3.032  10.360  1.00 49.40 ? 68  MSE B SE  1 
HETATM 1381 C  CE  . MSE B 1 68  ? 20.755  -3.503  11.720  1.00 47.79 ? 68  MSE B CE  1 
ATOM   1382 N  N   . PHE B 1 69  ? 16.473  -2.546  8.348   1.00 19.20 ? 69  PHE B N   1 
ATOM   1383 C  CA  . PHE B 1 69  ? 16.203  -1.151  8.706   1.00 17.24 ? 69  PHE B CA  1 
ATOM   1384 C  C   . PHE B 1 69  ? 15.768  -1.250  10.176  1.00 17.12 ? 69  PHE B C   1 
ATOM   1385 O  O   . PHE B 1 69  ? 15.114  -2.223  10.576  1.00 16.72 ? 69  PHE B O   1 
ATOM   1386 C  CB  . PHE B 1 69  ? 15.074  -0.536  7.872   1.00 16.38 ? 69  PHE B CB  1 
ATOM   1387 C  CG  . PHE B 1 69  ? 14.724  0.878   8.299   1.00 15.33 ? 69  PHE B CG  1 
ATOM   1388 C  CD1 . PHE B 1 69  ? 15.517  1.957   7.911   1.00 15.09 ? 69  PHE B CD1 1 
ATOM   1389 C  CD2 . PHE B 1 69  ? 13.656  1.120   9.148   1.00 13.61 ? 69  PHE B CD2 1 
ATOM   1390 C  CE1 . PHE B 1 69  ? 15.256  3.260   8.365   1.00 13.81 ? 69  PHE B CE1 1 
ATOM   1391 C  CE2 . PHE B 1 69  ? 13.392  2.420   9.601   1.00 14.60 ? 69  PHE B CE2 1 
ATOM   1392 C  CZ  . PHE B 1 69  ? 14.206  3.495   9.198   1.00 12.76 ? 69  PHE B CZ  1 
ATOM   1393 N  N   . SER B 1 70  ? 16.107  -0.258  10.989  1.00 17.35 ? 70  SER B N   1 
ATOM   1394 C  CA  . SER B 1 70  ? 15.780  -0.347  12.412  1.00 18.32 ? 70  SER B CA  1 
ATOM   1395 C  C   . SER B 1 70  ? 15.690  1.012   13.065  1.00 18.62 ? 70  SER B C   1 
ATOM   1396 O  O   . SER B 1 70  ? 16.314  1.976   12.600  1.00 19.25 ? 70  SER B O   1 
ATOM   1397 C  CB  . SER B 1 70  ? 16.873  -1.168  13.128  1.00 21.84 ? 70  SER B CB  1 
ATOM   1398 O  OG  . SER B 1 70  ? 16.753  -1.078  14.533  1.00 21.33 ? 70  SER B OG  1 
ATOM   1399 N  N   . PHE B 1 71  ? 14.938  1.083   14.158  1.00 18.65 ? 71  PHE B N   1 
ATOM   1400 C  CA  . PHE B 1 71  ? 14.767  2.341   14.875  1.00 20.14 ? 71  PHE B CA  1 
ATOM   1401 C  C   . PHE B 1 71  ? 14.411  2.030   16.314  1.00 22.51 ? 71  PHE B C   1 
ATOM   1402 O  O   . PHE B 1 71  ? 14.001  0.904   16.642  1.00 21.27 ? 71  PHE B O   1 
ATOM   1403 C  CB  . PHE B 1 71  ? 13.662  3.198   14.231  1.00 26.49 ? 71  PHE B CB  1 
ATOM   1404 C  CG  . PHE B 1 71  ? 12.305  2.530   14.201  1.00 26.05 ? 71  PHE B CG  1 
ATOM   1405 C  CD1 . PHE B 1 71  ? 11.405  2.699   15.260  1.00 25.62 ? 71  PHE B CD1 1 
ATOM   1406 C  CD2 . PHE B 1 71  ? 11.945  1.694   13.129  1.00 23.96 ? 71  PHE B CD2 1 
ATOM   1407 C  CE1 . PHE B 1 71  ? 10.162  2.040   15.256  1.00 24.83 ? 71  PHE B CE1 1 
ATOM   1408 C  CE2 . PHE B 1 71  ? 10.715  1.034   13.114  1.00 24.19 ? 71  PHE B CE2 1 
ATOM   1409 C  CZ  . PHE B 1 71  ? 9.823   1.206   14.181  1.00 24.92 ? 71  PHE B CZ  1 
ATOM   1410 N  N   . GLU B 1 72  ? 14.579  3.044   17.163  1.00 34.50 ? 72  GLU B N   1 
ATOM   1411 C  CA  . GLU B 1 72  ? 14.319  2.924   18.585  1.00 35.85 ? 72  GLU B CA  1 
ATOM   1412 C  C   . GLU B 1 72  ? 13.210  3.887   18.939  1.00 34.54 ? 72  GLU B C   1 
ATOM   1413 O  O   . GLU B 1 72  ? 13.329  5.089   18.720  1.00 34.07 ? 72  GLU B O   1 
ATOM   1414 C  CB  . GLU B 1 72  ? 15.580  3.274   19.358  1.00 56.01 ? 72  GLU B CB  1 
ATOM   1415 C  CG  . GLU B 1 72  ? 15.596  2.710   20.754  1.00 62.34 ? 72  GLU B CG  1 
ATOM   1416 C  CD  . GLU B 1 72  ? 16.761  3.228   21.575  1.00 65.55 ? 72  GLU B CD  1 
ATOM   1417 O  OE1 . GLU B 1 72  ? 17.733  3.719   20.956  1.00 66.28 ? 72  GLU B OE1 1 
ATOM   1418 O  OE2 . GLU B 1 72  ? 16.702  3.134   22.829  1.00 66.48 ? 72  GLU B OE2 1 
ATOM   1419 N  N   . ALA B 1 73  ? 12.126  3.353   19.485  1.00 19.04 ? 73  ALA B N   1 
ATOM   1420 C  CA  . ALA B 1 73  ? 10.982  4.171   19.825  1.00 16.93 ? 73  ALA B CA  1 
ATOM   1421 C  C   . ALA B 1 73  ? 11.220  4.685   21.180  1.00 18.71 ? 73  ALA B C   1 
ATOM   1422 O  O   . ALA B 1 73  ? 11.806  3.982   21.998  1.00 17.87 ? 73  ALA B O   1 
ATOM   1423 C  CB  . ALA B 1 73  ? 9.752   3.360   19.826  1.00 12.01 ? 73  ALA B CB  1 
ATOM   1424 N  N   . GLY B 1 74  ? 10.759  5.910   21.413  1.00 32.28 ? 74  GLY B N   1 
ATOM   1425 C  CA  . GLY B 1 74  ? 10.893  6.539   22.707  1.00 36.51 ? 74  GLY B CA  1 
ATOM   1426 C  C   . GLY B 1 74  ? 9.748   6.066   23.582  1.00 40.55 ? 74  GLY B C   1 
ATOM   1427 O  O   . GLY B 1 74  ? 8.767   5.510   23.075  1.00 40.77 ? 74  GLY B O   1 
ATOM   1428 N  N   . ARG B 1 75  ? 9.884   6.274   24.892  1.00 51.03 ? 75  ARG B N   1 
ATOM   1429 C  CA  . ARG B 1 75  ? 8.874   5.877   25.873  1.00 53.25 ? 75  ARG B CA  1 
ATOM   1430 C  C   . ARG B 1 75  ? 7.456   6.297   25.462  1.00 53.19 ? 75  ARG B C   1 
ATOM   1431 O  O   . ARG B 1 75  ? 6.479   5.570   25.735  1.00 53.21 ? 75  ARG B O   1 
ATOM   1432 C  CB  . ARG B 1 75  ? 9.226   6.480   27.245  1.00 74.84 ? 75  ARG B CB  1 
ATOM   1433 C  CG  . ARG B 1 75  ? 10.096  7.743   27.161  1.00 80.04 ? 75  ARG B CG  1 
ATOM   1434 C  CD  . ARG B 1 75  ? 9.528   8.763   26.149  1.00 83.92 ? 75  ARG B CD  1 
ATOM   1435 N  NE  . ARG B 1 75  ? 10.462  9.820   25.732  1.00 86.73 ? 75  ARG B NE  1 
ATOM   1436 C  CZ  . ARG B 1 75  ? 11.703  9.614   25.286  1.00 87.92 ? 75  ARG B CZ  1 
ATOM   1437 N  NH1 . ARG B 1 75  ? 12.190  8.381   25.203  1.00 88.00 ? 75  ARG B NH1 1 
ATOM   1438 N  NH2 . ARG B 1 75  ? 12.452  10.643  24.894  1.00 87.79 ? 75  ARG B NH2 1 
ATOM   1439 N  N   . ARG B 1 76  ? 7.360   7.450   24.787  1.00 45.42 ? 76  ARG B N   1 
ATOM   1440 C  CA  . ARG B 1 76  ? 6.075   8.022   24.360  1.00 45.31 ? 76  ARG B CA  1 
ATOM   1441 C  C   . ARG B 1 76  ? 5.369   7.371   23.157  1.00 44.98 ? 76  ARG B C   1 
ATOM   1442 O  O   . ARG B 1 76  ? 4.250   7.756   22.809  1.00 44.97 ? 76  ARG B O   1 
ATOM   1443 C  CB  . ARG B 1 76  ? 6.234   9.533   24.120  1.00 55.14 ? 76  ARG B CB  1 
ATOM   1444 C  CG  . ARG B 1 76  ? 6.470   10.354  25.394  1.00 57.24 ? 76  ARG B CG  1 
ATOM   1445 C  CD  . ARG B 1 76  ? 6.721   11.838  25.092  1.00 59.55 ? 76  ARG B CD  1 
ATOM   1446 N  NE  . ARG B 1 76  ? 5.566   12.508  24.486  1.00 60.93 ? 76  ARG B NE  1 
ATOM   1447 C  CZ  . ARG B 1 76  ? 5.585   13.749  23.995  1.00 62.08 ? 76  ARG B CZ  1 
ATOM   1448 N  NH1 . ARG B 1 76  ? 6.698   14.473  24.023  1.00 62.37 ? 76  ARG B NH1 1 
ATOM   1449 N  NH2 . ARG B 1 76  ? 4.485   14.279  23.476  1.00 62.64 ? 76  ARG B NH2 1 
ATOM   1450 N  N   . CYS B 1 77  ? 6.001   6.395   22.514  1.00 52.02 ? 77  CYS B N   1 
ATOM   1451 C  CA  . CYS B 1 77  ? 5.347   5.727   21.389  1.00 51.35 ? 77  CYS B CA  1 
ATOM   1452 C  C   . CYS B 1 77  ? 4.225   4.799   21.890  1.00 50.62 ? 77  CYS B C   1 
ATOM   1453 O  O   . CYS B 1 77  ? 4.322   4.199   22.969  1.00 51.10 ? 77  CYS B O   1 
ATOM   1454 C  CB  . CYS B 1 77  ? 6.356   4.894   20.575  1.00 38.63 ? 77  CYS B CB  1 
ATOM   1455 S  SG  . CYS B 1 77  ? 7.320   5.820   19.372  1.00 37.61 ? 77  CYS B SG  1 
ATOM   1456 N  N   . PRO B 1 78  ? 3.135   4.680   21.114  1.00 40.24 ? 78  PRO B N   1 
ATOM   1457 C  CA  . PRO B 1 78  ? 2.026   3.801   21.526  1.00 38.31 ? 78  PRO B CA  1 
ATOM   1458 C  C   . PRO B 1 78  ? 2.499   2.371   21.715  1.00 37.44 ? 78  PRO B C   1 
ATOM   1459 O  O   . PRO B 1 78  ? 1.888   1.610   22.457  1.00 37.99 ? 78  PRO B O   1 
ATOM   1460 C  CB  . PRO B 1 78  ? 1.035   3.907   20.362  1.00 29.71 ? 78  PRO B CB  1 
ATOM   1461 C  CG  . PRO B 1 78  ? 1.280   5.336   19.857  1.00 30.75 ? 78  PRO B CG  1 
ATOM   1462 C  CD  . PRO B 1 78  ? 2.789   5.460   19.901  1.00 31.02 ? 78  PRO B CD  1 
ATOM   1463 N  N   . SER B 1 79  ? 3.587   2.012   21.036  1.00 34.03 ? 79  SER B N   1 
ATOM   1464 C  CA  . SER B 1 79  ? 4.149   0.661   21.096  1.00 33.85 ? 79  SER B CA  1 
ATOM   1465 C  C   . SER B 1 79  ? 5.084   0.489   22.273  1.00 34.71 ? 79  SER B C   1 
ATOM   1466 O  O   . SER B 1 79  ? 5.439   -0.650  22.630  1.00 35.18 ? 79  SER B O   1 
ATOM   1467 C  CB  . SER B 1 79  ? 4.986   0.390   19.870  1.00 44.51 ? 79  SER B CB  1 
ATOM   1468 O  OG  . SER B 1 79  ? 6.220   1.073   20.014  1.00 42.80 ? 79  SER B OG  1 
ATOM   1469 N  N   . GLY B 1 80  ? 5.506   1.613   22.849  1.00 42.25 ? 80  GLY B N   1 
ATOM   1470 C  CA  . GLY B 1 80  ? 6.436   1.568   23.956  1.00 42.45 ? 80  GLY B CA  1 
ATOM   1471 C  C   . GLY B 1 80  ? 7.865   1.790   23.474  1.00 42.53 ? 80  GLY B C   1 
ATOM   1472 O  O   . GLY B 1 80  ? 8.147   1.738   22.270  1.00 42.87 ? 80  GLY B O   1 
ATOM   1473 N  N   . PRO B 1 81  ? 8.808   2.006   24.394  1.00 41.37 ? 81  PRO B N   1 
ATOM   1474 C  CA  . PRO B 1 81  ? 10.195  2.234   24.009  1.00 40.33 ? 81  PRO B CA  1 
ATOM   1475 C  C   . PRO B 1 81  ? 10.829  0.895   23.657  1.00 40.13 ? 81  PRO B C   1 
ATOM   1476 O  O   . PRO B 1 81  ? 10.364  -0.151  24.120  1.00 40.52 ? 81  PRO B O   1 
ATOM   1477 C  CB  . PRO B 1 81  ? 10.810  2.832   25.271  1.00 28.28 ? 81  PRO B CB  1 
ATOM   1478 C  CG  . PRO B 1 81  ? 9.767   2.612   26.367  1.00 29.00 ? 81  PRO B CG  1 
ATOM   1479 C  CD  . PRO B 1 81  ? 8.752   1.667   25.816  1.00 29.20 ? 81  PRO B CD  1 
ATOM   1480 N  N   . GLY B 1 82  ? 11.884  0.929   22.844  1.00 30.99 ? 82  GLY B N   1 
ATOM   1481 C  CA  . GLY B 1 82  ? 12.549  -0.300  22.462  1.00 30.11 ? 82  GLY B CA  1 
ATOM   1482 C  C   . GLY B 1 82  ? 13.039  -0.279  21.029  1.00 29.74 ? 82  GLY B C   1 
ATOM   1483 O  O   . GLY B 1 82  ? 12.768  0.680   20.286  1.00 30.41 ? 82  GLY B O   1 
ATOM   1484 N  N   . THR B 1 83  ? 13.761  -1.335  20.637  1.00 37.74 ? 83  THR B N   1 
ATOM   1485 C  CA  . THR B 1 83  ? 14.286  -1.444  19.271  1.00 35.87 ? 83  THR B CA  1 
ATOM   1486 C  C   . THR B 1 83  ? 13.342  -2.224  18.370  1.00 34.59 ? 83  THR B C   1 
ATOM   1487 O  O   . THR B 1 83  ? 12.773  -3.242  18.766  1.00 35.68 ? 83  THR B O   1 
ATOM   1488 C  CB  . THR B 1 83  ? 15.687  -2.168  19.227  1.00 30.85 ? 83  THR B CB  1 
ATOM   1489 O  OG1 . THR B 1 83  ? 16.633  -1.429  20.005  1.00 31.37 ? 83  THR B OG1 1 
ATOM   1490 C  CG2 . THR B 1 83  ? 16.222  -2.278  17.780  1.00 26.66 ? 83  THR B CG2 1 
ATOM   1491 N  N   . PHE B 1 84  ? 13.155  -1.711  17.160  1.00 25.45 ? 84  PHE B N   1 
ATOM   1492 C  CA  . PHE B 1 84  ? 12.352  -2.382  16.149  1.00 22.75 ? 84  PHE B CA  1 
ATOM   1493 C  C   . PHE B 1 84  ? 13.294  -2.576  14.970  1.00 22.84 ? 84  PHE B C   1 
ATOM   1494 O  O   . PHE B 1 84  ? 13.938  -1.631  14.469  1.00 22.10 ? 84  PHE B O   1 
ATOM   1495 C  CB  . PHE B 1 84  ? 11.147  -1.550  15.763  1.00 19.61 ? 84  PHE B CB  1 
ATOM   1496 C  CG  . PHE B 1 84  ? 10.102  -1.507  16.842  1.00 20.35 ? 84  PHE B CG  1 
ATOM   1497 C  CD1 . PHE B 1 84  ? 10.094  -0.479  17.793  1.00 20.30 ? 84  PHE B CD1 1 
ATOM   1498 C  CD2 . PHE B 1 84  ? 9.140   -2.510  16.928  1.00 19.36 ? 84  PHE B CD2 1 
ATOM   1499 C  CE1 . PHE B 1 84  ? 9.142   -0.444  18.811  1.00 20.67 ? 84  PHE B CE1 1 
ATOM   1500 C  CE2 . PHE B 1 84  ? 8.181   -2.495  17.941  1.00 19.72 ? 84  PHE B CE2 1 
ATOM   1501 C  CZ  . PHE B 1 84  ? 8.179   -1.458  18.888  1.00 20.36 ? 84  PHE B CZ  1 
ATOM   1502 N  N   . THR B 1 85  ? 13.441  -3.825  14.569  1.00 23.19 ? 85  THR B N   1 
ATOM   1503 C  CA  . THR B 1 85  ? 14.310  -4.099  13.454  1.00 24.15 ? 85  THR B CA  1 
ATOM   1504 C  C   . THR B 1 85  ? 13.518  -4.929  12.480  1.00 24.32 ? 85  THR B C   1 
ATOM   1505 O  O   . THR B 1 85  ? 12.724  -5.786  12.881  1.00 24.41 ? 85  THR B O   1 
ATOM   1506 C  CB  . THR B 1 85  ? 15.598  -4.856  13.900  1.00 21.86 ? 85  THR B CB  1 
ATOM   1507 O  OG1 . THR B 1 85  ? 16.322  -4.047  14.841  1.00 20.24 ? 85  THR B OG1 1 
ATOM   1508 C  CG2 . THR B 1 85  ? 16.496  -5.141  12.696  1.00 17.85 ? 85  THR B CG2 1 
ATOM   1509 N  N   . PHE B 1 86  ? 13.711  -4.635  11.206  1.00 25.35 ? 86  PHE B N   1 
ATOM   1510 C  CA  . PHE B 1 86  ? 13.023  -5.350  10.169  1.00 26.27 ? 86  PHE B CA  1 
ATOM   1511 C  C   . PHE B 1 86  ? 14.046  -5.719  9.123   1.00 27.25 ? 86  PHE B C   1 
ATOM   1512 O  O   . PHE B 1 86  ? 14.840  -4.888  8.664   1.00 27.56 ? 86  PHE B O   1 
ATOM   1513 C  CB  . PHE B 1 86  ? 11.916  -4.480  9.564   1.00 22.89 ? 86  PHE B CB  1 
ATOM   1514 C  CG  . PHE B 1 86  ? 10.879  -4.042  10.557  1.00 22.31 ? 86  PHE B CG  1 
ATOM   1515 C  CD1 . PHE B 1 86  ? 11.015  -2.840  11.241  1.00 21.45 ? 86  PHE B CD1 1 
ATOM   1516 C  CD2 . PHE B 1 86  ? 9.766   -4.841  10.810  1.00 22.99 ? 86  PHE B CD2 1 
ATOM   1517 C  CE1 . PHE B 1 86  ? 10.039  -2.415  12.187  1.00 22.72 ? 86  PHE B CE1 1 
ATOM   1518 C  CE2 . PHE B 1 86  ? 8.777   -4.449  11.744  1.00 24.99 ? 86  PHE B CE2 1 
ATOM   1519 C  CZ  . PHE B 1 86  ? 8.913   -3.219  12.445  1.00 22.54 ? 86  PHE B CZ  1 
ATOM   1520 N  N   . GLN B 1 87  ? 14.059  -6.994  8.781   1.00 22.28 ? 87  GLN B N   1 
ATOM   1521 C  CA  . GLN B 1 87  ? 14.970  -7.478  7.772   1.00 22.79 ? 87  GLN B CA  1 
ATOM   1522 C  C   . GLN B 1 87  ? 14.335  -7.009  6.462   1.00 21.74 ? 87  GLN B C   1 
ATOM   1523 O  O   . GLN B 1 87  ? 13.144  -7.204  6.240   1.00 20.66 ? 87  GLN B O   1 
ATOM   1524 C  CB  . GLN B 1 87  ? 15.018  -8.993  7.853   1.00 47.89 ? 87  GLN B CB  1 
ATOM   1525 C  CG  . GLN B 1 87  ? 16.168  -9.603  7.124   1.00 54.16 ? 87  GLN B CG  1 
ATOM   1526 C  CD  . GLN B 1 87  ? 16.251  -11.100 7.354   1.00 56.50 ? 87  GLN B CD  1 
ATOM   1527 O  OE1 . GLN B 1 87  ? 17.254  -11.737 7.015   1.00 59.17 ? 87  GLN B OE1 1 
ATOM   1528 N  NE2 . GLN B 1 87  ? 15.193  -11.675 7.928   1.00 56.79 ? 87  GLN B NE2 1 
ATOM   1529 N  N   . THR B 1 88  ? 15.115  -6.373  5.604   1.00 26.53 ? 88  THR B N   1 
ATOM   1530 C  CA  . THR B 1 88  ? 14.611  -5.870  4.325   1.00 25.22 ? 88  THR B CA  1 
ATOM   1531 C  C   . THR B 1 88  ? 15.852  -5.508  3.521   1.00 24.78 ? 88  THR B C   1 
ATOM   1532 O  O   . THR B 1 88  ? 16.879  -5.169  4.106   1.00 25.16 ? 88  THR B O   1 
ATOM   1533 C  CB  . THR B 1 88  ? 13.748  -4.587  4.516   1.00 27.26 ? 88  THR B CB  1 
ATOM   1534 O  OG1 . THR B 1 88  ? 13.420  -4.052  3.230   1.00 29.65 ? 88  THR B OG1 1 
ATOM   1535 C  CG2 . THR B 1 88  ? 14.512  -3.510  5.295   1.00 25.99 ? 88  THR B CG2 1 
ATOM   1536 N  N   . SER B 1 89  ? 15.781  -5.569  2.195   1.00 25.06 ? 89  SER B N   1 
ATOM   1537 C  CA  . SER B 1 89  ? 16.950  -5.229  1.386   1.00 25.19 ? 89  SER B CA  1 
ATOM   1538 C  C   . SER B 1 89  ? 16.722  -3.843  0.821   1.00 25.88 ? 89  SER B C   1 
ATOM   1539 O  O   . SER B 1 89  ? 17.327  -3.455  -0.185  1.00 26.54 ? 89  SER B O   1 
ATOM   1540 C  CB  . SER B 1 89  ? 17.121  -6.214  0.248   1.00 20.16 ? 89  SER B CB  1 
ATOM   1541 O  OG  . SER B 1 89  ? 15.942  -6.187  -0.525  1.00 22.42 ? 89  SER B OG  1 
ATOM   1542 N  N   . GLN B 1 90  ? 15.841  -3.089  1.473   1.00 24.10 ? 90  GLN B N   1 
ATOM   1543 C  CA  . GLN B 1 90  ? 15.545  -1.742  1.034   1.00 23.45 ? 90  GLN B CA  1 
ATOM   1544 C  C   . GLN B 1 90  ? 15.774  -0.775  2.164   1.00 23.67 ? 90  GLN B C   1 
ATOM   1545 O  O   . GLN B 1 90  ? 15.303  0.368   2.112   1.00 24.28 ? 90  GLN B O   1 
ATOM   1546 C  CB  . GLN B 1 90  ? 14.105  -1.664  0.567   1.00 28.91 ? 90  GLN B CB  1 
ATOM   1547 C  CG  . GLN B 1 90  ? 13.845  -2.463  -0.696  1.00 29.63 ? 90  GLN B CG  1 
ATOM   1548 C  CD  . GLN B 1 90  ? 12.387  -2.463  -1.053  1.00 32.79 ? 90  GLN B CD  1 
ATOM   1549 O  OE1 . GLN B 1 90  ? 11.998  -2.027  -2.139  1.00 34.12 ? 90  GLN B OE1 1 
ATOM   1550 N  NE2 . GLN B 1 90  ? 11.549  -2.945  -0.125  1.00 36.58 ? 90  GLN B NE2 1 
ATOM   1551 N  N   . GLY B 1 91  ? 16.491  -1.235  3.191   1.00 23.86 ? 91  GLY B N   1 
ATOM   1552 C  CA  . GLY B 1 91  ? 16.773  -0.392  4.338   1.00 22.13 ? 91  GLY B CA  1 
ATOM   1553 C  C   . GLY B 1 91  ? 17.151  0.987   3.857   1.00 22.34 ? 91  GLY B C   1 
ATOM   1554 O  O   . GLY B 1 91  ? 16.675  1.998   4.368   1.00 22.26 ? 91  GLY B O   1 
ATOM   1555 N  N   . ASN B 1 92  ? 17.990  1.048   2.834   1.00 26.39 ? 92  ASN B N   1 
ATOM   1556 C  CA  . ASN B 1 92  ? 18.387  2.344   2.347   1.00 27.65 ? 92  ASN B CA  1 
ATOM   1557 C  C   . ASN B 1 92  ? 17.280  3.242   1.791   1.00 29.48 ? 92  ASN B C   1 
ATOM   1558 O  O   . ASN B 1 92  ? 17.163  4.419   2.196   1.00 30.64 ? 92  ASN B O   1 
ATOM   1559 C  CB  . ASN B 1 92  ? 19.483  2.192   1.349   1.00 30.34 ? 92  ASN B CB  1 
ATOM   1560 C  CG  . ASN B 1 92  ? 20.625  3.031   1.711   1.00 35.55 ? 92  ASN B CG  1 
ATOM   1561 O  OD1 . ASN B 1 92  ? 20.733  4.178   1.274   1.00 38.68 ? 92  ASN B OD1 1 
ATOM   1562 N  ND2 . ASN B 1 92  ? 21.480  2.507   2.579   1.00 37.65 ? 92  ASN B ND2 1 
ATOM   1563 N  N   . ASP B 1 93  ? 16.478  2.719   0.863   1.00 26.51 ? 93  ASP B N   1 
ATOM   1564 C  CA  . ASP B 1 93  ? 15.381  3.489   0.309   1.00 25.03 ? 93  ASP B CA  1 
ATOM   1565 C  C   . ASP B 1 93  ? 14.492  3.925   1.449   1.00 25.19 ? 93  ASP B C   1 
ATOM   1566 O  O   . ASP B 1 93  ? 14.017  5.064   1.453   1.00 25.43 ? 93  ASP B O   1 
ATOM   1567 C  CB  . ASP B 1 93  ? 14.576  2.647   -0.663  1.00 32.77 ? 93  ASP B CB  1 
ATOM   1568 C  CG  . ASP B 1 93  ? 15.418  2.140   -1.812  1.00 33.73 ? 93  ASP B CG  1 
ATOM   1569 O  OD1 . ASP B 1 93  ? 16.552  2.652   -1.943  1.00 36.44 ? 93  ASP B OD1 1 
ATOM   1570 O  OD2 . ASP B 1 93  ? 14.951  1.249   -2.567  1.00 33.18 ? 93  ASP B OD2 1 
ATOM   1571 N  N   . ILE B 1 94  ? 14.251  3.044   2.427   1.00 28.13 ? 94  ILE B N   1 
ATOM   1572 C  CA  . ILE B 1 94  ? 13.405  3.475   3.546   1.00 26.80 ? 94  ILE B CA  1 
ATOM   1573 C  C   . ILE B 1 94  ? 14.050  4.656   4.267   1.00 26.80 ? 94  ILE B C   1 
ATOM   1574 O  O   . ILE B 1 94  ? 13.430  5.721   4.439   1.00 26.61 ? 94  ILE B O   1 
ATOM   1575 C  CB  . ILE B 1 94  ? 13.134  2.359   4.589   1.00 18.69 ? 94  ILE B CB  1 
ATOM   1576 C  CG1 . ILE B 1 94  ? 12.297  1.238   3.966   1.00 17.73 ? 94  ILE B CG1 1 
ATOM   1577 C  CG2 . ILE B 1 94  ? 12.347  2.929   5.755   1.00 14.95 ? 94  ILE B CG2 1 
ATOM   1578 C  CD1 . ILE B 1 94  ? 12.318  -0.071  4.762   1.00 15.19 ? 94  ILE B CD1 1 
ATOM   1579 N  N   . PHE B 1 95  ? 15.295  4.450   4.688   1.00 21.82 ? 95  PHE B N   1 
ATOM   1580 C  CA  . PHE B 1 95  ? 16.078  5.458   5.397   1.00 22.75 ? 95  PHE B CA  1 
ATOM   1581 C  C   . PHE B 1 95  ? 16.016  6.779   4.620   1.00 23.43 ? 95  PHE B C   1 
ATOM   1582 O  O   . PHE B 1 95  ? 15.714  7.833   5.186   1.00 23.06 ? 95  PHE B O   1 
ATOM   1583 C  CB  . PHE B 1 95  ? 17.522  4.982   5.502   1.00 31.75 ? 95  PHE B CB  1 
ATOM   1584 C  CG  . PHE B 1 95  ? 18.418  5.934   6.215   1.00 32.50 ? 95  PHE B CG  1 
ATOM   1585 C  CD1 . PHE B 1 95  ? 18.537  5.890   7.594   1.00 33.40 ? 95  PHE B CD1 1 
ATOM   1586 C  CD2 . PHE B 1 95  ? 19.132  6.898   5.506   1.00 32.06 ? 95  PHE B CD2 1 
ATOM   1587 C  CE1 . PHE B 1 95  ? 19.366  6.802   8.269   1.00 34.90 ? 95  PHE B CE1 1 
ATOM   1588 C  CE2 . PHE B 1 95  ? 19.953  7.809   6.157   1.00 32.36 ? 95  PHE B CE2 1 
ATOM   1589 C  CZ  . PHE B 1 95  ? 20.075  7.766   7.543   1.00 33.06 ? 95  PHE B CZ  1 
ATOM   1590 N  N   . GLN B 1 96  ? 16.301  6.721   3.325   1.00 22.64 ? 96  GLN B N   1 
ATOM   1591 C  CA  . GLN B 1 96  ? 16.249  7.925   2.523   1.00 26.05 ? 96  GLN B CA  1 
ATOM   1592 C  C   . GLN B 1 96  ? 14.894  8.566   2.726   1.00 25.59 ? 96  GLN B C   1 
ATOM   1593 O  O   . GLN B 1 96  ? 14.796  9.737   3.080   1.00 26.01 ? 96  GLN B O   1 
ATOM   1594 C  CB  . GLN B 1 96  ? 16.457  7.589   1.052   1.00 59.99 ? 96  GLN B CB  1 
ATOM   1595 C  CG  . GLN B 1 96  ? 17.891  7.240   0.693   1.00 66.12 ? 96  GLN B CG  1 
ATOM   1596 C  CD  . GLN B 1 96  ? 17.982  6.569   -0.668  1.00 69.93 ? 96  GLN B CD  1 
ATOM   1597 O  OE1 . GLN B 1 96  ? 17.422  7.062   -1.657  1.00 71.26 ? 96  GLN B OE1 1 
ATOM   1598 N  NE2 . GLN B 1 96  ? 18.687  5.435   -0.728  1.00 70.21 ? 96  GLN B NE2 1 
ATOM   1599 N  N   . ALA B 1 97  ? 13.840  7.793   2.494   1.00 24.28 ? 97  ALA B N   1 
ATOM   1600 C  CA  . ALA B 1 97  ? 12.479  8.275   2.689   1.00 22.78 ? 97  ALA B CA  1 
ATOM   1601 C  C   . ALA B 1 97  ? 12.253  8.956   4.053   1.00 23.21 ? 97  ALA B C   1 
ATOM   1602 O  O   . ALA B 1 97  ? 11.577  9.984   4.140   1.00 23.48 ? 97  ALA B O   1 
ATOM   1603 C  CB  . ALA B 1 97  ? 11.503  7.105   2.544   1.00 17.41 ? 97  ALA B CB  1 
ATOM   1604 N  N   . VAL B 1 98  ? 12.777  8.379   5.129   1.00 26.17 ? 98  VAL B N   1 
ATOM   1605 C  CA  . VAL B 1 98  ? 12.546  8.986   6.426   1.00 28.07 ? 98  VAL B CA  1 
ATOM   1606 C  C   . VAL B 1 98  ? 13.233  10.353  6.482   1.00 30.95 ? 98  VAL B C   1 
ATOM   1607 O  O   . VAL B 1 98  ? 12.644  11.325  6.974   1.00 30.38 ? 98  VAL B O   1 
ATOM   1608 C  CB  . VAL B 1 98  ? 13.009  8.045   7.587   1.00 22.22 ? 98  VAL B CB  1 
ATOM   1609 C  CG1 . VAL B 1 98  ? 12.963  8.795   8.945   1.00 20.79 ? 98  VAL B CG1 1 
ATOM   1610 C  CG2 . VAL B 1 98  ? 12.072  6.815   7.659   1.00 19.37 ? 98  VAL B CG2 1 
ATOM   1611 N  N   . GLU B 1 99  ? 14.464  10.419  5.964   1.00 45.02 ? 99  GLU B N   1 
ATOM   1612 C  CA  . GLU B 1 99  ? 15.232  11.664  5.886   1.00 45.68 ? 99  GLU B CA  1 
ATOM   1613 C  C   . GLU B 1 99  ? 14.324  12.747  5.332   1.00 45.27 ? 99  GLU B C   1 
ATOM   1614 O  O   . GLU B 1 99  ? 13.975  13.688  6.021   1.00 46.64 ? 99  GLU B O   1 
ATOM   1615 C  CB  . GLU B 1 99  ? 16.373  11.530  4.900   1.00 54.83 ? 99  GLU B CB  1 
ATOM   1616 C  CG  . GLU B 1 99  ? 17.290  10.395  5.141   1.00 59.08 ? 99  GLU B CG  1 
ATOM   1617 C  CD  . GLU B 1 99  ? 18.220  10.688  6.265   1.00 61.91 ? 99  GLU B CD  1 
ATOM   1618 O  OE1 . GLU B 1 99  ? 17.754  10.680  7.422   1.00 63.73 ? 99  GLU B OE1 1 
ATOM   1619 O  OE2 . GLU B 1 99  ? 19.407  10.941  5.985   1.00 63.91 ? 99  GLU B OE2 1 
ATOM   1620 N  N   . ALA B 1 100 ? 13.980  12.614  4.055   1.00 33.30 ? 100 ALA B N   1 
ATOM   1621 C  CA  . ALA B 1 100 ? 13.089  13.561  3.378   1.00 32.88 ? 100 ALA B CA  1 
ATOM   1622 C  C   . ALA B 1 100 ? 11.851  13.889  4.233   1.00 32.77 ? 100 ALA B C   1 
ATOM   1623 O  O   . ALA B 1 100 ? 11.510  15.059  4.435   1.00 33.39 ? 100 ALA B O   1 
ATOM   1624 C  CB  . ALA B 1 100 ? 12.646  12.981  2.035   1.00 23.56 ? 100 ALA B CB  1 
ATOM   1625 N  N   . ALA B 1 101 ? 11.178  12.854  4.737   1.00 27.42 ? 101 ALA B N   1 
ATOM   1626 C  CA  . ALA B 1 101 ? 9.987   13.049  5.559   1.00 26.38 ? 101 ALA B CA  1 
ATOM   1627 C  C   . ALA B 1 101 ? 10.332  14.077  6.604   1.00 26.48 ? 101 ALA B C   1 
ATOM   1628 O  O   . ALA B 1 101 ? 9.740   15.165  6.640   1.00 26.87 ? 101 ALA B O   1 
ATOM   1629 C  CB  . ALA B 1 101 ? 9.566   11.722  6.220   1.00 35.38 ? 101 ALA B CB  1 
ATOM   1630 N  N   . ILE B 1 102 ? 11.332  13.741  7.415   1.00 30.47 ? 102 ILE B N   1 
ATOM   1631 C  CA  . ILE B 1 102 ? 11.833  14.589  8.515   1.00 30.82 ? 102 ILE B CA  1 
ATOM   1632 C  C   . ILE B 1 102 ? 12.458  15.944  8.080   1.00 31.73 ? 102 ILE B C   1 
ATOM   1633 O  O   . ILE B 1 102 ? 12.322  16.960  8.749   1.00 31.76 ? 102 ILE B O   1 
ATOM   1634 C  CB  . ILE B 1 102 ? 12.829  13.755  9.378   1.00 25.31 ? 102 ILE B CB  1 
ATOM   1635 C  CG1 . ILE B 1 102 ? 12.077  12.546  9.961   1.00 24.50 ? 102 ILE B CG1 1 
ATOM   1636 C  CG2 . ILE B 1 102 ? 13.466  14.628  10.454  1.00 25.72 ? 102 ILE B CG2 1 
ATOM   1637 C  CD1 . ILE B 1 102 ? 12.797  11.778  11.043  1.00 24.48 ? 102 ILE B CD1 1 
ATOM   1638 N  N   . GLN B 1 103 ? 13.125  15.947  6.941   1.00 24.10 ? 103 GLN B N   1 
ATOM   1639 C  CA  . GLN B 1 103 ? 13.738  17.151  6.381   1.00 26.69 ? 103 GLN B CA  1 
ATOM   1640 C  C   . GLN B 1 103 ? 12.642  18.186  6.117   1.00 28.49 ? 103 GLN B C   1 
ATOM   1641 O  O   . GLN B 1 103 ? 12.787  19.372  6.450   1.00 27.36 ? 103 GLN B O   1 
ATOM   1642 C  CB  . GLN B 1 103 ? 14.428  16.780  5.058   1.00 63.71 ? 103 GLN B CB  1 
ATOM   1643 C  CG  . GLN B 1 103 ? 15.790  17.395  4.821   1.00 65.94 ? 103 GLN B CG  1 
ATOM   1644 C  CD  . GLN B 1 103 ? 16.666  16.538  3.898   1.00 69.34 ? 103 GLN B CD  1 
ATOM   1645 O  OE1 . GLN B 1 103 ? 16.232  16.107  2.819   1.00 70.03 ? 103 GLN B OE1 1 
ATOM   1646 N  NE2 . GLN B 1 103 ? 17.907  16.294  4.318   1.00 68.24 ? 103 GLN B NE2 1 
ATOM   1647 N  N   . GLN B 1 104 ? 11.543  17.725  5.513   1.00 54.22 ? 104 GLN B N   1 
ATOM   1648 C  CA  . GLN B 1 104 ? 10.425  18.593  5.172   1.00 56.37 ? 104 GLN B CA  1 
ATOM   1649 C  C   . GLN B 1 104 ? 9.680   19.050  6.417   1.00 57.40 ? 104 GLN B C   1 
ATOM   1650 O  O   . GLN B 1 104 ? 9.174   20.165  6.475   1.00 58.14 ? 104 GLN B O   1 
ATOM   1651 C  CB  . GLN B 1 104 ? 9.472   17.867  4.233   1.00 71.78 ? 104 GLN B CB  1 
ATOM   1652 C  CG  . GLN B 1 104 ? 8.720   18.811  3.318   1.00 77.01 ? 104 GLN B CG  1 
ATOM   1653 C  CD  . GLN B 1 104 ? 9.639   19.557  2.346   1.00 79.46 ? 104 GLN B CD  1 
ATOM   1654 O  OE1 . GLN B 1 104 ? 10.109  18.990  1.349   1.00 80.13 ? 104 GLN B OE1 1 
ATOM   1655 N  NE2 . GLN B 1 104 ? 9.903   20.833  2.638   1.00 80.18 ? 104 GLN B NE2 1 
ATOM   1656 N  N   . GLN B 1 105 ? 9.621   18.183  7.418   1.00 52.10 ? 105 GLN B N   1 
ATOM   1657 C  CA  . GLN B 1 105 ? 8.947   18.510  8.657   1.00 52.60 ? 105 GLN B CA  1 
ATOM   1658 C  C   . GLN B 1 105 ? 9.586   19.753  9.261   1.00 53.77 ? 105 GLN B C   1 
ATOM   1659 O  O   . GLN B 1 105 ? 9.060   20.844  9.112   1.00 54.71 ? 105 GLN B O   1 
ATOM   1660 C  CB  . GLN B 1 105 ? 9.037   17.336  9.625   1.00 50.60 ? 105 GLN B CB  1 
ATOM   1661 C  CG  . GLN B 1 105 ? 7.687   16.747  9.977   1.00 52.93 ? 105 GLN B CG  1 
ATOM   1662 C  CD  . GLN B 1 105 ? 7.814   15.460  10.772  1.00 54.03 ? 105 GLN B CD  1 
ATOM   1663 O  OE1 . GLN B 1 105 ? 8.352   14.468  10.273  1.00 55.04 ? 105 GLN B OE1 1 
ATOM   1664 N  NE2 . GLN B 1 105 ? 7.317   15.463  12.008  1.00 53.69 ? 105 GLN B NE2 1 
ATOM   1665 N  N   . LYS B 1 106 ? 10.728  19.607  9.922   1.00 59.06 ? 106 LYS B N   1 
ATOM   1666 C  CA  . LYS B 1 106 ? 11.385  20.766  10.515  1.00 59.90 ? 106 LYS B CA  1 
ATOM   1667 C  C   . LYS B 1 106 ? 11.687  21.896  9.507   1.00 61.31 ? 106 LYS B C   1 
ATOM   1668 O  O   . LYS B 1 106 ? 12.040  23.019  9.910   1.00 60.87 ? 106 LYS B O   1 
ATOM   1669 C  CB  . LYS B 1 106 ? 12.659  20.323  11.252  1.00 48.27 ? 106 LYS B CB  1 
ATOM   1670 C  CG  . LYS B 1 106 ? 13.609  19.452  10.442  1.00 46.18 ? 106 LYS B CG  1 
ATOM   1671 C  CD  . LYS B 1 106 ? 14.698  18.815  11.337  1.00 44.73 ? 106 LYS B CD  1 
ATOM   1672 C  CE  . LYS B 1 106 ? 15.474  17.723  10.592  1.00 43.96 ? 106 LYS B CE  1 
ATOM   1673 N  NZ  . LYS B 1 106 ? 16.471  17.027  11.433  1.00 40.33 ? 106 LYS B NZ  1 
ATOM   1674 N  N   . ALA B 1 107 ? 11.556  21.612  8.206   1.00 60.56 ? 107 ALA B N   1 
ATOM   1675 C  CA  . ALA B 1 107 ? 11.757  22.645  7.181   1.00 62.17 ? 107 ALA B CA  1 
ATOM   1676 C  C   . ALA B 1 107 ? 10.553  23.569  7.350   1.00 63.84 ? 107 ALA B C   1 
ATOM   1677 O  O   . ALA B 1 107 ? 9.908   23.971  6.372   1.00 64.26 ? 107 ALA B O   1 
ATOM   1678 C  CB  . ALA B 1 107 ? 11.755  22.035  5.770   1.00 49.11 ? 107 ALA B CB  1 
ATOM   1679 N  N   . GLN B 1 108 ? 10.260  23.858  8.622   1.00 72.26 ? 108 GLN B N   1 
ATOM   1680 C  CA  . GLN B 1 108 ? 9.161   24.705  9.098   1.00 73.04 ? 108 GLN B CA  1 
ATOM   1681 C  C   . GLN B 1 108 ? 9.018   24.410  10.607  1.00 73.87 ? 108 GLN B C   1 
ATOM   1682 O  O   . GLN B 1 108 ? 10.002  23.912  11.200  1.00 73.97 ? 108 GLN B O   1 
ATOM   1683 C  CB  . GLN B 1 108 ? 7.851   24.378  8.371   1.00 70.05 ? 108 GLN B CB  1 
ATOM   1684 C  CG  . GLN B 1 108 ? 7.310   23.017  8.705   1.00 70.16 ? 108 GLN B CG  1 
ATOM   1685 C  CD  . GLN B 1 108 ? 6.476   22.433  7.595   1.00 70.90 ? 108 GLN B CD  1 
ATOM   1686 O  OE1 . GLN B 1 108 ? 6.843   22.507  6.416   1.00 71.88 ? 108 GLN B OE1 1 
ATOM   1687 N  NE2 . GLN B 1 108 ? 5.354   21.826  7.960   1.00 70.54 ? 108 GLN B NE2 1 
HETATM 1688 O  O   . HOH C 2 .   ? -16.805 -1.982  -16.281 1.00 15.04 ? 128 HOH A O   1 
HETATM 1689 O  O   . HOH C 2 .   ? -3.487  -0.306  -23.260 1.00 8.86  ? 129 HOH A O   1 
HETATM 1690 O  O   . HOH C 2 .   ? -15.834 -15.633 -6.666  1.00 16.67 ? 130 HOH A O   1 
HETATM 1691 O  O   . HOH C 2 .   ? 3.148   8.168   -2.187  1.00 33.13 ? 131 HOH A O   1 
HETATM 1692 O  O   . HOH C 2 .   ? -4.105  5.141   -17.938 1.00 30.05 ? 132 HOH A O   1 
HETATM 1693 O  O   . HOH C 2 .   ? -25.902 -11.172 -13.938 1.00 42.75 ? 133 HOH A O   1 
HETATM 1694 O  O   . HOH C 2 .   ? -17.406 -11.759 -16.562 1.00 30.64 ? 134 HOH A O   1 
HETATM 1695 O  O   . HOH C 2 .   ? -15.904 9.951   -13.257 1.00 23.50 ? 135 HOH A O   1 
HETATM 1696 O  O   . HOH C 2 .   ? -25.577 -6.217  -10.537 1.00 20.27 ? 136 HOH A O   1 
HETATM 1697 O  O   . HOH C 2 .   ? -8.955  6.754   -21.593 1.00 22.83 ? 137 HOH A O   1 
HETATM 1698 O  O   . HOH C 2 .   ? 3.384   -5.962  -3.113  1.00 22.01 ? 138 HOH A O   1 
HETATM 1699 O  O   . HOH D 2 .   ? 18.487  -3.168  3.248   1.00 25.42 ? 128 HOH B O   1 
HETATM 1700 O  O   . HOH D 2 .   ? 10.091  -5.839  14.372  1.00 23.22 ? 129 HOH B O   1 
HETATM 1701 O  O   . HOH D 2 .   ? 2.341   11.583  9.091   1.00 34.20 ? 130 HOH B O   1 
HETATM 1702 O  O   . HOH D 2 .   ? 12.095  -5.727  16.026  1.00 13.20 ? 131 HOH B O   1 
HETATM 1703 O  O   . HOH D 2 .   ? 9.109   -9.897  17.114  1.00 31.57 ? 132 HOH B O   1 
# 
